data_8YZQ
#
_entry.id   8YZQ
#
_cell.length_a   78.519
_cell.length_b   82.154
_cell.length_c   114.589
_cell.angle_alpha   90.023
_cell.angle_beta   90.027
_cell.angle_gamma   90.012
#
_symmetry.space_group_name_H-M   'P 1'
#
loop_
_entity.id
_entity.type
_entity.pdbx_description
1 polymer Galectin
2 water water
#
_entity_poly.entity_id   1
_entity_poly.type   'polypeptide(L)'
_entity_poly.pdbx_seq_one_letter_code
;MATETNYPVPYRSKLTEPFEPGQTLIIKGKTAEDSVRFTINLHNTSADFSGNDVPLHISVRFDEGKIVFNTFSKGEFGKE
ERKSNPYKKGDDIDIRIRAHDSKFSISVDQKEVKEYEHRVPLSSVTHFSVDGDILITYIHWGGKYYPVPYESGLAGDGLA
PGKSLLIFATPEKKGKRFHINLLKKNGDIALHFNPRFDEKAIVRNSLISGEFGNEEREGKNPLEKGIGCDLEFRNEEYAF
QIYVDGERFATYAHRLDPHDINGLQIGGDVEVTGIQMV
;
_entity_poly.pdbx_strand_id   A,B,C,D,E,F,G,H
#
# COMPACT_ATOMS: atom_id res chain seq x y z
N TYR A 7 12.23 -69.83 25.92
CA TYR A 7 11.39 -68.65 25.70
C TYR A 7 11.22 -68.26 24.21
N PRO A 8 10.43 -69.01 23.45
CA PRO A 8 10.14 -68.61 22.07
C PRO A 8 9.07 -67.52 22.03
N VAL A 9 9.12 -66.66 21.02
CA VAL A 9 8.04 -65.68 20.94
C VAL A 9 7.21 -65.80 19.66
N PRO A 10 5.87 -65.69 19.76
CA PRO A 10 5.18 -65.19 20.97
C PRO A 10 5.13 -66.16 22.16
N TYR A 11 5.50 -65.66 23.35
CA TYR A 11 5.54 -66.45 24.57
C TYR A 11 4.26 -66.18 25.34
N ARG A 12 3.46 -67.23 25.58
CA ARG A 12 2.30 -67.08 26.44
C ARG A 12 2.36 -68.04 27.62
N SER A 13 1.97 -67.53 28.79
CA SER A 13 2.13 -68.24 30.04
C SER A 13 0.87 -68.13 30.84
N LYS A 14 0.67 -69.14 31.64
CA LYS A 14 -0.56 -69.42 32.33
C LYS A 14 -0.33 -69.35 33.82
N LEU A 15 -1.05 -68.46 34.49
CA LEU A 15 -0.78 -68.34 35.90
C LEU A 15 -1.49 -69.48 36.60
N THR A 16 -0.90 -69.90 37.70
CA THR A 16 -1.47 -70.98 38.48
C THR A 16 -2.57 -70.50 39.42
N GLU A 17 -2.52 -69.23 39.84
CA GLU A 17 -3.43 -68.64 40.81
C GLU A 17 -3.56 -67.16 40.44
N PRO A 18 -4.39 -66.36 41.12
CA PRO A 18 -4.54 -64.96 40.70
C PRO A 18 -3.21 -64.22 40.79
N PHE A 19 -3.06 -63.23 39.90
CA PHE A 19 -2.04 -62.23 40.09
C PHE A 19 -2.50 -61.31 41.21
N GLU A 20 -1.79 -61.30 42.34
CA GLU A 20 -2.25 -60.63 43.54
C GLU A 20 -1.31 -59.50 43.96
N PRO A 21 -1.85 -58.52 44.69
CA PRO A 21 -1.01 -57.49 45.31
C PRO A 21 0.21 -58.10 46.00
N GLY A 22 1.35 -57.43 45.84
CA GLY A 22 2.61 -57.92 46.36
C GLY A 22 3.44 -58.72 45.37
N GLN A 23 2.86 -59.20 44.28
CA GLN A 23 3.57 -60.12 43.40
C GLN A 23 4.19 -59.35 42.25
N THR A 24 5.33 -59.84 41.77
CA THR A 24 6.09 -59.16 40.73
C THR A 24 6.25 -60.08 39.53
N LEU A 25 6.06 -59.53 38.34
CA LEU A 25 6.38 -60.23 37.10
C LEU A 25 7.63 -59.61 36.51
N ILE A 26 8.64 -60.43 36.23
CA ILE A 26 9.92 -59.99 35.70
C ILE A 26 10.09 -60.52 34.28
N ILE A 27 10.43 -59.62 33.35
CA ILE A 27 10.74 -60.01 31.98
C ILE A 27 12.07 -59.35 31.65
N LYS A 28 13.08 -60.17 31.40
CA LYS A 28 14.33 -59.68 30.84
C LYS A 28 14.47 -60.21 29.43
N GLY A 29 15.26 -59.52 28.63
CA GLY A 29 15.34 -59.88 27.21
C GLY A 29 16.37 -59.06 26.46
N LYS A 30 16.59 -59.49 25.23
CA LYS A 30 17.57 -58.88 24.34
C LYS A 30 16.83 -58.28 23.14
N THR A 31 17.25 -57.08 22.74
CA THR A 31 16.71 -56.40 21.57
C THR A 31 17.77 -56.33 20.47
N ALA A 32 17.32 -56.10 19.25
CA ALA A 32 18.19 -56.06 18.08
C ALA A 32 18.35 -54.62 17.59
N GLU A 33 19.21 -54.46 16.60
CA GLU A 33 19.45 -53.09 16.12
C GLU A 33 18.41 -52.66 15.11
N ASP A 34 17.56 -53.58 14.63
CA ASP A 34 16.43 -53.23 13.79
C ASP A 34 15.10 -53.35 14.55
N SER A 35 15.14 -53.62 15.85
CA SER A 35 13.93 -53.77 16.65
C SER A 35 13.06 -52.53 16.58
N VAL A 36 11.76 -52.73 16.40
CA VAL A 36 10.79 -51.64 16.32
C VAL A 36 9.95 -51.54 17.59
N ARG A 37 9.25 -52.62 17.95
CA ARG A 37 8.38 -52.62 19.13
C ARG A 37 8.28 -54.03 19.70
N PHE A 38 8.20 -54.13 21.04
CA PHE A 38 7.76 -55.37 21.68
C PHE A 38 6.71 -55.06 22.73
N THR A 39 5.83 -56.04 22.99
CA THR A 39 4.70 -55.85 23.89
C THR A 39 4.75 -56.86 25.03
N ILE A 40 4.31 -56.44 26.21
CA ILE A 40 3.98 -57.32 27.34
C ILE A 40 2.52 -57.08 27.71
N ASN A 41 1.72 -58.14 27.73
CA ASN A 41 0.31 -58.05 28.10
C ASN A 41 0.01 -58.94 29.30
N LEU A 42 -0.73 -58.40 30.28
CA LEU A 42 -1.40 -59.19 31.30
C LEU A 42 -2.87 -59.23 30.91
N HIS A 43 -3.44 -60.43 30.78
CA HIS A 43 -4.78 -60.57 30.20
C HIS A 43 -5.43 -61.85 30.71
N ASN A 44 -6.69 -62.05 30.32
CA ASN A 44 -7.40 -63.32 30.51
C ASN A 44 -7.73 -63.99 29.17
N THR A 45 -8.68 -64.91 29.19
CA THR A 45 -9.17 -65.56 27.96
C THR A 45 -10.65 -65.91 28.11
N ASN A 52 -9.10 -61.83 24.95
CA ASN A 52 -10.07 -60.84 25.37
C ASN A 52 -9.41 -59.76 26.23
N ASP A 53 -9.90 -59.56 27.45
CA ASP A 53 -9.52 -58.39 28.24
C ASP A 53 -8.03 -58.37 28.57
N VAL A 54 -7.45 -57.18 28.50
CA VAL A 54 -6.04 -56.96 28.82
C VAL A 54 -5.92 -55.89 29.91
N PRO A 55 -5.90 -56.27 31.19
CA PRO A 55 -5.85 -55.25 32.25
C PRO A 55 -4.64 -54.35 32.20
N LEU A 56 -3.51 -54.84 31.70
CA LEU A 56 -2.33 -54.01 31.47
C LEU A 56 -1.68 -54.44 30.17
N HIS A 57 -1.47 -53.47 29.29
CA HIS A 57 -0.76 -53.64 28.04
C HIS A 57 0.44 -52.71 28.04
N ILE A 58 1.62 -53.25 27.78
CA ILE A 58 2.86 -52.46 27.75
C ILE A 58 3.48 -52.60 26.37
N SER A 59 3.70 -51.47 25.70
CA SER A 59 4.29 -51.43 24.37
C SER A 59 5.57 -50.61 24.43
N VAL A 60 6.72 -51.26 24.31
CA VAL A 60 8.01 -50.58 24.30
C VAL A 60 8.33 -50.27 22.85
N ARG A 61 8.46 -48.98 22.53
CA ARG A 61 8.52 -48.54 21.13
C ARG A 61 9.83 -47.83 20.89
N PHE A 62 10.68 -48.45 20.07
CA PHE A 62 11.90 -47.81 19.63
C PHE A 62 11.66 -46.82 18.49
N ASP A 63 10.58 -47.01 17.72
CA ASP A 63 10.25 -46.04 16.68
C ASP A 63 9.86 -44.70 17.29
N GLU A 64 9.01 -44.72 18.32
CA GLU A 64 8.55 -43.49 18.94
C GLU A 64 9.38 -43.08 20.13
N GLY A 65 10.24 -43.96 20.62
CA GLY A 65 11.02 -43.65 21.79
C GLY A 65 10.20 -43.49 23.04
N LYS A 66 9.05 -44.19 23.12
CA LYS A 66 8.20 -44.17 24.30
C LYS A 66 7.83 -45.59 24.73
N ILE A 67 7.40 -45.70 25.99
CA ILE A 67 6.70 -46.88 26.47
C ILE A 67 5.25 -46.50 26.66
N VAL A 68 4.35 -47.30 26.10
CA VAL A 68 2.92 -46.98 26.08
C VAL A 68 2.18 -47.97 26.96
N PHE A 69 1.44 -47.45 27.95
CA PHE A 69 0.65 -48.25 28.87
C PHE A 69 -0.83 -48.07 28.58
N ASN A 70 -1.58 -49.18 28.58
CA ASN A 70 -3.00 -49.09 28.25
C ASN A 70 -3.73 -50.29 28.79
N THR A 71 -5.06 -50.23 28.66
CA THR A 71 -5.96 -51.31 29.06
C THR A 71 -6.91 -51.60 27.90
N PHE A 72 -6.97 -52.87 27.50
CA PHE A 72 -7.93 -53.35 26.52
C PHE A 72 -9.10 -53.93 27.29
N SER A 73 -10.29 -53.37 27.07
CA SER A 73 -11.43 -53.87 27.82
C SER A 73 -12.71 -53.54 27.06
N LYS A 74 -13.65 -54.49 27.06
CA LYS A 74 -14.90 -54.39 26.29
C LYS A 74 -14.63 -54.19 24.81
N GLY A 75 -13.61 -54.90 24.30
CA GLY A 75 -13.28 -54.87 22.89
C GLY A 75 -12.51 -53.65 22.42
N GLU A 76 -12.05 -52.79 23.32
CA GLU A 76 -11.39 -51.56 22.89
C GLU A 76 -10.34 -51.12 23.92
N PHE A 77 -9.27 -50.51 23.40
CA PHE A 77 -8.30 -49.80 24.23
C PHE A 77 -8.93 -48.54 24.79
N GLY A 78 -8.36 -48.06 25.88
CA GLY A 78 -8.73 -46.78 26.47
C GLY A 78 -7.73 -45.71 26.12
N LYS A 79 -7.59 -44.74 27.01
CA LYS A 79 -6.63 -43.67 26.81
C LYS A 79 -5.22 -44.15 27.16
N GLU A 80 -4.26 -43.79 26.32
CA GLU A 80 -2.88 -44.21 26.54
C GLU A 80 -2.24 -43.36 27.62
N GLU A 81 -1.25 -43.95 28.28
CA GLU A 81 -0.35 -43.19 29.14
C GLU A 81 1.05 -43.54 28.69
N ARG A 82 1.94 -42.56 28.74
CA ARG A 82 3.24 -42.72 28.11
C ARG A 82 4.34 -42.32 29.08
N LYS A 83 5.49 -42.94 28.87
CA LYS A 83 6.73 -42.60 29.53
C LYS A 83 7.83 -42.68 28.49
N SER A 84 8.99 -42.11 28.81
CA SER A 84 10.11 -42.11 27.88
C SER A 84 10.75 -43.48 27.86
N ASN A 85 11.00 -44.00 26.66
CA ASN A 85 11.73 -45.25 26.55
C ASN A 85 13.22 -44.97 26.74
N PRO A 86 13.82 -45.43 27.83
CA PRO A 86 15.26 -45.23 27.99
C PRO A 86 16.11 -46.19 27.16
N TYR A 87 15.50 -47.09 26.41
CA TYR A 87 16.25 -48.13 25.70
C TYR A 87 16.49 -47.69 24.27
N LYS A 88 17.74 -47.71 23.86
CA LYS A 88 18.08 -47.59 22.44
C LYS A 88 18.06 -48.99 21.82
N LYS A 89 17.71 -49.04 20.52
CA LYS A 89 17.66 -50.31 19.80
C LYS A 89 18.96 -51.09 19.98
N GLY A 90 18.83 -52.41 20.14
CA GLY A 90 19.91 -53.21 20.67
C GLY A 90 19.90 -53.09 22.19
N ASP A 91 20.79 -53.83 22.84
CA ASP A 91 20.99 -53.77 24.29
C ASP A 91 19.81 -54.30 25.10
N ASP A 92 20.12 -54.75 26.31
CA ASP A 92 19.25 -55.57 27.13
C ASP A 92 18.15 -54.76 27.81
N ILE A 93 16.97 -55.38 27.98
CA ILE A 93 15.84 -54.76 28.66
C ILE A 93 15.52 -55.55 29.91
N ASP A 94 15.10 -54.82 30.96
CA ASP A 94 14.73 -55.40 32.24
C ASP A 94 13.46 -54.68 32.68
N ILE A 95 12.34 -55.38 32.64
CA ILE A 95 11.04 -54.79 32.90
C ILE A 95 10.34 -55.62 33.98
N ARG A 96 9.95 -54.96 35.05
CA ARG A 96 9.42 -55.63 36.21
C ARG A 96 8.13 -54.94 36.62
N ILE A 97 7.08 -55.73 36.77
CA ILE A 97 5.73 -55.23 37.00
C ILE A 97 5.25 -55.78 38.34
N ARG A 98 5.04 -54.90 39.30
CA ARG A 98 4.59 -55.32 40.63
C ARG A 98 3.15 -54.87 40.81
N ALA A 99 2.25 -55.83 40.99
CA ALA A 99 0.85 -55.51 41.25
C ALA A 99 0.66 -55.06 42.71
N HIS A 100 -0.17 -54.04 42.89
CA HIS A 100 -0.57 -53.53 44.18
C HIS A 100 -2.09 -53.47 44.21
N ASP A 101 -2.67 -53.04 45.33
CA ASP A 101 -4.13 -53.09 45.34
C ASP A 101 -4.76 -51.96 44.53
N SER A 102 -4.03 -50.89 44.25
CA SER A 102 -4.57 -49.76 43.51
C SER A 102 -3.92 -49.56 42.14
N LYS A 103 -2.83 -50.25 41.83
CA LYS A 103 -1.98 -49.88 40.71
C LYS A 103 -1.04 -51.04 40.42
N PHE A 104 -0.44 -51.01 39.24
CA PHE A 104 0.80 -51.70 38.98
C PHE A 104 1.94 -50.70 39.12
N SER A 105 3.08 -51.19 39.61
CA SER A 105 4.32 -50.41 39.67
C SER A 105 5.30 -51.04 38.68
N ILE A 106 5.70 -50.27 37.68
CA ILE A 106 6.57 -50.78 36.62
C ILE A 106 7.93 -50.14 36.78
N SER A 107 8.98 -50.95 36.69
CA SER A 107 10.34 -50.50 36.87
C SER A 107 11.14 -50.94 35.65
N VAL A 108 11.94 -50.02 35.12
CA VAL A 108 12.80 -50.28 33.98
C VAL A 108 14.23 -50.29 34.50
N ASP A 109 14.95 -51.40 34.24
CA ASP A 109 16.30 -51.61 34.78
C ASP A 109 16.31 -51.38 36.29
N GLN A 110 15.28 -51.89 36.97
CA GLN A 110 15.14 -51.86 38.43
C GLN A 110 14.95 -50.46 38.99
N LYS A 111 14.63 -49.49 38.15
CA LYS A 111 14.21 -48.17 38.63
C LYS A 111 12.74 -47.97 38.27
N GLU A 112 11.91 -47.71 39.28
CA GLU A 112 10.51 -47.39 39.04
C GLU A 112 10.37 -46.20 38.12
N VAL A 113 9.54 -46.34 37.08
CA VAL A 113 9.32 -45.27 36.09
C VAL A 113 7.83 -45.04 35.84
N LYS A 114 6.95 -45.86 36.42
CA LYS A 114 5.53 -45.68 36.16
C LYS A 114 4.66 -46.36 37.21
N GLU A 115 3.69 -45.62 37.73
CA GLU A 115 2.54 -46.19 38.41
C GLU A 115 1.38 -46.11 37.44
N TYR A 116 0.62 -47.21 37.35
CA TYR A 116 -0.49 -47.32 36.42
C TYR A 116 -1.69 -47.84 37.18
N GLU A 117 -2.68 -46.99 37.38
CA GLU A 117 -3.81 -47.31 38.25
C GLU A 117 -4.73 -48.30 37.55
N HIS A 118 -5.24 -49.26 38.33
CA HIS A 118 -6.08 -50.27 37.75
C HIS A 118 -7.26 -49.63 37.05
N ARG A 119 -7.58 -50.14 35.87
CA ARG A 119 -8.77 -49.74 35.17
C ARG A 119 -9.86 -50.80 35.17
N VAL A 120 -9.48 -52.09 35.21
CA VAL A 120 -10.41 -53.22 35.31
C VAL A 120 -9.86 -54.14 36.42
N PRO A 121 -10.56 -55.17 36.86
CA PRO A 121 -10.11 -55.91 38.05
C PRO A 121 -8.80 -56.65 37.83
N LEU A 122 -7.86 -56.47 38.76
CA LEU A 122 -6.58 -57.18 38.72
C LEU A 122 -6.78 -58.70 38.70
N SER A 123 -7.88 -59.18 39.29
CA SER A 123 -8.16 -60.62 39.34
C SER A 123 -8.52 -61.19 37.98
N SER A 124 -8.76 -60.35 36.97
CA SER A 124 -8.92 -60.84 35.60
C SER A 124 -7.61 -61.29 34.99
N VAL A 125 -6.47 -60.93 35.57
CA VAL A 125 -5.19 -61.32 35.00
C VAL A 125 -4.98 -62.82 35.21
N THR A 126 -5.23 -63.64 34.18
CA THR A 126 -4.94 -65.06 34.28
C THR A 126 -3.73 -65.50 33.46
N HIS A 127 -3.23 -64.64 32.57
CA HIS A 127 -2.14 -64.97 31.65
C HIS A 127 -1.20 -63.80 31.50
N PHE A 128 -0.05 -64.06 30.90
CA PHE A 128 0.72 -62.98 30.32
C PHE A 128 1.39 -63.47 29.05
N SER A 129 1.64 -62.51 28.18
CA SER A 129 2.13 -62.75 26.84
C SER A 129 3.21 -61.72 26.54
N VAL A 130 4.34 -62.20 26.05
CA VAL A 130 5.39 -61.33 25.54
C VAL A 130 5.53 -61.60 24.04
N ASP A 131 5.71 -60.54 23.26
CA ASP A 131 5.64 -60.63 21.81
C ASP A 131 6.41 -59.47 21.20
N GLY A 132 6.78 -59.63 19.93
CA GLY A 132 7.46 -58.57 19.20
C GLY A 132 8.96 -58.76 18.98
N ASP A 133 9.68 -57.64 18.84
CA ASP A 133 11.11 -57.67 18.49
C ASP A 133 11.97 -57.75 19.75
N ILE A 134 11.89 -58.91 20.39
CA ILE A 134 12.67 -59.16 21.60
C ILE A 134 13.08 -60.63 21.63
N LEU A 135 14.32 -60.87 22.02
CA LEU A 135 14.78 -62.21 22.36
C LEU A 135 14.71 -62.33 23.89
N ILE A 136 13.68 -63.04 24.38
CA ILE A 136 13.52 -63.20 25.83
C ILE A 136 14.60 -64.10 26.39
N THR A 137 15.18 -63.70 27.53
CA THR A 137 16.15 -64.52 28.24
C THR A 137 15.75 -64.92 29.67
N TYR A 138 14.74 -64.30 30.27
CA TYR A 138 14.39 -64.60 31.65
C TYR A 138 12.99 -64.08 31.95
N ILE A 139 12.15 -64.96 32.49
CA ILE A 139 10.85 -64.59 33.03
C ILE A 139 10.67 -65.29 34.37
N HIS A 140 10.01 -64.60 35.30
CA HIS A 140 9.59 -65.19 36.57
C HIS A 140 8.51 -64.31 37.17
N TRP A 141 7.51 -64.95 37.81
CA TRP A 141 6.54 -64.23 38.60
C TRP A 141 6.37 -64.93 39.94
N GLY A 142 6.09 -64.12 40.94
CA GLY A 142 5.94 -64.54 42.34
C GLY A 142 6.21 -63.35 43.24
N GLY A 143 6.71 -63.65 44.43
CA GLY A 143 6.89 -62.64 45.44
C GLY A 143 5.60 -62.39 46.20
N LYS A 144 5.72 -61.54 47.21
CA LYS A 144 4.62 -61.16 48.10
C LYS A 144 5.12 -59.94 48.86
N TYR A 145 4.26 -59.41 49.72
CA TYR A 145 4.70 -58.36 50.63
C TYR A 145 5.51 -59.01 51.75
N TYR A 146 6.83 -58.85 51.69
CA TYR A 146 7.70 -59.42 52.72
C TYR A 146 7.91 -58.38 53.81
N PRO A 147 7.40 -58.60 55.02
CA PRO A 147 7.66 -57.64 56.10
C PRO A 147 9.13 -57.63 56.48
N VAL A 148 9.61 -56.44 56.81
CA VAL A 148 11.00 -56.20 57.18
C VAL A 148 10.97 -55.43 58.50
N PRO A 149 11.73 -55.82 59.53
CA PRO A 149 12.57 -57.02 59.62
C PRO A 149 11.82 -58.32 59.36
N TYR A 150 12.53 -59.22 58.69
CA TYR A 150 12.02 -60.50 58.24
C TYR A 150 12.76 -61.60 58.99
N GLU A 151 12.05 -62.71 59.16
CA GLU A 151 12.63 -63.87 59.84
C GLU A 151 11.77 -65.07 59.48
N SER A 152 12.39 -66.11 58.91
CA SER A 152 11.63 -67.27 58.52
C SER A 152 12.51 -68.50 58.64
N GLY A 153 11.87 -69.65 58.76
CA GLY A 153 12.57 -70.89 58.53
C GLY A 153 12.76 -71.15 57.05
N LEU A 154 13.73 -72.00 56.74
CA LEU A 154 13.97 -72.42 55.37
C LEU A 154 13.60 -73.89 55.28
N ALA A 155 12.65 -74.19 54.39
CA ALA A 155 12.18 -75.54 54.03
C ALA A 155 12.63 -76.64 54.96
N GLY A 156 13.37 -77.62 54.43
CA GLY A 156 13.82 -78.73 55.25
C GLY A 156 15.32 -78.89 55.12
N ASP A 157 15.74 -79.27 53.92
CA ASP A 157 17.13 -79.26 53.53
C ASP A 157 17.71 -77.84 53.65
N GLY A 158 16.85 -76.85 53.86
CA GLY A 158 17.33 -75.49 54.05
C GLY A 158 18.15 -75.04 52.86
N LEU A 159 19.23 -74.31 53.14
CA LEU A 159 20.14 -73.81 52.11
C LEU A 159 21.43 -74.62 52.23
N ALA A 160 21.50 -75.70 51.48
CA ALA A 160 22.62 -76.63 51.56
C ALA A 160 23.45 -76.59 50.27
N PRO A 161 24.69 -77.09 50.31
CA PRO A 161 25.53 -77.07 49.10
C PRO A 161 24.75 -77.60 47.91
N GLY A 162 24.94 -76.95 46.77
CA GLY A 162 24.16 -77.25 45.59
C GLY A 162 22.85 -76.49 45.49
N LYS A 163 22.50 -75.70 46.50
CA LYS A 163 21.30 -74.87 46.49
C LYS A 163 21.68 -73.40 46.59
N SER A 164 20.78 -72.54 46.13
CA SER A 164 21.00 -71.11 46.17
C SER A 164 19.77 -70.44 46.72
N LEU A 165 19.99 -69.40 47.50
CA LEU A 165 18.90 -68.52 47.90
C LEU A 165 18.93 -67.31 46.99
N LEU A 166 17.78 -66.96 46.45
CA LEU A 166 17.64 -65.85 45.53
C LEU A 166 16.77 -64.79 46.20
N ILE A 167 17.35 -63.62 46.45
CA ILE A 167 16.63 -62.55 47.17
C ILE A 167 16.51 -61.35 46.26
N PHE A 168 15.27 -60.89 46.06
CA PHE A 168 14.99 -59.66 45.32
C PHE A 168 14.67 -58.56 46.33
N ALA A 169 15.39 -57.45 46.25
CA ALA A 169 15.24 -56.42 47.27
C ALA A 169 15.49 -55.05 46.67
N THR A 170 15.08 -54.02 47.42
CA THR A 170 15.35 -52.65 46.98
C THR A 170 15.87 -51.82 48.13
N PRO A 171 17.17 -51.50 48.15
CA PRO A 171 17.69 -50.67 49.25
C PRO A 171 16.94 -49.35 49.30
N GLU A 172 16.54 -48.96 50.51
CA GLU A 172 15.69 -47.78 50.67
C GLU A 172 16.43 -46.52 50.25
N LYS A 173 15.72 -45.65 49.53
CA LYS A 173 16.34 -44.47 48.93
C LYS A 173 17.04 -43.59 49.96
N LYS A 174 16.53 -43.52 51.19
CA LYS A 174 17.18 -42.74 52.23
C LYS A 174 17.75 -43.60 53.34
N GLY A 175 18.08 -44.87 53.02
CA GLY A 175 18.64 -45.76 54.01
C GLY A 175 20.16 -45.70 54.05
N LYS A 176 20.73 -46.23 55.13
CA LYS A 176 22.17 -46.28 55.22
C LYS A 176 22.74 -47.69 55.30
N ARG A 177 21.99 -48.67 55.79
CA ARG A 177 22.48 -50.05 55.77
C ARG A 177 21.32 -51.03 55.94
N PHE A 178 21.59 -52.28 55.60
CA PHE A 178 20.66 -53.38 55.76
C PHE A 178 21.47 -54.66 55.76
N HIS A 179 20.86 -55.75 56.22
CA HIS A 179 21.63 -56.98 56.40
C HIS A 179 20.78 -58.20 56.15
N ILE A 180 21.44 -59.24 55.64
CA ILE A 180 20.84 -60.54 55.43
C ILE A 180 21.64 -61.57 56.23
N ASN A 181 20.95 -62.37 57.04
CA ASN A 181 21.57 -63.40 57.87
C ASN A 181 21.12 -64.78 57.40
N LEU A 182 22.09 -65.65 57.16
CA LEU A 182 21.83 -67.06 56.89
C LEU A 182 22.19 -67.86 58.16
N LEU A 183 21.18 -68.46 58.81
CA LEU A 183 21.35 -68.99 60.17
C LEU A 183 21.26 -70.51 60.25
N LYS A 184 21.86 -71.04 61.32
CA LYS A 184 21.76 -72.44 61.74
C LYS A 184 20.89 -72.53 62.99
N LYS A 185 20.46 -73.76 63.33
CA LYS A 185 19.56 -73.99 64.46
C LYS A 185 19.96 -73.25 65.73
N ASN A 186 21.22 -73.40 66.14
CA ASN A 186 21.66 -72.82 67.41
C ASN A 186 21.61 -71.29 67.40
N GLY A 187 21.41 -70.65 66.25
CA GLY A 187 21.45 -69.20 66.16
C GLY A 187 22.76 -68.65 65.65
N ASP A 188 23.78 -69.50 65.50
CA ASP A 188 24.96 -69.14 64.73
C ASP A 188 24.53 -68.57 63.38
N ILE A 189 25.36 -67.69 62.84
CA ILE A 189 25.07 -67.05 61.56
C ILE A 189 26.16 -67.48 60.59
N ALA A 190 25.80 -68.35 59.65
CA ALA A 190 26.82 -68.86 58.73
C ALA A 190 27.36 -67.77 57.82
N LEU A 191 26.52 -66.80 57.46
CA LEU A 191 26.96 -65.66 56.65
C LEU A 191 26.08 -64.49 57.02
N HIS A 192 26.71 -63.41 57.45
CA HIS A 192 26.07 -62.14 57.70
C HIS A 192 26.48 -61.22 56.55
N PHE A 193 25.49 -60.74 55.78
CA PHE A 193 25.74 -59.98 54.55
C PHE A 193 25.13 -58.59 54.76
N ASN A 194 25.98 -57.57 54.81
CA ASN A 194 25.66 -56.28 55.44
C ASN A 194 26.15 -55.13 54.57
N PRO A 195 25.48 -54.87 53.45
CA PRO A 195 25.81 -53.67 52.67
C PRO A 195 25.62 -52.39 53.47
N ARG A 196 26.65 -51.54 53.49
CA ARG A 196 26.64 -50.31 54.27
C ARG A 196 27.01 -49.15 53.35
N PHE A 197 26.04 -48.30 53.03
CA PHE A 197 26.32 -47.24 52.07
C PHE A 197 27.21 -46.15 52.65
N ASP A 198 27.20 -45.98 53.97
CA ASP A 198 28.03 -44.93 54.56
C ASP A 198 29.47 -45.36 54.75
N GLU A 199 29.85 -46.57 54.33
CA GLU A 199 31.23 -47.01 54.30
C GLU A 199 31.60 -47.55 52.93
N LYS A 200 30.69 -47.44 51.97
CA LYS A 200 30.93 -47.79 50.57
C LYS A 200 31.41 -49.23 50.44
N ALA A 201 30.90 -50.12 51.28
CA ALA A 201 31.33 -51.51 51.24
C ALA A 201 30.23 -52.43 51.77
N ILE A 202 30.34 -53.71 51.40
CA ILE A 202 29.48 -54.77 51.90
C ILE A 202 30.31 -55.63 52.82
N VAL A 203 29.95 -55.63 54.09
CA VAL A 203 30.60 -56.46 55.09
C VAL A 203 30.03 -57.88 55.03
N ARG A 204 30.90 -58.87 54.99
CA ARG A 204 30.52 -60.26 55.18
C ARG A 204 31.18 -60.78 56.45
N ASN A 205 30.48 -61.61 57.23
CA ASN A 205 31.03 -62.13 58.48
C ASN A 205 30.19 -63.31 58.94
N SER A 206 30.68 -64.00 59.98
CA SER A 206 29.94 -65.06 60.64
C SER A 206 29.86 -64.78 62.12
N LEU A 207 28.79 -65.26 62.75
CA LEU A 207 28.60 -65.10 64.18
C LEU A 207 28.60 -66.51 64.76
N ILE A 208 29.71 -66.90 65.38
CA ILE A 208 29.87 -68.22 65.98
C ILE A 208 29.88 -68.07 67.49
N SER A 209 29.13 -68.93 68.17
CA SER A 209 28.98 -68.90 69.62
C SER A 209 28.93 -67.46 70.15
N GLY A 210 28.01 -66.66 69.61
CA GLY A 210 27.82 -65.29 70.05
C GLY A 210 28.89 -64.28 69.67
N GLU A 211 29.91 -64.66 68.88
CA GLU A 211 31.02 -63.75 68.59
C GLU A 211 31.21 -63.60 67.09
N PHE A 212 31.43 -62.38 66.64
CA PHE A 212 31.71 -62.13 65.23
C PHE A 212 33.18 -62.33 64.90
N GLY A 213 33.44 -62.96 63.75
CA GLY A 213 34.80 -63.17 63.28
C GLY A 213 35.40 -61.91 62.69
N ASN A 214 36.37 -62.07 61.78
CA ASN A 214 37.13 -60.91 61.30
C ASN A 214 36.23 -59.86 60.66
N GLU A 215 36.10 -59.89 59.32
CA GLU A 215 35.32 -58.92 58.54
C GLU A 215 35.88 -58.76 57.13
N GLU A 216 35.32 -59.51 56.19
CA GLU A 216 35.69 -59.38 54.78
C GLU A 216 34.78 -58.33 54.15
N ARG A 217 35.38 -57.21 53.73
CA ARG A 217 34.64 -56.11 53.11
C ARG A 217 35.24 -55.68 51.78
N GLU A 218 36.08 -56.52 51.18
CA GLU A 218 36.74 -56.13 49.94
C GLU A 218 35.75 -56.14 48.79
N GLY A 219 35.86 -55.13 47.94
CA GLY A 219 35.04 -55.05 46.74
C GLY A 219 34.21 -53.79 46.67
N LYS A 220 33.83 -53.42 45.46
CA LYS A 220 33.06 -52.22 45.21
C LYS A 220 31.58 -52.50 45.45
N ASN A 221 30.96 -51.75 46.38
CA ASN A 221 29.53 -51.86 46.59
C ASN A 221 28.82 -51.60 45.28
N PRO A 222 28.29 -52.64 44.62
CA PRO A 222 27.58 -52.45 43.35
C PRO A 222 26.14 -52.00 43.50
N LEU A 223 25.58 -52.00 44.71
CA LEU A 223 24.21 -51.60 44.92
C LEU A 223 24.08 -50.08 44.82
N GLU A 224 22.84 -49.61 44.71
CA GLU A 224 22.57 -48.19 44.63
C GLU A 224 21.24 -47.91 45.32
N LYS A 225 21.21 -46.87 46.16
CA LYS A 225 20.00 -46.57 46.90
C LYS A 225 18.83 -46.32 45.94
N GLY A 226 17.65 -46.83 46.31
CA GLY A 226 16.45 -46.69 45.53
C GLY A 226 16.37 -47.56 44.29
N ILE A 227 17.37 -48.40 44.05
CA ILE A 227 17.42 -49.22 42.85
C ILE A 227 17.32 -50.67 43.27
N GLY A 228 16.37 -51.39 42.69
CA GLY A 228 16.24 -52.80 43.00
C GLY A 228 17.47 -53.58 42.57
N CYS A 229 17.70 -54.71 43.23
CA CYS A 229 18.87 -55.51 42.94
C CYS A 229 18.49 -56.98 43.03
N ASP A 230 19.30 -57.81 42.37
CA ASP A 230 19.14 -59.26 42.43
C ASP A 230 20.30 -59.83 43.21
N LEU A 231 19.99 -60.40 44.38
CA LEU A 231 20.96 -60.99 45.29
C LEU A 231 20.84 -62.52 45.24
N GLU A 232 21.97 -63.20 45.08
CA GLU A 232 21.99 -64.67 45.02
C GLU A 232 23.11 -65.18 45.91
N PHE A 233 22.74 -66.06 46.85
CA PHE A 233 23.71 -66.74 47.72
C PHE A 233 23.79 -68.20 47.28
N ARG A 234 24.81 -68.54 46.51
CA ARG A 234 24.96 -69.89 45.98
C ARG A 234 25.83 -70.69 46.94
N ASN A 235 25.21 -71.60 47.67
CA ASN A 235 25.94 -72.47 48.59
C ASN A 235 26.69 -73.50 47.78
N GLU A 236 28.01 -73.54 47.91
CA GLU A 236 28.81 -74.54 47.22
C GLU A 236 29.64 -75.28 48.25
N GLU A 237 30.46 -76.22 47.76
CA GLU A 237 31.10 -77.17 48.67
C GLU A 237 32.07 -76.49 49.63
N TYR A 238 32.81 -75.48 49.16
CA TYR A 238 33.85 -74.84 49.94
C TYR A 238 33.59 -73.38 50.27
N ALA A 239 32.65 -72.71 49.61
CA ALA A 239 32.40 -71.30 49.88
C ALA A 239 30.99 -70.97 49.42
N PHE A 240 30.47 -69.85 49.91
CA PHE A 240 29.32 -69.21 49.28
C PHE A 240 29.80 -68.41 48.07
N GLN A 241 29.03 -68.45 47.01
CA GLN A 241 29.30 -67.59 45.86
C GLN A 241 28.19 -66.57 45.85
N ILE A 242 28.54 -65.30 46.05
CA ILE A 242 27.56 -64.22 46.23
C ILE A 242 27.46 -63.43 44.93
N TYR A 243 26.31 -63.53 44.25
CA TYR A 243 26.09 -62.78 43.02
C TYR A 243 25.22 -61.56 43.30
N VAL A 244 25.59 -60.44 42.70
CA VAL A 244 24.84 -59.19 42.79
C VAL A 244 24.54 -58.77 41.36
N ASP A 245 23.25 -58.63 41.05
CA ASP A 245 22.80 -58.19 39.73
C ASP A 245 23.47 -58.97 38.62
N GLY A 246 23.67 -60.27 38.87
CA GLY A 246 24.06 -61.20 37.84
C GLY A 246 25.54 -61.45 37.71
N GLU A 247 26.37 -60.71 38.43
CA GLU A 247 27.81 -60.94 38.41
C GLU A 247 28.30 -61.30 39.81
N ARG A 248 29.31 -62.16 39.87
CA ARG A 248 29.88 -62.60 41.14
C ARG A 248 30.51 -61.40 41.86
N PHE A 249 30.02 -61.10 43.07
CA PHE A 249 30.58 -59.99 43.81
C PHE A 249 31.64 -60.43 44.80
N ALA A 250 31.55 -61.66 45.30
CA ALA A 250 32.51 -62.12 46.29
C ALA A 250 32.34 -63.62 46.48
N THR A 251 33.34 -64.24 47.08
CA THR A 251 33.20 -65.57 47.64
C THR A 251 33.49 -65.46 49.14
N TYR A 252 32.86 -66.33 49.90
CA TYR A 252 32.97 -66.34 51.36
C TYR A 252 33.19 -67.79 51.78
N ALA A 253 34.44 -68.11 52.13
CA ALA A 253 34.78 -69.45 52.56
C ALA A 253 33.95 -69.85 53.77
N HIS A 254 33.58 -71.13 53.85
CA HIS A 254 32.71 -71.60 54.92
C HIS A 254 33.46 -71.54 56.25
N ARG A 255 32.90 -70.81 57.22
CA ARG A 255 33.42 -70.90 58.58
C ARG A 255 32.64 -71.86 59.45
N LEU A 256 31.54 -72.44 58.94
CA LEU A 256 30.85 -73.49 59.65
C LEU A 256 30.47 -74.58 58.66
N ASP A 257 30.12 -75.74 59.20
CA ASP A 257 29.45 -76.79 58.42
C ASP A 257 28.35 -76.13 57.59
N PRO A 258 28.42 -76.20 56.25
CA PRO A 258 27.45 -75.50 55.41
C PRO A 258 26.14 -76.25 55.22
N HIS A 259 25.98 -77.40 55.85
CA HIS A 259 24.67 -78.04 55.90
C HIS A 259 23.86 -77.47 57.05
N ASP A 260 22.58 -77.80 57.06
CA ASP A 260 21.67 -77.40 58.14
C ASP A 260 21.53 -75.88 58.26
N ILE A 261 21.76 -75.11 57.20
CA ILE A 261 21.49 -73.68 57.28
C ILE A 261 20.01 -73.51 57.00
N ASN A 262 19.22 -73.28 58.06
CA ASN A 262 17.76 -73.36 57.97
C ASN A 262 17.05 -72.10 58.45
N GLY A 263 17.76 -71.00 58.64
CA GLY A 263 17.16 -69.76 59.10
C GLY A 263 17.50 -68.63 58.16
N LEU A 264 16.61 -67.64 58.12
CA LEU A 264 16.84 -66.46 57.30
C LEU A 264 16.32 -65.24 58.04
N GLN A 265 17.18 -64.25 58.19
CA GLN A 265 16.81 -62.96 58.72
C GLN A 265 17.14 -61.89 57.69
N ILE A 266 16.31 -60.84 57.63
CA ILE A 266 16.62 -59.65 56.84
C ILE A 266 16.22 -58.43 57.64
N GLY A 267 17.13 -57.49 57.80
CA GLY A 267 16.85 -56.29 58.57
C GLY A 267 17.41 -55.05 57.90
N GLY A 268 17.11 -53.91 58.51
CA GLY A 268 17.66 -52.65 58.08
C GLY A 268 16.80 -51.97 57.02
N ASP A 269 17.41 -50.98 56.37
CA ASP A 269 16.69 -50.10 55.45
C ASP A 269 16.56 -50.78 54.08
N VAL A 270 15.67 -51.77 54.02
CA VAL A 270 15.51 -52.57 52.81
C VAL A 270 14.04 -52.87 52.60
N GLU A 271 13.62 -52.92 51.35
CA GLU A 271 12.34 -53.46 50.94
C GLU A 271 12.62 -54.75 50.18
N VAL A 272 11.96 -55.83 50.59
CA VAL A 272 12.15 -57.15 49.98
C VAL A 272 10.89 -57.53 49.22
N THR A 273 11.07 -57.85 47.94
CA THR A 273 9.95 -58.20 47.09
C THR A 273 10.02 -59.63 46.57
N GLY A 274 11.11 -60.35 46.81
CA GLY A 274 11.17 -61.71 46.32
C GLY A 274 12.20 -62.59 47.00
N ILE A 275 11.75 -63.76 47.44
CA ILE A 275 12.62 -64.80 47.97
C ILE A 275 12.29 -66.08 47.25
N GLN A 276 13.31 -66.72 46.66
CA GLN A 276 13.10 -68.03 46.07
C GLN A 276 14.30 -68.91 46.41
N MET A 277 13.98 -70.14 46.81
CA MET A 277 14.98 -71.14 47.12
C MET A 277 15.16 -72.06 45.93
N VAL A 278 16.40 -72.24 45.53
CA VAL A 278 16.72 -72.92 44.30
C VAL A 278 17.76 -74.01 44.52
N ASN B 6 -14.03 51.35 -53.17
CA ASN B 6 -15.40 50.88 -53.33
C ASN B 6 -16.37 51.65 -52.43
N TYR B 7 -17.66 51.36 -52.62
CA TYR B 7 -18.79 52.03 -51.99
C TYR B 7 -18.73 53.52 -52.31
N PRO B 8 -18.62 53.89 -53.58
CA PRO B 8 -18.48 55.31 -53.92
C PRO B 8 -19.69 56.09 -53.46
N VAL B 9 -19.45 57.23 -52.80
CA VAL B 9 -20.53 58.10 -52.39
C VAL B 9 -20.98 58.89 -53.61
N PRO B 10 -22.30 59.13 -53.79
CA PRO B 10 -23.34 58.67 -52.87
C PRO B 10 -23.67 57.19 -53.02
N TYR B 11 -23.66 56.48 -51.91
CA TYR B 11 -23.97 55.06 -51.87
C TYR B 11 -25.42 54.86 -51.53
N ARG B 12 -26.02 53.82 -52.13
CA ARG B 12 -27.43 53.53 -51.91
C ARG B 12 -27.63 52.05 -52.22
N SER B 13 -28.43 51.38 -51.38
CA SER B 13 -28.62 49.95 -51.54
C SER B 13 -30.05 49.56 -51.20
N LYS B 14 -30.63 48.72 -52.05
CA LYS B 14 -31.98 48.21 -51.87
C LYS B 14 -31.92 46.93 -51.06
N LEU B 15 -32.64 46.89 -49.95
CA LEU B 15 -32.54 45.75 -49.05
C LEU B 15 -33.24 44.54 -49.67
N THR B 16 -32.66 43.37 -49.45
CA THR B 16 -33.25 42.14 -49.97
C THR B 16 -34.45 41.71 -49.15
N GLU B 17 -34.50 42.09 -47.88
CA GLU B 17 -35.57 41.73 -46.97
C GLU B 17 -35.74 42.87 -45.98
N PRO B 18 -36.90 42.99 -45.34
CA PRO B 18 -37.11 44.08 -44.38
C PRO B 18 -36.07 44.10 -43.25
N PHE B 19 -35.75 45.31 -42.79
CA PHE B 19 -34.88 45.48 -41.63
C PHE B 19 -35.66 45.07 -40.40
N GLU B 20 -35.11 44.15 -39.62
CA GLU B 20 -35.89 43.50 -38.59
C GLU B 20 -35.18 43.57 -37.25
N PRO B 21 -35.94 43.50 -36.16
CA PRO B 21 -35.32 43.54 -34.83
C PRO B 21 -34.25 42.45 -34.70
N GLY B 22 -33.11 42.83 -34.14
CA GLY B 22 -31.98 41.94 -34.01
C GLY B 22 -30.90 42.10 -35.05
N GLN B 23 -31.20 42.84 -36.13
CA GLN B 23 -30.26 43.02 -37.22
C GLN B 23 -29.47 44.31 -37.04
N THR B 24 -28.20 44.28 -37.43
CA THR B 24 -27.29 45.41 -37.30
C THR B 24 -26.81 45.89 -38.66
N LEU B 25 -26.79 47.21 -38.83
CA LEU B 25 -26.12 47.84 -39.96
C LEU B 25 -24.77 48.37 -39.48
N ILE B 26 -23.69 47.86 -40.05
CA ILE B 26 -22.33 48.34 -39.74
C ILE B 26 -21.85 49.21 -40.89
N ILE B 27 -21.29 50.38 -40.56
CA ILE B 27 -20.75 51.30 -41.57
C ILE B 27 -19.41 51.83 -41.05
N LYS B 28 -18.32 51.46 -41.70
CA LYS B 28 -17.00 51.98 -41.34
C LYS B 28 -16.48 52.83 -42.48
N GLY B 29 -15.59 53.76 -42.16
CA GLY B 29 -15.12 54.66 -43.21
C GLY B 29 -13.95 55.50 -42.75
N LYS B 30 -13.43 56.26 -43.72
CA LYS B 30 -12.38 57.25 -43.53
C LYS B 30 -12.94 58.64 -43.84
N THR B 31 -12.44 59.63 -43.12
CA THR B 31 -12.74 61.03 -43.34
C THR B 31 -11.43 61.76 -43.58
N ALA B 32 -11.53 62.90 -44.29
CA ALA B 32 -10.38 63.74 -44.59
C ALA B 32 -10.31 64.93 -43.63
N GLU B 33 -9.16 65.60 -43.64
CA GLU B 33 -8.90 66.63 -42.64
C GLU B 33 -9.76 67.86 -42.88
N ASP B 34 -10.41 67.94 -44.04
CA ASP B 34 -11.37 69.00 -44.32
C ASP B 34 -12.79 68.48 -44.43
N SER B 35 -13.04 67.23 -44.00
CA SER B 35 -14.41 66.74 -43.94
C SER B 35 -15.25 67.69 -43.11
N VAL B 36 -16.48 67.95 -43.55
CA VAL B 36 -17.44 68.74 -42.79
C VAL B 36 -18.60 67.87 -42.30
N ARG B 37 -19.32 67.23 -43.20
CA ARG B 37 -20.47 66.43 -42.80
C ARG B 37 -20.46 65.10 -43.54
N PHE B 38 -21.12 64.10 -42.93
CA PHE B 38 -21.55 62.93 -43.68
C PHE B 38 -22.79 62.39 -43.01
N THR B 39 -23.43 61.47 -43.70
CA THR B 39 -24.81 61.10 -43.42
C THR B 39 -24.99 59.60 -43.51
N ILE B 40 -26.03 59.11 -42.84
CA ILE B 40 -26.55 57.76 -43.05
C ILE B 40 -28.06 57.83 -42.93
N ASN B 41 -28.77 57.30 -43.92
CA ASN B 41 -30.21 57.35 -43.97
C ASN B 41 -30.78 55.94 -44.06
N LEU B 42 -31.72 55.63 -43.18
CA LEU B 42 -32.60 54.49 -43.35
C LEU B 42 -33.91 55.02 -43.90
N HIS B 43 -34.34 54.54 -45.06
CA HIS B 43 -35.40 55.24 -45.76
C HIS B 43 -36.13 54.30 -46.71
N ASN B 44 -37.24 54.77 -47.26
CA ASN B 44 -37.88 54.09 -48.36
C ASN B 44 -37.79 54.96 -49.61
N THR B 45 -38.60 54.61 -50.61
CA THR B 45 -38.65 55.33 -51.89
C THR B 45 -40.06 55.21 -52.48
N ASN B 52 -38.29 59.99 -50.20
CA ASN B 52 -39.45 60.12 -49.32
C ASN B 52 -39.12 59.76 -47.88
N ASP B 53 -39.97 58.92 -47.27
CA ASP B 53 -39.89 58.62 -45.85
C ASP B 53 -38.51 58.15 -45.39
N VAL B 54 -38.02 58.75 -44.31
CA VAL B 54 -36.73 58.43 -43.71
C VAL B 54 -36.96 58.11 -42.23
N PRO B 55 -37.20 56.86 -41.86
CA PRO B 55 -37.42 56.58 -40.44
C PRO B 55 -36.26 56.97 -39.57
N LEU B 56 -35.03 56.88 -40.06
CA LEU B 56 -33.87 57.29 -39.26
C LEU B 56 -32.87 58.00 -40.15
N HIS B 57 -32.62 59.25 -39.82
CA HIS B 57 -31.63 60.06 -40.49
C HIS B 57 -30.52 60.38 -39.50
N ILE B 58 -29.27 60.13 -39.89
CA ILE B 58 -28.11 60.35 -39.03
C ILE B 58 -27.19 61.36 -39.67
N SER B 59 -26.89 62.45 -38.96
CA SER B 59 -26.00 63.47 -39.46
C SER B 59 -24.77 63.61 -38.55
N VAL B 60 -23.61 63.20 -39.07
CA VAL B 60 -22.35 63.33 -38.36
C VAL B 60 -21.74 64.67 -38.78
N ARG B 61 -21.80 65.65 -37.87
CA ARG B 61 -21.37 67.02 -38.18
C ARG B 61 -20.04 67.32 -37.50
N PHE B 62 -18.99 67.59 -38.29
CA PHE B 62 -17.70 67.93 -37.72
C PHE B 62 -17.61 69.39 -37.35
N ASP B 63 -18.45 70.24 -37.95
CA ASP B 63 -18.54 71.64 -37.55
C ASP B 63 -19.25 71.78 -36.21
N GLU B 64 -20.47 71.25 -36.09
CA GLU B 64 -21.19 71.31 -34.82
C GLU B 64 -20.48 70.55 -33.72
N GLY B 65 -19.72 69.52 -34.09
CA GLY B 65 -19.23 68.57 -33.11
C GLY B 65 -20.35 67.74 -32.52
N LYS B 66 -21.32 67.33 -33.36
CA LYS B 66 -22.49 66.57 -32.92
C LYS B 66 -22.86 65.48 -33.93
N ILE B 67 -23.46 64.41 -33.40
CA ILE B 67 -24.19 63.43 -34.18
C ILE B 67 -25.66 63.70 -33.96
N VAL B 68 -26.40 63.97 -35.05
CA VAL B 68 -27.78 64.45 -35.03
C VAL B 68 -28.69 63.41 -35.65
N PHE B 69 -29.74 63.02 -34.93
CA PHE B 69 -30.69 62.03 -35.38
C PHE B 69 -32.05 62.69 -35.63
N ASN B 70 -32.77 62.22 -36.63
CA ASN B 70 -34.09 62.75 -36.90
C ASN B 70 -34.85 61.79 -37.79
N THR B 71 -36.12 62.11 -38.01
CA THR B 71 -37.00 61.33 -38.87
C THR B 71 -37.66 62.28 -39.87
N PHE B 72 -37.80 61.81 -41.11
CA PHE B 72 -38.50 62.55 -42.15
C PHE B 72 -39.67 61.71 -42.68
N SER B 73 -40.90 62.20 -42.51
CA SER B 73 -42.05 61.51 -43.08
C SER B 73 -43.13 62.54 -43.39
N LYS B 74 -43.97 62.22 -44.36
CA LYS B 74 -45.08 63.10 -44.78
C LYS B 74 -44.55 64.47 -45.21
N GLY B 75 -43.37 64.48 -45.85
CA GLY B 75 -42.77 65.70 -46.38
C GLY B 75 -42.02 66.56 -45.37
N GLU B 76 -41.45 65.99 -44.32
CA GLU B 76 -41.26 66.81 -43.16
C GLU B 76 -40.30 66.17 -42.13
N PHE B 77 -39.51 67.01 -41.47
CA PHE B 77 -38.58 66.64 -40.39
C PHE B 77 -39.27 66.81 -39.05
N GLY B 78 -39.08 65.86 -38.11
CA GLY B 78 -39.46 66.06 -36.72
C GLY B 78 -38.37 66.85 -36.02
N LYS B 79 -38.30 66.67 -34.71
CA LYS B 79 -37.35 67.40 -33.86
C LYS B 79 -36.06 66.61 -33.73
N GLU B 80 -34.95 67.26 -34.09
CA GLU B 80 -33.66 66.57 -34.03
C GLU B 80 -33.31 66.17 -32.60
N GLU B 81 -32.61 65.07 -32.47
CA GLU B 81 -32.02 64.63 -31.22
C GLU B 81 -30.51 64.55 -31.42
N ARG B 82 -29.75 65.02 -30.44
CA ARG B 82 -28.32 65.21 -30.63
C ARG B 82 -27.53 64.44 -29.57
N LYS B 83 -26.36 63.98 -30.00
CA LYS B 83 -25.35 63.40 -29.12
C LYS B 83 -24.00 63.99 -29.53
N SER B 84 -23.03 63.88 -28.62
CA SER B 84 -21.71 64.44 -28.92
C SER B 84 -21.02 63.63 -30.01
N ASN B 85 -20.34 64.35 -30.92
CA ASN B 85 -19.50 63.71 -31.94
C ASN B 85 -18.11 63.45 -31.35
N PRO B 86 -17.66 62.19 -31.24
CA PRO B 86 -16.33 61.94 -30.67
C PRO B 86 -15.22 61.99 -31.70
N TYR B 87 -15.53 62.09 -32.98
CA TYR B 87 -14.51 62.14 -34.00
C TYR B 87 -14.07 63.58 -34.21
N LYS B 88 -12.79 63.74 -34.53
CA LYS B 88 -12.29 64.99 -35.08
C LYS B 88 -12.03 64.77 -36.56
N LYS B 89 -12.03 65.86 -37.33
CA LYS B 89 -11.85 65.75 -38.76
C LYS B 89 -10.61 64.92 -39.06
N GLY B 90 -10.70 64.11 -40.11
CA GLY B 90 -9.81 62.99 -40.29
C GLY B 90 -10.17 61.87 -39.33
N ASP B 91 -9.41 60.78 -39.41
CA ASP B 91 -9.62 59.62 -38.53
C ASP B 91 -10.90 58.82 -38.81
N ASP B 92 -10.79 57.50 -38.55
CA ASP B 92 -11.77 56.49 -38.91
C ASP B 92 -13.08 56.65 -38.15
N ILE B 93 -14.16 56.28 -38.81
CA ILE B 93 -15.49 56.27 -38.19
C ILE B 93 -16.01 54.84 -38.20
N ASP B 94 -16.75 54.48 -37.15
CA ASP B 94 -17.36 53.16 -37.05
C ASP B 94 -18.71 53.37 -36.38
N ILE B 95 -19.78 53.24 -37.16
CA ILE B 95 -21.14 53.56 -36.74
C ILE B 95 -22.02 52.36 -37.02
N ARG B 96 -22.69 51.87 -35.98
CA ARG B 96 -23.51 50.68 -36.10
C ARG B 96 -24.91 50.97 -35.59
N ILE B 97 -25.91 50.55 -36.36
CA ILE B 97 -27.32 50.77 -36.08
C ILE B 97 -28.00 49.40 -35.98
N ARG B 98 -28.50 49.07 -34.79
CA ARG B 98 -29.22 47.81 -34.62
C ARG B 98 -30.70 48.09 -34.37
N ALA B 99 -31.56 47.43 -35.12
CA ALA B 99 -32.99 47.62 -34.91
C ALA B 99 -33.47 46.78 -33.73
N HIS B 100 -34.47 47.30 -33.03
CA HIS B 100 -35.19 46.51 -32.04
C HIS B 100 -36.70 46.72 -32.26
N ASP B 101 -37.56 46.19 -31.39
CA ASP B 101 -38.97 46.42 -31.62
C ASP B 101 -39.37 47.86 -31.28
N SER B 102 -38.63 48.52 -30.38
CA SER B 102 -39.05 49.81 -29.86
C SER B 102 -38.15 50.96 -30.28
N LYS B 103 -36.99 50.67 -30.86
CA LYS B 103 -35.93 51.66 -31.01
C LYS B 103 -34.91 51.17 -32.03
N PHE B 104 -34.05 52.10 -32.45
CA PHE B 104 -32.73 51.80 -33.00
C PHE B 104 -31.73 52.05 -31.89
N SER B 105 -30.72 51.18 -31.82
CA SER B 105 -29.59 51.37 -30.91
C SER B 105 -28.38 51.67 -31.76
N ILE B 106 -27.81 52.86 -31.58
CA ILE B 106 -26.72 53.34 -32.40
C ILE B 106 -25.45 53.39 -31.55
N SER B 107 -24.44 52.68 -31.99
CA SER B 107 -23.18 52.67 -31.27
C SER B 107 -22.11 53.28 -32.15
N VAL B 108 -21.16 53.97 -31.51
CA VAL B 108 -20.06 54.66 -32.19
C VAL B 108 -18.75 54.22 -31.55
N ASP B 109 -17.81 53.76 -32.38
CA ASP B 109 -16.61 53.07 -31.89
C ASP B 109 -16.99 51.90 -31.00
N GLN B 110 -18.07 51.20 -31.38
CA GLN B 110 -18.53 50.02 -30.65
C GLN B 110 -18.98 50.35 -29.24
N LYS B 111 -19.32 51.61 -29.00
CA LYS B 111 -19.91 52.07 -27.75
C LYS B 111 -21.32 52.56 -28.05
N GLU B 112 -22.31 51.90 -27.47
CA GLU B 112 -23.68 52.38 -27.60
C GLU B 112 -23.77 53.79 -27.03
N VAL B 113 -24.16 54.76 -27.86
CA VAL B 113 -24.38 56.11 -27.34
C VAL B 113 -25.82 56.60 -27.50
N LYS B 114 -26.66 55.99 -28.35
CA LYS B 114 -27.94 56.58 -28.66
C LYS B 114 -29.03 55.53 -28.78
N GLU B 115 -30.14 55.78 -28.08
CA GLU B 115 -31.38 55.03 -28.22
C GLU B 115 -32.39 55.96 -28.90
N TYR B 116 -32.81 55.61 -30.11
CA TYR B 116 -33.71 56.45 -30.89
C TYR B 116 -35.00 55.69 -31.07
N GLU B 117 -36.06 56.18 -30.45
CA GLU B 117 -37.34 55.49 -30.49
C GLU B 117 -37.95 55.62 -31.86
N HIS B 118 -38.53 54.51 -32.33
CA HIS B 118 -39.23 54.52 -33.61
C HIS B 118 -40.26 55.63 -33.59
N ARG B 119 -40.29 56.43 -34.64
CA ARG B 119 -41.41 57.34 -34.83
C ARG B 119 -42.35 56.87 -35.94
N VAL B 120 -41.87 56.07 -36.87
CA VAL B 120 -42.65 55.56 -37.98
C VAL B 120 -42.19 54.13 -38.15
N PRO B 121 -42.93 53.30 -38.89
CA PRO B 121 -42.64 51.86 -38.95
C PRO B 121 -41.23 51.53 -39.42
N LEU B 122 -40.55 50.71 -38.61
CA LEU B 122 -39.26 50.13 -38.99
C LEU B 122 -39.36 49.36 -40.30
N SER B 123 -40.53 48.77 -40.58
CA SER B 123 -40.69 48.02 -41.82
C SER B 123 -40.83 48.93 -43.03
N SER B 124 -40.96 50.25 -42.83
CA SER B 124 -40.89 51.21 -43.93
C SER B 124 -39.48 51.36 -44.48
N VAL B 125 -38.49 50.88 -43.76
CA VAL B 125 -37.11 50.95 -44.22
C VAL B 125 -36.91 49.92 -45.32
N THR B 126 -36.70 50.37 -46.56
CA THR B 126 -36.38 49.47 -47.65
C THR B 126 -34.98 49.65 -48.21
N HIS B 127 -34.34 50.80 -47.97
CA HIS B 127 -33.00 51.09 -48.47
C HIS B 127 -32.16 51.71 -47.35
N PHE B 128 -30.88 51.93 -47.66
CA PHE B 128 -30.11 52.86 -46.86
C PHE B 128 -29.06 53.53 -47.73
N SER B 129 -28.78 54.79 -47.38
CA SER B 129 -27.88 55.64 -48.13
C SER B 129 -26.77 56.09 -47.21
N VAL B 130 -25.62 56.33 -47.81
CA VAL B 130 -24.47 56.98 -47.19
C VAL B 130 -23.96 57.99 -48.18
N ASP B 131 -23.72 59.21 -47.71
CA ASP B 131 -23.40 60.32 -48.59
C ASP B 131 -22.52 61.30 -47.84
N GLY B 132 -21.58 61.92 -48.55
CA GLY B 132 -20.90 63.11 -48.09
C GLY B 132 -19.40 62.90 -47.98
N ASP B 133 -18.82 63.51 -46.95
CA ASP B 133 -17.35 63.60 -46.80
C ASP B 133 -16.81 62.36 -46.08
N ILE B 134 -17.01 61.22 -46.71
CA ILE B 134 -16.60 59.94 -46.15
C ILE B 134 -16.15 59.04 -47.28
N LEU B 135 -15.09 58.30 -47.04
CA LEU B 135 -14.69 57.20 -47.91
C LEU B 135 -15.07 55.89 -47.22
N ILE B 136 -16.12 55.25 -47.72
CA ILE B 136 -16.65 54.06 -47.06
C ILE B 136 -15.68 52.91 -47.28
N THR B 137 -15.25 52.27 -46.18
CA THR B 137 -14.36 51.12 -46.28
C THR B 137 -15.02 49.79 -45.95
N TYR B 138 -16.18 49.79 -45.31
CA TYR B 138 -16.82 48.52 -44.96
C TYR B 138 -18.28 48.74 -44.63
N ILE B 139 -19.14 47.94 -45.24
CA ILE B 139 -20.55 47.97 -44.94
C ILE B 139 -21.10 46.54 -44.95
N HIS B 140 -21.70 46.11 -43.84
CA HIS B 140 -22.38 44.83 -43.73
C HIS B 140 -23.71 45.02 -43.02
N TRP B 141 -24.73 44.28 -43.43
CA TRP B 141 -26.01 44.34 -42.73
C TRP B 141 -26.56 42.93 -42.59
N GLY B 142 -26.73 42.50 -41.34
CA GLY B 142 -27.33 41.22 -40.98
C GLY B 142 -27.29 40.97 -39.47
N GLY B 143 -27.24 39.70 -39.07
CA GLY B 143 -27.26 39.32 -37.67
C GLY B 143 -28.64 39.02 -37.19
N LYS B 144 -28.75 38.72 -35.90
CA LYS B 144 -30.05 38.38 -35.32
C LYS B 144 -29.90 38.37 -33.79
N TYR B 145 -31.00 38.10 -33.09
CA TYR B 145 -30.88 37.90 -31.65
C TYR B 145 -30.34 36.50 -31.47
N TYR B 146 -29.05 36.41 -31.18
CA TYR B 146 -28.41 35.12 -31.01
C TYR B 146 -28.55 34.71 -29.55
N PRO B 147 -29.27 33.65 -29.23
CA PRO B 147 -29.42 33.25 -27.83
C PRO B 147 -28.10 32.75 -27.28
N VAL B 148 -27.81 33.13 -26.03
CA VAL B 148 -26.57 32.72 -25.39
C VAL B 148 -26.92 32.06 -24.06
N PRO B 149 -26.40 30.86 -23.76
CA PRO B 149 -25.49 30.05 -24.58
C PRO B 149 -25.98 29.69 -25.99
N TYR B 150 -25.05 29.67 -26.92
CA TYR B 150 -25.32 29.42 -28.32
C TYR B 150 -24.65 28.14 -28.76
N GLU B 151 -25.34 27.43 -29.65
CA GLU B 151 -24.85 26.16 -30.17
C GLU B 151 -25.21 26.07 -31.64
N SER B 152 -24.26 25.66 -32.49
CA SER B 152 -24.54 25.62 -33.92
C SER B 152 -23.49 24.79 -34.64
N GLY B 153 -23.93 24.10 -35.69
CA GLY B 153 -23.00 23.61 -36.68
C GLY B 153 -22.50 24.72 -37.57
N LEU B 154 -21.40 24.46 -38.28
CA LEU B 154 -20.78 25.43 -39.15
C LEU B 154 -21.00 25.00 -40.61
N ALA B 155 -21.43 25.97 -41.43
CA ALA B 155 -21.86 25.82 -42.82
C ALA B 155 -21.93 24.37 -43.31
N GLY B 156 -20.85 23.88 -43.93
CA GLY B 156 -20.84 22.54 -44.47
C GLY B 156 -19.47 21.90 -44.39
N ASP B 157 -18.45 22.59 -44.90
CA ASP B 157 -17.09 22.08 -44.82
C ASP B 157 -16.35 22.63 -43.61
N GLY B 158 -16.87 23.69 -43.00
CA GLY B 158 -16.36 24.12 -41.72
C GLY B 158 -15.34 25.24 -41.82
N LEU B 159 -14.67 25.44 -40.70
CA LEU B 159 -13.61 26.44 -40.65
C LEU B 159 -12.29 25.70 -40.88
N ALA B 160 -11.89 25.61 -42.14
CA ALA B 160 -10.63 25.03 -42.57
C ALA B 160 -9.61 26.14 -42.79
N PRO B 161 -8.33 25.79 -42.98
CA PRO B 161 -7.36 26.84 -43.31
C PRO B 161 -7.79 27.55 -44.57
N GLY B 162 -7.53 28.85 -44.60
CA GLY B 162 -8.04 29.74 -45.62
C GLY B 162 -9.32 30.44 -45.23
N LYS B 163 -10.06 29.92 -44.25
CA LYS B 163 -11.34 30.51 -43.88
C LYS B 163 -11.24 31.20 -42.53
N SER B 164 -12.16 32.14 -42.28
CA SER B 164 -12.22 32.85 -41.01
C SER B 164 -13.64 32.80 -40.45
N LEU B 165 -13.75 32.53 -39.16
CA LEU B 165 -15.03 32.71 -38.47
C LEU B 165 -15.04 34.12 -37.87
N LEU B 166 -16.10 34.88 -38.15
CA LEU B 166 -16.25 36.24 -37.64
C LEU B 166 -17.35 36.27 -36.60
N ILE B 167 -17.07 36.84 -35.43
CA ILE B 167 -18.06 36.95 -34.36
C ILE B 167 -18.11 38.39 -33.88
N PHE B 168 -19.29 38.98 -33.97
CA PHE B 168 -19.52 40.30 -33.41
C PHE B 168 -20.20 40.13 -32.06
N ALA B 169 -19.52 40.55 -30.99
CA ALA B 169 -20.06 40.37 -29.65
C ALA B 169 -19.79 41.60 -28.82
N THR B 170 -20.48 41.66 -27.68
CA THR B 170 -20.33 42.73 -26.69
C THR B 170 -20.24 42.08 -25.32
N PRO B 171 -19.07 42.06 -24.67
CA PRO B 171 -19.01 41.51 -23.32
C PRO B 171 -19.88 42.34 -22.38
N GLU B 172 -20.80 41.67 -21.70
CA GLU B 172 -21.76 42.34 -20.84
C GLU B 172 -21.04 43.25 -19.86
N LYS B 173 -21.66 44.39 -19.53
CA LYS B 173 -20.90 45.42 -18.81
C LYS B 173 -20.63 45.04 -17.36
N LYS B 174 -21.39 44.10 -16.81
CA LYS B 174 -21.13 43.56 -15.48
C LYS B 174 -20.66 42.12 -15.52
N GLY B 175 -20.33 41.59 -16.70
CA GLY B 175 -19.87 40.22 -16.77
C GLY B 175 -18.46 40.04 -16.25
N LYS B 176 -18.07 38.77 -16.13
CA LYS B 176 -16.71 38.41 -15.73
C LYS B 176 -15.94 37.67 -16.82
N ARG B 177 -16.55 36.67 -17.45
CA ARG B 177 -15.85 35.88 -18.45
C ARG B 177 -16.85 35.48 -19.53
N PHE B 178 -16.33 35.04 -20.68
CA PHE B 178 -17.13 34.33 -21.66
C PHE B 178 -16.18 33.45 -22.46
N HIS B 179 -16.75 32.52 -23.23
CA HIS B 179 -15.92 31.63 -24.02
C HIS B 179 -16.56 31.31 -25.36
N ILE B 180 -15.68 31.12 -26.35
CA ILE B 180 -16.05 30.61 -27.67
C ILE B 180 -15.30 29.31 -27.90
N ASN B 181 -16.03 28.25 -28.25
CA ASN B 181 -15.40 26.97 -28.60
C ASN B 181 -15.55 26.70 -30.09
N LEU B 182 -14.44 26.37 -30.73
CA LEU B 182 -14.43 25.87 -32.11
C LEU B 182 -14.21 24.37 -32.01
N LEU B 183 -15.21 23.59 -32.40
CA LEU B 183 -15.28 22.18 -32.04
C LEU B 183 -15.14 21.28 -33.25
N LYS B 184 -14.77 20.03 -32.99
CA LYS B 184 -14.75 19.01 -34.03
C LYS B 184 -15.87 17.99 -33.78
N LYS B 185 -16.07 17.11 -34.77
CA LYS B 185 -17.19 16.19 -34.74
C LYS B 185 -17.30 15.44 -33.42
N ASN B 186 -16.17 14.93 -32.92
CA ASN B 186 -16.16 14.08 -31.74
C ASN B 186 -16.32 14.85 -30.44
N GLY B 187 -16.49 16.16 -30.50
CA GLY B 187 -16.62 16.96 -29.29
C GLY B 187 -15.33 17.54 -28.77
N ASP B 188 -14.19 17.25 -29.42
CA ASP B 188 -12.94 17.90 -29.07
C ASP B 188 -13.02 19.39 -29.40
N ILE B 189 -12.38 20.20 -28.57
CA ILE B 189 -12.34 21.65 -28.74
C ILE B 189 -10.96 22.02 -29.30
N ALA B 190 -10.89 22.28 -30.61
CA ALA B 190 -9.62 22.74 -31.18
C ALA B 190 -9.19 24.06 -30.58
N LEU B 191 -10.13 24.99 -30.37
CA LEU B 191 -9.80 26.30 -29.82
C LEU B 191 -10.91 26.72 -28.87
N HIS B 192 -10.56 26.74 -27.60
CA HIS B 192 -11.38 27.28 -26.53
C HIS B 192 -10.85 28.67 -26.24
N PHE B 193 -11.62 29.70 -26.62
CA PHE B 193 -11.20 31.10 -26.50
C PHE B 193 -12.06 31.73 -25.42
N ASN B 194 -11.41 32.27 -24.37
CA ASN B 194 -12.05 32.40 -23.05
C ASN B 194 -11.55 33.65 -22.31
N PRO B 195 -12.00 34.83 -22.73
CA PRO B 195 -11.68 36.07 -22.01
C PRO B 195 -12.13 36.05 -20.55
N ARG B 196 -11.25 36.48 -19.65
CA ARG B 196 -11.58 36.54 -18.23
C ARG B 196 -11.18 37.91 -17.71
N PHE B 197 -12.17 38.77 -17.44
CA PHE B 197 -11.85 40.15 -17.09
C PHE B 197 -11.24 40.25 -15.70
N ASP B 198 -11.65 39.37 -14.79
CA ASP B 198 -11.06 39.39 -13.46
C ASP B 198 -9.61 38.93 -13.46
N GLU B 199 -9.18 38.14 -14.45
CA GLU B 199 -7.79 37.74 -14.57
C GLU B 199 -7.01 38.62 -15.53
N LYS B 200 -7.67 39.58 -16.18
CA LYS B 200 -7.02 40.47 -17.14
C LYS B 200 -6.27 39.67 -18.20
N ALA B 201 -6.91 38.61 -18.69
CA ALA B 201 -6.24 37.73 -19.63
C ALA B 201 -7.27 36.95 -20.43
N ILE B 202 -6.87 36.56 -21.62
CA ILE B 202 -7.65 35.69 -22.49
C ILE B 202 -6.95 34.33 -22.51
N VAL B 203 -7.60 33.33 -21.98
CA VAL B 203 -7.06 31.98 -22.03
C VAL B 203 -7.35 31.38 -23.40
N ARG B 204 -6.40 30.62 -23.91
CA ARG B 204 -6.62 29.78 -25.06
C ARG B 204 -6.17 28.39 -24.66
N ASN B 205 -6.88 27.38 -25.14
CA ASN B 205 -6.60 26.00 -24.76
C ASN B 205 -7.41 25.10 -25.69
N SER B 206 -7.18 23.80 -25.54
CA SER B 206 -7.82 22.78 -26.36
C SER B 206 -8.38 21.71 -25.43
N LEU B 207 -9.52 21.14 -25.81
CA LEU B 207 -10.09 20.02 -25.07
C LEU B 207 -9.92 18.80 -25.96
N ILE B 208 -9.03 17.90 -25.56
CA ILE B 208 -8.69 16.69 -26.31
C ILE B 208 -9.08 15.48 -25.49
N SER B 209 -9.92 14.61 -26.07
CA SER B 209 -10.33 13.38 -25.40
C SER B 209 -10.76 13.68 -23.97
N GLY B 210 -11.43 14.81 -23.78
CA GLY B 210 -12.03 15.16 -22.51
C GLY B 210 -11.13 15.82 -21.50
N GLU B 211 -9.94 16.29 -21.88
CA GLU B 211 -9.12 17.09 -20.97
C GLU B 211 -8.53 18.30 -21.65
N PHE B 212 -8.33 19.35 -20.86
CA PHE B 212 -7.70 20.57 -21.35
C PHE B 212 -6.17 20.46 -21.30
N GLY B 213 -5.51 21.21 -22.18
CA GLY B 213 -4.07 21.27 -22.26
C GLY B 213 -3.48 22.38 -21.41
N ASN B 214 -2.28 22.83 -21.80
CA ASN B 214 -1.44 23.59 -20.87
C ASN B 214 -2.08 24.91 -20.48
N GLU B 215 -2.55 25.68 -21.48
CA GLU B 215 -3.27 26.96 -21.34
C GLU B 215 -2.35 28.15 -21.64
N GLU B 216 -2.68 28.90 -22.69
CA GLU B 216 -1.88 30.03 -23.15
C GLU B 216 -2.62 31.33 -22.82
N ARG B 217 -1.96 32.25 -22.10
CA ARG B 217 -2.64 33.44 -21.62
C ARG B 217 -1.90 34.76 -21.88
N GLU B 218 -0.75 34.75 -22.54
CA GLU B 218 -0.03 36.01 -22.64
C GLU B 218 -0.74 36.93 -23.63
N GLY B 219 -0.56 38.23 -23.42
CA GLY B 219 -1.15 39.24 -24.29
C GLY B 219 -2.10 40.11 -23.48
N LYS B 220 -1.94 41.43 -23.62
CA LYS B 220 -2.81 42.34 -22.91
C LYS B 220 -4.23 42.20 -23.42
N ASN B 221 -5.18 42.12 -22.50
CA ASN B 221 -6.59 41.96 -22.82
C ASN B 221 -7.13 43.14 -23.63
N PRO B 222 -7.48 42.96 -24.92
CA PRO B 222 -8.04 44.08 -25.69
C PRO B 222 -9.51 44.34 -25.41
N LEU B 223 -10.24 43.37 -24.91
CA LEU B 223 -11.68 43.55 -24.71
C LEU B 223 -11.96 44.51 -23.55
N GLU B 224 -13.19 45.03 -23.53
CA GLU B 224 -13.64 45.93 -22.49
C GLU B 224 -15.10 45.65 -22.22
N LYS B 225 -15.46 45.57 -20.94
CA LYS B 225 -16.85 45.36 -20.57
C LYS B 225 -17.75 46.41 -21.21
N GLY B 226 -18.91 45.98 -21.71
CA GLY B 226 -19.86 46.91 -22.27
C GLY B 226 -19.49 47.51 -23.60
N ILE B 227 -18.41 47.04 -24.23
CA ILE B 227 -17.88 47.59 -25.47
C ILE B 227 -17.90 46.52 -26.54
N GLY B 228 -18.38 46.89 -27.76
CA GLY B 228 -18.45 45.93 -28.85
C GLY B 228 -17.09 45.54 -29.42
N CYS B 229 -17.01 44.34 -29.99
CA CYS B 229 -15.76 43.81 -30.52
C CYS B 229 -16.04 42.92 -31.73
N ASP B 230 -15.10 42.96 -32.67
CA ASP B 230 -15.07 42.10 -33.85
C ASP B 230 -13.97 41.07 -33.61
N LEU B 231 -14.35 39.81 -33.53
CA LEU B 231 -13.43 38.70 -33.31
C LEU B 231 -13.34 37.90 -34.59
N GLU B 232 -12.13 37.83 -35.16
CA GLU B 232 -11.85 36.99 -36.31
C GLU B 232 -10.94 35.86 -35.85
N PHE B 233 -11.39 34.62 -36.06
CA PHE B 233 -10.58 33.44 -35.90
C PHE B 233 -10.14 33.02 -37.30
N ARG B 234 -8.94 33.44 -37.66
CA ARG B 234 -8.42 33.21 -39.01
C ARG B 234 -7.67 31.89 -39.01
N ASN B 235 -8.30 30.86 -39.52
CA ASN B 235 -7.67 29.55 -39.56
C ASN B 235 -6.60 29.52 -40.65
N GLU B 236 -5.36 29.22 -40.26
CA GLU B 236 -4.26 29.02 -41.19
C GLU B 236 -3.62 27.64 -41.00
N GLU B 237 -2.59 27.36 -41.81
CA GLU B 237 -2.12 25.98 -41.90
C GLU B 237 -1.36 25.53 -40.67
N TYR B 238 -0.72 26.45 -39.92
CA TYR B 238 -0.03 26.08 -38.68
C TYR B 238 -0.67 26.63 -37.43
N ALA B 239 -1.59 27.60 -37.53
CA ALA B 239 -2.14 28.23 -36.35
C ALA B 239 -3.43 28.94 -36.69
N PHE B 240 -4.20 29.22 -35.64
CA PHE B 240 -5.27 30.20 -35.70
C PHE B 240 -4.64 31.56 -35.48
N GLN B 241 -4.83 32.49 -36.40
CA GLN B 241 -4.52 33.88 -36.12
C GLN B 241 -5.78 34.51 -35.55
N ILE B 242 -5.71 34.97 -34.31
CA ILE B 242 -6.85 35.49 -33.58
C ILE B 242 -6.84 37.01 -33.66
N TYR B 243 -7.78 37.60 -34.39
CA TYR B 243 -7.87 39.04 -34.57
C TYR B 243 -8.99 39.64 -33.73
N VAL B 244 -8.69 40.74 -33.06
CA VAL B 244 -9.67 41.45 -32.26
C VAL B 244 -9.62 42.91 -32.70
N ASP B 245 -10.78 43.44 -33.10
CA ASP B 245 -10.86 44.83 -33.56
C ASP B 245 -9.80 45.13 -34.60
N GLY B 246 -9.51 44.14 -35.45
CA GLY B 246 -8.65 44.34 -36.61
C GLY B 246 -7.17 44.32 -36.33
N GLU B 247 -6.75 44.06 -35.09
CA GLU B 247 -5.34 43.89 -34.76
C GLU B 247 -5.10 42.48 -34.27
N ARG B 248 -4.01 41.87 -34.74
CA ARG B 248 -3.69 40.51 -34.33
C ARG B 248 -3.41 40.46 -32.84
N PHE B 249 -4.11 39.58 -32.15
CA PHE B 249 -3.96 39.52 -30.71
C PHE B 249 -3.20 38.29 -30.23
N ALA B 250 -3.28 37.19 -30.95
CA ALA B 250 -2.56 35.99 -30.54
C ALA B 250 -2.47 35.09 -31.76
N THR B 251 -1.51 34.18 -31.73
CA THR B 251 -1.55 33.04 -32.62
C THR B 251 -1.65 31.81 -31.74
N TYR B 252 -2.48 30.87 -32.17
CA TYR B 252 -2.62 29.61 -31.47
C TYR B 252 -2.23 28.51 -32.44
N ALA B 253 -1.11 27.86 -32.17
CA ALA B 253 -0.69 26.73 -32.99
C ALA B 253 -1.69 25.60 -32.86
N HIS B 254 -1.89 24.86 -33.94
CA HIS B 254 -2.90 23.81 -33.91
C HIS B 254 -2.45 22.64 -33.05
N ARG B 255 -3.36 22.18 -32.18
CA ARG B 255 -3.16 20.96 -31.41
C ARG B 255 -3.93 19.78 -31.98
N LEU B 256 -4.92 20.05 -32.82
CA LEU B 256 -5.60 19.04 -33.61
C LEU B 256 -5.54 19.50 -35.05
N ASP B 257 -5.66 18.53 -35.98
CA ASP B 257 -5.89 18.79 -37.41
C ASP B 257 -6.78 20.02 -37.53
N PRO B 258 -6.36 21.03 -38.30
CA PRO B 258 -7.18 22.24 -38.48
C PRO B 258 -8.35 22.09 -39.44
N HIS B 259 -8.60 20.91 -40.00
CA HIS B 259 -9.71 20.68 -40.91
C HIS B 259 -10.93 20.13 -40.17
N ASP B 260 -12.08 20.14 -40.84
CA ASP B 260 -13.32 19.57 -40.29
C ASP B 260 -13.72 20.20 -38.95
N ILE B 261 -13.45 21.49 -38.76
CA ILE B 261 -13.95 22.19 -37.59
C ILE B 261 -15.34 22.69 -37.95
N ASN B 262 -16.36 21.97 -37.49
CA ASN B 262 -17.74 22.20 -37.90
C ASN B 262 -18.68 22.41 -36.72
N GLY B 263 -18.14 22.71 -35.55
CA GLY B 263 -18.96 22.99 -34.38
C GLY B 263 -18.61 24.32 -33.75
N LEU B 264 -19.62 24.95 -33.16
CA LEU B 264 -19.40 26.24 -32.51
C LEU B 264 -20.25 26.29 -31.26
N GLN B 265 -19.63 26.70 -30.14
CA GLN B 265 -20.36 27.04 -28.93
C GLN B 265 -19.93 28.40 -28.43
N ILE B 266 -20.89 29.16 -27.92
CA ILE B 266 -20.66 30.45 -27.29
C ILE B 266 -21.44 30.48 -25.98
N GLY B 267 -20.77 30.92 -24.90
CA GLY B 267 -21.32 30.89 -23.55
C GLY B 267 -20.66 31.95 -22.67
N GLY B 268 -21.19 32.11 -21.46
CA GLY B 268 -20.68 33.10 -20.54
C GLY B 268 -21.37 34.46 -20.69
N ASP B 269 -20.69 35.48 -20.16
CA ASP B 269 -21.30 36.82 -20.01
C ASP B 269 -21.03 37.66 -21.26
N VAL B 270 -21.76 37.35 -22.33
CA VAL B 270 -21.56 38.02 -23.62
C VAL B 270 -22.90 38.12 -24.33
N GLU B 271 -23.08 39.22 -25.06
CA GLU B 271 -24.15 39.38 -26.03
C GLU B 271 -23.56 39.16 -27.42
N VAL B 272 -24.19 38.31 -28.23
CA VAL B 272 -23.71 38.01 -29.58
C VAL B 272 -24.65 38.64 -30.60
N THR B 273 -24.11 39.49 -31.50
CA THR B 273 -24.93 40.19 -32.48
C THR B 273 -24.63 39.85 -33.93
N GLY B 274 -23.64 39.01 -34.19
CA GLY B 274 -23.36 38.61 -35.55
C GLY B 274 -22.33 37.48 -35.63
N ILE B 275 -22.52 36.61 -36.62
CA ILE B 275 -21.72 35.41 -36.82
C ILE B 275 -21.67 35.17 -38.31
N GLN B 276 -20.47 35.11 -38.89
CA GLN B 276 -20.43 34.82 -40.31
C GLN B 276 -19.12 34.12 -40.65
N MET B 277 -19.21 33.22 -41.62
CA MET B 277 -18.04 32.51 -42.13
C MET B 277 -17.57 33.23 -43.39
N VAL B 278 -16.30 33.63 -43.38
CA VAL B 278 -15.63 34.30 -44.50
C VAL B 278 -14.42 33.42 -44.84
N GLU C 4 12.97 -4.24 -17.32
CA GLU C 4 13.94 -3.96 -18.38
C GLU C 4 13.86 -2.51 -18.85
N THR C 5 15.00 -1.83 -18.84
CA THR C 5 15.14 -0.44 -19.23
C THR C 5 15.96 -0.29 -20.51
N ASN C 6 15.87 -1.29 -21.40
CA ASN C 6 16.96 -1.55 -22.32
C ASN C 6 18.21 -1.68 -21.46
N TYR C 7 19.35 -1.15 -21.94
CA TYR C 7 20.58 -1.00 -21.18
C TYR C 7 20.70 -1.95 -19.98
N PRO C 8 20.71 -3.27 -20.17
CA PRO C 8 20.86 -4.17 -19.02
C PRO C 8 22.22 -3.97 -18.39
N VAL C 9 22.32 -4.27 -17.10
CA VAL C 9 23.60 -4.26 -16.39
C VAL C 9 24.00 -5.70 -16.11
N PRO C 10 25.24 -6.11 -16.44
CA PRO C 10 26.32 -5.24 -16.97
C PRO C 10 26.17 -4.85 -18.45
N TYR C 11 26.25 -3.54 -18.71
CA TYR C 11 26.14 -2.98 -20.05
C TYR C 11 27.53 -2.80 -20.63
N ARG C 12 27.85 -3.52 -21.70
CA ARG C 12 29.12 -3.35 -22.40
C ARG C 12 28.85 -2.93 -23.85
N SER C 13 29.49 -1.84 -24.26
CA SER C 13 29.37 -1.32 -25.61
C SER C 13 30.75 -1.28 -26.25
N LYS C 14 30.81 -1.57 -27.53
CA LYS C 14 32.06 -1.57 -28.28
C LYS C 14 32.11 -0.29 -29.12
N LEU C 15 33.18 0.48 -28.94
CA LEU C 15 33.33 1.72 -29.68
C LEU C 15 33.52 1.44 -31.17
N THR C 16 32.97 2.33 -31.99
CA THR C 16 33.15 2.23 -33.43
C THR C 16 34.56 2.61 -33.82
N GLU C 17 35.07 3.68 -33.23
CA GLU C 17 36.41 4.18 -33.45
C GLU C 17 36.92 4.60 -32.09
N PRO C 18 38.23 4.65 -31.87
CA PRO C 18 38.73 4.95 -30.53
C PRO C 18 38.17 6.27 -30.02
N PHE C 19 38.03 6.35 -28.70
CA PHE C 19 37.59 7.57 -28.03
C PHE C 19 38.56 8.71 -28.34
N GLU C 20 38.02 9.86 -28.73
CA GLU C 20 38.90 10.90 -29.23
C GLU C 20 38.73 12.20 -28.46
N PRO C 21 39.77 13.02 -28.38
CA PRO C 21 39.64 14.36 -27.80
C PRO C 21 38.46 15.12 -28.39
N GLY C 22 37.64 15.72 -27.51
CA GLY C 22 36.47 16.47 -27.91
C GLY C 22 35.17 15.68 -27.88
N GLN C 23 35.25 14.36 -27.79
CA GLN C 23 34.07 13.52 -27.72
C GLN C 23 33.61 13.36 -26.27
N THR C 24 32.31 13.14 -26.08
CA THR C 24 31.75 12.97 -24.74
C THR C 24 30.95 11.68 -24.64
N LEU C 25 31.09 10.99 -23.50
CA LEU C 25 30.28 9.82 -23.18
C LEU C 25 29.29 10.20 -22.09
N ILE C 26 27.99 10.02 -22.37
CA ILE C 26 26.92 10.40 -21.44
C ILE C 26 26.31 9.13 -20.88
N ILE C 27 26.19 9.08 -19.55
CA ILE C 27 25.51 7.98 -18.86
C ILE C 27 24.57 8.63 -17.85
N LYS C 28 23.27 8.46 -18.05
CA LYS C 28 22.25 8.80 -17.06
C LYS C 28 21.60 7.50 -16.59
N GLY C 29 21.02 7.53 -15.41
CA GLY C 29 20.39 6.33 -14.89
C GLY C 29 19.74 6.57 -13.54
N LYS C 30 19.18 5.49 -13.00
CA LYS C 30 18.41 5.53 -11.77
C LYS C 30 19.06 4.62 -10.74
N THR C 31 19.12 5.09 -9.50
CA THR C 31 19.59 4.29 -8.37
C THR C 31 18.43 3.95 -7.44
N ALA C 32 18.67 3.01 -6.53
CA ALA C 32 17.66 2.54 -5.60
C ALA C 32 17.99 2.99 -4.17
N GLU C 33 16.98 2.91 -3.31
CA GLU C 33 17.17 3.32 -1.92
C GLU C 33 18.21 2.44 -1.23
N ASP C 34 18.48 1.24 -1.76
CA ASP C 34 19.51 0.36 -1.23
C ASP C 34 20.71 0.23 -2.17
N SER C 35 20.87 1.16 -3.10
CA SER C 35 22.03 1.14 -4.01
C SER C 35 23.33 1.38 -3.23
N VAL C 36 24.31 0.50 -3.42
CA VAL C 36 25.59 0.62 -2.75
C VAL C 36 26.64 1.27 -3.63
N ARG C 37 26.76 0.81 -4.89
CA ARG C 37 27.77 1.32 -5.80
C ARG C 37 27.39 0.99 -7.23
N PHE C 38 27.85 1.85 -8.16
CA PHE C 38 27.91 1.50 -9.58
C PHE C 38 29.22 2.00 -10.14
N THR C 39 29.65 1.38 -11.24
CA THR C 39 30.93 1.68 -11.87
C THR C 39 30.73 2.05 -13.33
N ILE C 40 31.65 2.85 -13.85
CA ILE C 40 31.73 3.20 -15.27
C ILE C 40 33.19 3.06 -15.67
N ASN C 41 33.47 2.16 -16.61
CA ASN C 41 34.84 1.86 -17.02
C ASN C 41 34.99 2.20 -18.49
N LEU C 42 36.09 2.88 -18.85
CA LEU C 42 36.53 2.96 -20.24
C LEU C 42 37.74 2.07 -20.38
N HIS C 43 37.69 1.13 -21.31
CA HIS C 43 38.70 0.08 -21.29
C HIS C 43 38.85 -0.50 -22.67
N ASN C 44 39.80 -1.42 -22.80
CA ASN C 44 40.01 -2.23 -23.99
C ASN C 44 39.72 -3.68 -23.63
N THR C 45 40.03 -4.59 -24.54
CA THR C 45 39.78 -6.01 -24.35
C THR C 45 40.87 -6.85 -25.02
N ASN C 52 41.59 -6.65 -18.95
CA ASN C 52 42.89 -5.97 -18.96
C ASN C 52 42.72 -4.47 -18.73
N ASP C 53 43.25 -3.64 -19.64
CA ASP C 53 43.54 -2.24 -19.30
C ASP C 53 42.28 -1.38 -19.17
N VAL C 54 42.27 -0.52 -18.15
CA VAL C 54 41.17 0.40 -17.90
C VAL C 54 41.72 1.81 -17.71
N PRO C 55 41.79 2.63 -18.77
CA PRO C 55 42.32 4.00 -18.61
C PRO C 55 41.50 4.86 -17.66
N LEU C 56 40.20 4.61 -17.56
CA LEU C 56 39.36 5.35 -16.61
C LEU C 56 38.43 4.36 -15.94
N HIS C 57 38.54 4.26 -14.61
CA HIS C 57 37.61 3.54 -13.76
C HIS C 57 36.93 4.57 -12.87
N ILE C 58 35.61 4.62 -12.89
CA ILE C 58 34.85 5.54 -12.06
C ILE C 58 33.97 4.70 -11.16
N SER C 59 34.12 4.90 -9.84
CA SER C 59 33.33 4.20 -8.83
C SER C 59 32.58 5.25 -8.02
N VAL C 60 31.26 5.28 -8.18
CA VAL C 60 30.38 6.12 -7.40
C VAL C 60 29.95 5.29 -6.19
N ARG C 61 30.41 5.67 -5.01
CA ARG C 61 30.26 4.89 -3.79
C ARG C 61 29.24 5.59 -2.88
N PHE C 62 28.05 4.99 -2.73
CA PHE C 62 27.09 5.47 -1.76
C PHE C 62 27.42 5.05 -0.33
N ASP C 63 28.17 3.96 -0.16
CA ASP C 63 28.59 3.59 1.19
C ASP C 63 29.63 4.59 1.71
N GLU C 64 30.73 4.75 0.99
CA GLU C 64 31.75 5.71 1.37
C GLU C 64 31.38 7.15 1.03
N GLY C 65 30.33 7.37 0.24
CA GLY C 65 29.94 8.74 -0.12
C GLY C 65 30.94 9.52 -0.95
N LYS C 66 31.74 8.86 -1.80
CA LYS C 66 32.66 9.56 -2.67
C LYS C 66 32.62 8.97 -4.08
N ILE C 67 33.06 9.77 -5.04
CA ILE C 67 33.33 9.28 -6.40
C ILE C 67 34.81 9.02 -6.50
N VAL C 68 35.18 7.82 -6.94
CA VAL C 68 36.57 7.38 -6.99
C VAL C 68 36.96 7.15 -8.44
N PHE C 69 38.09 7.74 -8.83
CA PHE C 69 38.63 7.65 -10.18
C PHE C 69 39.96 6.91 -10.11
N ASN C 70 40.19 6.04 -11.06
CA ASN C 70 41.41 5.27 -11.05
C ASN C 70 41.73 4.81 -12.45
N THR C 71 42.89 4.17 -12.59
CA THR C 71 43.34 3.54 -13.81
C THR C 71 43.87 2.16 -13.43
N PHE C 72 43.61 1.19 -14.28
CA PHE C 72 44.06 -0.18 -14.10
C PHE C 72 44.92 -0.47 -15.31
N SER C 73 46.23 -0.62 -15.07
CA SER C 73 47.17 -0.95 -16.13
C SER C 73 48.16 -1.96 -15.57
N LYS C 74 48.62 -2.87 -16.42
CA LYS C 74 49.63 -3.84 -16.04
C LYS C 74 49.17 -4.66 -14.82
N GLY C 75 47.88 -4.96 -14.75
CA GLY C 75 47.38 -5.86 -13.73
C GLY C 75 47.15 -5.26 -12.36
N GLU C 76 47.27 -3.94 -12.20
CA GLU C 76 47.05 -3.36 -10.88
C GLU C 76 46.42 -1.99 -11.02
N PHE C 77 45.70 -1.57 -9.98
CA PHE C 77 45.22 -0.20 -9.90
C PHE C 77 46.33 0.72 -9.39
N GLY C 78 46.33 1.95 -9.88
CA GLY C 78 47.22 2.97 -9.38
C GLY C 78 46.61 3.66 -8.18
N LYS C 79 47.06 4.89 -7.95
CA LYS C 79 46.61 5.61 -6.78
C LYS C 79 45.24 6.21 -7.03
N GLU C 80 44.34 6.06 -6.05
CA GLU C 80 43.00 6.58 -6.25
C GLU C 80 43.01 8.10 -6.23
N GLU C 81 42.01 8.68 -6.88
CA GLU C 81 41.70 10.10 -6.81
C GLU C 81 40.22 10.25 -6.51
N ARG C 82 39.86 11.09 -5.55
CA ARG C 82 38.51 11.09 -5.05
C ARG C 82 37.90 12.48 -5.10
N LYS C 83 36.59 12.50 -5.28
CA LYS C 83 35.77 13.69 -5.14
C LYS C 83 34.51 13.31 -4.38
N SER C 84 33.78 14.33 -3.94
CA SER C 84 32.57 14.09 -3.17
C SER C 84 31.43 13.61 -4.07
N ASN C 85 30.74 12.55 -3.64
CA ASN C 85 29.53 12.07 -4.30
C ASN C 85 28.36 12.98 -3.93
N PRO C 86 27.80 13.75 -4.87
CA PRO C 86 26.63 14.58 -4.54
C PRO C 86 25.32 13.81 -4.41
N TYR C 87 25.25 12.57 -4.86
CA TYR C 87 24.00 11.84 -4.86
C TYR C 87 23.81 11.08 -3.55
N LYS C 88 22.58 11.10 -3.04
CA LYS C 88 22.20 10.16 -2.01
C LYS C 88 21.56 8.95 -2.67
N LYS C 89 21.45 7.84 -1.94
CA LYS C 89 20.89 6.63 -2.53
C LYS C 89 19.46 6.89 -3.02
N GLY C 90 19.03 6.12 -4.01
CA GLY C 90 17.88 6.49 -4.81
C GLY C 90 18.27 7.76 -5.56
N ASP C 91 17.33 8.31 -6.33
CA ASP C 91 17.52 9.59 -7.04
C ASP C 91 18.46 9.37 -8.24
N ASP C 92 18.10 9.97 -9.37
CA ASP C 92 18.73 9.67 -10.65
C ASP C 92 20.11 10.31 -10.72
N ILE C 93 20.95 9.79 -11.64
CA ILE C 93 22.33 10.27 -11.84
C ILE C 93 22.52 10.68 -13.29
N ASP C 94 23.50 11.58 -13.51
CA ASP C 94 23.83 12.10 -14.84
C ASP C 94 25.33 12.37 -14.85
N ILE C 95 26.10 11.44 -15.41
CA ILE C 95 27.55 11.55 -15.44
C ILE C 95 28.00 11.63 -16.90
N ARG C 96 28.88 12.58 -17.19
CA ARG C 96 29.32 12.83 -18.54
C ARG C 96 30.82 13.06 -18.58
N ILE C 97 31.48 12.31 -19.46
CA ILE C 97 32.93 12.19 -19.49
C ILE C 97 33.41 12.75 -20.84
N ARG C 98 34.02 13.92 -20.83
CA ARG C 98 34.59 14.49 -22.04
C ARG C 98 36.08 14.18 -22.07
N ALA C 99 36.53 13.51 -23.12
CA ALA C 99 37.96 13.29 -23.31
C ALA C 99 38.61 14.53 -23.90
N HIS C 100 39.81 14.85 -23.41
CA HIS C 100 40.64 15.88 -24.02
C HIS C 100 42.03 15.32 -24.30
N ASP C 101 42.97 16.16 -24.73
CA ASP C 101 44.28 15.63 -25.08
C ASP C 101 45.14 15.35 -23.85
N SER C 102 44.88 16.02 -22.73
CA SER C 102 45.68 15.80 -21.52
C SER C 102 44.89 15.14 -20.39
N LYS C 103 43.58 15.00 -20.53
CA LYS C 103 42.80 14.41 -19.45
C LYS C 103 41.35 14.20 -19.85
N PHE C 104 40.58 13.61 -18.94
CA PHE C 104 39.13 13.54 -19.02
C PHE C 104 38.53 14.61 -18.12
N SER C 105 37.47 15.25 -18.61
CA SER C 105 36.65 16.15 -17.80
C SER C 105 35.35 15.42 -17.50
N ILE C 106 35.10 15.15 -16.22
CA ILE C 106 33.88 14.50 -15.81
C ILE C 106 32.94 15.55 -15.22
N SER C 107 31.69 15.53 -15.66
CA SER C 107 30.65 16.39 -15.13
C SER C 107 29.61 15.54 -14.41
N VAL C 108 28.98 16.11 -13.40
CA VAL C 108 27.95 15.44 -12.61
C VAL C 108 26.74 16.37 -12.58
N ASP C 109 25.60 15.87 -13.05
CA ASP C 109 24.42 16.72 -13.26
C ASP C 109 24.79 17.97 -14.03
N GLN C 110 25.70 17.80 -15.00
CA GLN C 110 26.10 18.80 -16.00
C GLN C 110 27.01 19.89 -15.45
N LYS C 111 27.63 19.66 -14.31
CA LYS C 111 28.59 20.57 -13.70
C LYS C 111 29.91 19.84 -13.58
N GLU C 112 30.98 20.44 -14.13
CA GLU C 112 32.32 19.90 -14.02
C GLU C 112 32.69 19.68 -12.55
N VAL C 113 33.15 18.48 -12.20
CA VAL C 113 33.62 18.17 -10.85
C VAL C 113 35.03 17.61 -10.81
N LYS C 114 35.55 17.07 -11.91
CA LYS C 114 36.85 16.40 -11.87
C LYS C 114 37.55 16.51 -13.22
N GLU C 115 38.81 16.93 -13.18
CA GLU C 115 39.75 16.68 -14.26
C GLU C 115 40.65 15.55 -13.81
N TYR C 116 40.83 14.56 -14.68
CA TYR C 116 41.62 13.37 -14.39
C TYR C 116 42.64 13.22 -15.50
N GLU C 117 43.91 13.49 -15.20
CA GLU C 117 44.96 13.43 -16.19
C GLU C 117 45.15 12.01 -16.70
N HIS C 118 45.42 11.88 -18.01
CA HIS C 118 45.67 10.56 -18.57
C HIS C 118 46.88 9.90 -17.92
N ARG C 119 46.75 8.60 -17.67
CA ARG C 119 47.80 7.71 -17.16
C ARG C 119 48.39 6.82 -18.22
N VAL C 120 47.54 6.32 -19.12
CA VAL C 120 47.90 5.40 -20.21
C VAL C 120 47.19 5.95 -21.44
N PRO C 121 47.48 5.49 -22.64
CA PRO C 121 46.94 6.18 -23.84
C PRO C 121 45.42 6.14 -23.91
N LEU C 122 44.85 7.32 -24.12
CA LEU C 122 43.42 7.43 -24.40
C LEU C 122 43.00 6.56 -25.59
N SER C 123 43.93 6.32 -26.54
CA SER C 123 43.63 5.48 -27.70
C SER C 123 43.33 4.04 -27.31
N SER C 124 43.73 3.64 -26.09
CA SER C 124 43.36 2.34 -25.52
C SER C 124 41.88 2.19 -25.25
N VAL C 125 41.14 3.29 -25.13
CA VAL C 125 39.72 3.17 -24.82
C VAL C 125 39.03 2.63 -26.06
N THR C 126 38.74 1.32 -26.10
CA THR C 126 38.00 0.72 -27.20
C THR C 126 36.58 0.31 -26.82
N HIS C 127 36.26 0.27 -25.52
CA HIS C 127 34.96 -0.15 -25.01
C HIS C 127 34.60 0.72 -23.82
N PHE C 128 33.34 0.66 -23.41
CA PHE C 128 33.01 1.12 -22.07
C PHE C 128 31.95 0.22 -21.48
N SER C 129 31.95 0.12 -20.15
CA SER C 129 31.07 -0.78 -19.44
C SER C 129 30.50 -0.09 -18.23
N VAL C 130 29.23 -0.36 -17.93
CA VAL C 130 28.54 0.15 -16.76
C VAL C 130 28.03 -1.04 -15.97
N ASP C 131 28.16 -0.98 -14.64
CA ASP C 131 27.82 -2.13 -13.82
C ASP C 131 27.44 -1.65 -12.43
N GLY C 132 26.79 -2.52 -11.67
CA GLY C 132 26.48 -2.21 -10.29
C GLY C 132 25.04 -1.81 -10.06
N ASP C 133 24.82 -1.17 -8.91
CA ASP C 133 23.48 -0.83 -8.44
C ASP C 133 22.99 0.43 -9.15
N ILE C 134 22.73 0.28 -10.45
CA ILE C 134 22.14 1.35 -11.25
C ILE C 134 21.17 0.75 -12.24
N LEU C 135 20.10 1.48 -12.53
CA LEU C 135 19.20 1.21 -13.67
C LEU C 135 19.52 2.24 -14.74
N ILE C 136 20.18 1.81 -15.82
CA ILE C 136 20.61 2.75 -16.85
C ILE C 136 19.43 3.12 -17.72
N THR C 137 19.15 4.42 -17.82
CA THR C 137 18.11 4.91 -18.70
C THR C 137 18.63 5.61 -19.95
N TYR C 138 19.90 6.03 -19.98
CA TYR C 138 20.37 6.75 -21.16
C TYR C 138 21.87 6.61 -21.30
N ILE C 139 22.32 6.27 -22.51
CA ILE C 139 23.73 6.26 -22.87
C ILE C 139 23.87 6.86 -24.26
N HIS C 140 24.95 7.60 -24.47
CA HIS C 140 25.34 8.12 -25.76
C HIS C 140 26.80 8.54 -25.69
N TRP C 141 27.48 8.43 -26.82
CA TRP C 141 28.80 9.01 -26.95
C TRP C 141 28.93 9.57 -28.35
N GLY C 142 29.77 10.59 -28.47
CA GLY C 142 29.89 11.35 -29.69
C GLY C 142 30.29 12.77 -29.34
N GLY C 143 30.05 13.67 -30.28
CA GLY C 143 30.53 15.03 -30.16
C GLY C 143 31.92 15.24 -30.75
N LYS C 144 32.33 16.51 -30.72
CA LYS C 144 33.67 16.91 -31.14
C LYS C 144 33.91 18.32 -30.62
N TYR C 145 35.12 18.85 -30.88
CA TYR C 145 35.32 20.26 -30.65
C TYR C 145 34.54 21.04 -31.71
N TYR C 146 33.56 21.80 -31.27
CA TYR C 146 32.69 22.52 -32.18
C TYR C 146 33.06 24.00 -32.13
N PRO C 147 33.61 24.56 -33.20
CA PRO C 147 34.03 25.96 -33.15
C PRO C 147 32.81 26.88 -33.07
N VAL C 148 32.91 27.89 -32.20
CA VAL C 148 31.84 28.87 -32.02
C VAL C 148 32.43 30.26 -32.23
N PRO C 149 31.82 31.12 -33.05
CA PRO C 149 30.60 30.98 -33.83
C PRO C 149 30.64 29.78 -34.75
N TYR C 150 29.51 29.08 -34.82
CA TYR C 150 29.38 27.83 -35.54
C TYR C 150 28.42 28.04 -36.70
N GLU C 151 28.69 27.34 -37.80
CA GLU C 151 27.93 27.49 -39.02
C GLU C 151 28.11 26.23 -39.87
N SER C 152 27.00 25.61 -40.29
CA SER C 152 27.09 24.43 -41.15
C SER C 152 25.77 24.17 -41.86
N GLY C 153 25.84 23.30 -42.86
CA GLY C 153 24.62 22.75 -43.43
C GLY C 153 24.11 21.58 -42.63
N LEU C 154 22.82 21.29 -42.79
CA LEU C 154 22.20 20.15 -42.16
C LEU C 154 22.07 19.03 -43.18
N ALA C 155 22.50 17.83 -42.79
CA ALA C 155 22.34 16.59 -43.54
C ALA C 155 22.02 16.77 -45.01
N GLY C 156 20.83 16.33 -45.40
CA GLY C 156 20.34 16.49 -46.76
C GLY C 156 18.85 16.68 -46.69
N ASP C 157 18.22 16.00 -45.72
CA ASP C 157 16.85 16.29 -45.38
C ASP C 157 16.72 17.52 -44.50
N GLY C 158 17.81 17.94 -43.85
CA GLY C 158 17.76 19.00 -42.88
C GLY C 158 16.80 18.68 -41.74
N LEU C 159 16.32 19.73 -41.10
CA LEU C 159 15.43 19.57 -39.96
C LEU C 159 14.01 19.78 -40.46
N ALA C 160 13.35 18.68 -40.74
CA ALA C 160 12.00 18.66 -41.29
C ALA C 160 11.02 18.15 -40.25
N PRO C 161 9.72 18.38 -40.44
CA PRO C 161 8.73 17.82 -39.52
C PRO C 161 8.93 16.32 -39.36
N GLY C 162 8.87 15.86 -38.11
CA GLY C 162 9.21 14.49 -37.78
C GLY C 162 10.64 14.27 -37.34
N LYS C 163 11.51 15.25 -37.55
CA LYS C 163 12.93 15.23 -37.22
C LYS C 163 13.20 16.18 -36.04
N SER C 164 14.25 15.87 -35.27
CA SER C 164 14.65 16.72 -34.15
C SER C 164 16.13 17.02 -34.21
N LEU C 165 16.49 18.23 -33.81
CA LEU C 165 17.89 18.63 -33.64
C LEU C 165 18.24 18.64 -32.16
N LEU C 166 19.27 17.87 -31.80
CA LEU C 166 19.75 17.79 -30.42
C LEU C 166 21.06 18.56 -30.29
N ILE C 167 21.07 19.59 -29.45
CA ILE C 167 22.29 20.38 -29.23
C ILE C 167 22.68 20.26 -27.77
N PHE C 168 23.91 19.88 -27.51
CA PHE C 168 24.42 19.92 -26.15
C PHE C 168 25.32 21.13 -26.09
N ALA C 169 25.12 21.99 -25.10
CA ALA C 169 25.87 23.23 -24.98
C ALA C 169 26.17 23.49 -23.51
N THR C 170 27.21 24.29 -23.27
CA THR C 170 27.44 24.86 -21.94
C THR C 170 27.59 26.37 -22.03
N PRO C 171 26.59 27.14 -21.59
CA PRO C 171 26.73 28.59 -21.64
C PRO C 171 27.83 29.03 -20.71
N GLU C 172 28.60 30.02 -21.17
CA GLU C 172 29.82 30.37 -20.45
C GLU C 172 29.52 30.94 -19.07
N LYS C 173 30.40 30.58 -18.12
CA LYS C 173 30.24 30.92 -16.71
C LYS C 173 30.12 32.42 -16.50
N LYS C 174 30.74 33.22 -17.38
CA LYS C 174 30.58 34.67 -17.37
C LYS C 174 30.07 35.16 -18.73
N GLY C 175 29.06 34.49 -19.29
CA GLY C 175 28.46 34.93 -20.53
C GLY C 175 27.19 35.70 -20.27
N LYS C 176 26.75 36.47 -21.27
CA LYS C 176 25.48 37.16 -21.16
C LYS C 176 24.42 36.59 -22.08
N ARG C 177 24.77 36.17 -23.31
CA ARG C 177 23.76 35.56 -24.16
C ARG C 177 24.42 34.74 -25.25
N PHE C 178 23.60 33.89 -25.88
CA PHE C 178 23.99 33.11 -27.04
C PHE C 178 22.71 32.83 -27.83
N HIS C 179 22.87 32.28 -29.03
CA HIS C 179 21.71 32.03 -29.86
C HIS C 179 21.97 30.89 -30.82
N ILE C 180 20.89 30.24 -31.22
CA ILE C 180 20.87 29.21 -32.23
C ILE C 180 19.94 29.66 -33.35
N ASN C 181 20.38 29.53 -34.60
CA ASN C 181 19.56 29.82 -35.77
C ASN C 181 19.29 28.56 -36.56
N LEU C 182 18.02 28.23 -36.79
CA LEU C 182 17.63 27.17 -37.71
C LEU C 182 17.20 27.84 -39.01
N LEU C 183 17.96 27.64 -40.08
CA LEU C 183 17.86 28.50 -41.26
C LEU C 183 17.29 27.77 -42.47
N LYS C 184 16.85 28.59 -43.42
CA LYS C 184 16.41 28.16 -44.74
C LYS C 184 17.43 28.63 -45.79
N LYS C 185 17.37 28.01 -46.97
CA LYS C 185 18.33 28.29 -48.04
C LYS C 185 18.48 29.78 -48.31
N ASN C 186 17.37 30.49 -48.45
CA ASN C 186 17.55 31.90 -48.79
C ASN C 186 18.00 32.73 -47.63
N GLY C 187 18.49 32.18 -46.51
CA GLY C 187 18.95 32.98 -45.40
C GLY C 187 17.87 33.41 -44.43
N ASP C 188 16.61 33.15 -44.73
CA ASP C 188 15.60 33.33 -43.70
C ASP C 188 15.99 32.47 -42.49
N ILE C 189 15.51 32.88 -41.31
CA ILE C 189 15.72 32.11 -40.09
C ILE C 189 14.34 31.66 -39.64
N ALA C 190 14.06 30.38 -39.83
CA ALA C 190 12.78 29.80 -39.38
C ALA C 190 12.61 29.91 -37.88
N LEU C 191 13.67 29.66 -37.11
CA LEU C 191 13.65 29.83 -35.65
C LEU C 191 14.96 30.44 -35.18
N HIS C 192 14.81 31.54 -34.45
CA HIS C 192 15.89 32.19 -33.73
C HIS C 192 15.64 31.92 -32.26
N PHE C 193 16.66 31.43 -31.55
CA PHE C 193 16.52 30.96 -30.18
C PHE C 193 17.67 31.54 -29.38
N ASN C 194 17.36 32.40 -28.40
CA ASN C 194 18.29 33.41 -27.90
C ASN C 194 18.19 33.59 -26.40
N PRO C 195 18.70 32.64 -25.62
CA PRO C 195 18.74 32.83 -24.16
C PRO C 195 19.54 34.07 -23.78
N ARG C 196 18.95 34.90 -22.93
CA ARG C 196 19.56 36.15 -22.48
C ARG C 196 19.58 36.15 -20.95
N PHE C 197 20.76 35.97 -20.37
CA PHE C 197 20.84 35.86 -18.92
C PHE C 197 20.59 37.19 -18.23
N ASP C 198 20.86 38.30 -18.91
CA ASP C 198 20.66 39.60 -18.30
C ASP C 198 19.24 40.13 -18.50
N GLU C 199 18.42 39.50 -19.34
CA GLU C 199 16.99 39.76 -19.33
C GLU C 199 16.20 38.57 -18.83
N LYS C 200 16.90 37.54 -18.33
CA LYS C 200 16.29 36.40 -17.65
C LYS C 200 15.15 35.80 -18.47
N ALA C 201 15.36 35.73 -19.79
CA ALA C 201 14.38 35.16 -20.70
C ALA C 201 15.09 34.59 -21.92
N ILE C 202 14.42 33.65 -22.58
CA ILE C 202 14.86 33.12 -23.86
C ILE C 202 13.95 33.67 -24.95
N VAL C 203 14.52 34.45 -25.85
CA VAL C 203 13.79 35.11 -26.92
C VAL C 203 13.69 34.15 -28.09
N ARG C 204 12.47 33.98 -28.61
CA ARG C 204 12.23 33.22 -29.83
C ARG C 204 11.69 34.16 -30.90
N ASN C 205 12.11 33.94 -32.14
CA ASN C 205 11.70 34.81 -33.24
C ASN C 205 12.14 34.17 -34.55
N SER C 206 11.74 34.81 -35.65
CA SER C 206 12.07 34.38 -36.99
C SER C 206 12.46 35.59 -37.81
N LEU C 207 13.35 35.37 -38.78
CA LEU C 207 13.83 36.43 -39.66
C LEU C 207 13.28 36.17 -41.06
N ILE C 208 12.48 37.10 -41.57
CA ILE C 208 11.83 36.96 -42.86
C ILE C 208 12.19 38.19 -43.67
N SER C 209 12.77 37.97 -44.84
CA SER C 209 13.28 39.03 -45.72
C SER C 209 14.00 40.10 -44.92
N GLY C 210 14.96 39.67 -44.10
CA GLY C 210 15.79 40.61 -43.38
C GLY C 210 15.11 41.36 -42.25
N GLU C 211 13.98 40.88 -41.74
CA GLU C 211 13.26 41.56 -40.69
C GLU C 211 12.69 40.55 -39.68
N PHE C 212 12.87 40.86 -38.39
CA PHE C 212 12.41 40.01 -37.29
C PHE C 212 10.95 40.26 -36.96
N GLY C 213 10.22 39.18 -36.70
CA GLY C 213 8.83 39.27 -36.29
C GLY C 213 8.65 39.81 -34.90
N ASN C 214 7.54 39.49 -34.23
CA ASN C 214 7.23 40.09 -32.93
C ASN C 214 8.36 39.92 -31.91
N GLU C 215 8.51 38.70 -31.36
CA GLU C 215 9.46 38.28 -30.31
C GLU C 215 8.69 37.51 -29.24
N GLU C 216 8.76 36.17 -29.25
CA GLU C 216 8.11 35.37 -28.22
C GLU C 216 9.11 35.07 -27.12
N ARG C 217 8.86 35.58 -25.89
CA ARG C 217 9.82 35.42 -24.80
C ARG C 217 9.16 35.02 -23.48
N GLU C 218 7.95 34.47 -23.51
CA GLU C 218 7.30 34.07 -22.27
C GLU C 218 7.89 32.75 -21.78
N GLY C 219 8.15 32.67 -20.49
CA GLY C 219 8.71 31.48 -19.88
C GLY C 219 9.96 31.75 -19.04
N LYS C 220 10.09 31.07 -17.91
CA LYS C 220 11.24 31.29 -17.04
C LYS C 220 12.46 30.57 -17.60
N ASN C 221 13.59 31.29 -17.68
CA ASN C 221 14.88 30.80 -18.17
C ASN C 221 15.38 29.65 -17.30
N PRO C 222 15.29 28.40 -17.76
CA PRO C 222 15.85 27.29 -17.00
C PRO C 222 17.37 27.14 -17.12
N LEU C 223 18.02 27.79 -18.10
CA LEU C 223 19.46 27.63 -18.25
C LEU C 223 20.20 28.29 -17.07
N GLU C 224 21.49 27.98 -16.96
CA GLU C 224 22.28 28.39 -15.81
C GLU C 224 23.73 28.55 -16.23
N LYS C 225 24.31 29.74 -16.05
CA LYS C 225 25.70 29.98 -16.46
C LYS C 225 26.61 28.86 -15.96
N GLY C 226 27.53 28.45 -16.81
CA GLY C 226 28.54 27.46 -16.45
C GLY C 226 28.06 26.04 -16.26
N ILE C 227 26.78 25.74 -16.48
CA ILE C 227 26.34 24.35 -16.37
C ILE C 227 25.72 23.92 -17.70
N GLY C 228 26.04 22.69 -18.13
CA GLY C 228 25.63 22.23 -19.44
C GLY C 228 24.11 22.10 -19.55
N CYS C 229 23.60 22.24 -20.78
CA CYS C 229 22.19 22.03 -21.01
C CYS C 229 21.99 21.02 -22.13
N ASP C 230 20.77 20.47 -22.20
CA ASP C 230 20.34 19.59 -23.29
C ASP C 230 19.24 20.31 -24.04
N LEU C 231 19.52 20.76 -25.25
CA LEU C 231 18.55 21.50 -26.04
C LEU C 231 18.02 20.62 -27.17
N GLU C 232 16.70 20.59 -27.32
CA GLU C 232 16.05 19.75 -28.30
C GLU C 232 15.04 20.58 -29.08
N PHE C 233 15.26 20.71 -30.38
CA PHE C 233 14.33 21.41 -31.27
C PHE C 233 13.56 20.36 -32.07
N ARG C 234 12.33 20.08 -31.64
CA ARG C 234 11.50 19.05 -32.27
C ARG C 234 10.61 19.70 -33.32
N ASN C 235 10.91 19.43 -34.57
CA ASN C 235 10.16 19.94 -35.70
C ASN C 235 8.90 19.08 -35.90
N GLU C 236 7.74 19.61 -35.53
CA GLU C 236 6.47 18.92 -35.78
C GLU C 236 5.71 19.68 -36.87
N GLU C 237 4.49 19.19 -37.19
CA GLU C 237 3.83 19.69 -38.40
C GLU C 237 3.31 21.11 -38.25
N TYR C 238 2.93 21.53 -37.02
CA TYR C 238 2.43 22.89 -36.80
C TYR C 238 3.37 23.77 -36.00
N ALA C 239 4.26 23.21 -35.17
CA ALA C 239 5.14 24.02 -34.34
C ALA C 239 6.43 23.28 -34.03
N PHE C 240 7.49 24.04 -33.77
CA PHE C 240 8.64 23.49 -33.08
C PHE C 240 8.28 23.27 -31.62
N GLN C 241 8.63 22.10 -31.08
CA GLN C 241 8.56 21.86 -29.63
C GLN C 241 9.97 21.92 -29.09
N ILE C 242 10.24 22.91 -28.26
CA ILE C 242 11.60 23.23 -27.81
C ILE C 242 11.76 22.67 -26.41
N TYR C 243 12.64 21.67 -26.27
CA TYR C 243 12.91 21.04 -24.99
C TYR C 243 14.19 21.56 -24.38
N VAL C 244 14.22 21.64 -23.05
CA VAL C 244 15.40 22.06 -22.30
C VAL C 244 15.57 21.10 -21.13
N ASP C 245 16.71 20.43 -21.07
CA ASP C 245 17.04 19.49 -20.00
C ASP C 245 15.88 18.55 -19.71
N GLY C 246 15.34 17.96 -20.79
CA GLY C 246 14.36 16.91 -20.69
C GLY C 246 12.91 17.34 -20.65
N GLU C 247 12.61 18.62 -20.39
CA GLU C 247 11.21 19.05 -20.42
C GLU C 247 10.97 20.17 -21.45
N ARG C 248 9.68 20.34 -21.78
CA ARG C 248 9.24 21.19 -22.88
C ARG C 248 9.21 22.63 -22.40
N PHE C 249 10.12 23.44 -22.93
CA PHE C 249 10.22 24.84 -22.52
C PHE C 249 9.15 25.70 -23.18
N ALA C 250 8.90 25.45 -24.47
CA ALA C 250 8.00 26.30 -25.24
C ALA C 250 7.66 25.58 -26.54
N THR C 251 6.60 26.06 -27.21
CA THR C 251 6.34 25.74 -28.61
C THR C 251 6.37 27.03 -29.37
N TYR C 252 6.70 26.94 -30.67
CA TYR C 252 6.90 28.10 -31.52
C TYR C 252 6.21 27.79 -32.85
N ALA C 253 5.03 28.36 -33.05
CA ALA C 253 4.26 28.05 -34.24
C ALA C 253 5.06 28.39 -35.49
N HIS C 254 4.94 27.55 -36.51
CA HIS C 254 5.70 27.77 -37.73
C HIS C 254 5.26 29.06 -38.40
N ARG C 255 6.25 29.92 -38.68
CA ARG C 255 6.02 31.11 -39.48
C ARG C 255 6.57 30.97 -40.89
N LEU C 256 7.33 29.92 -41.15
CA LEU C 256 7.77 29.57 -42.48
C LEU C 256 7.48 28.09 -42.67
N ASP C 257 7.27 27.69 -43.92
CA ASP C 257 7.13 26.28 -44.23
C ASP C 257 8.24 25.50 -43.50
N PRO C 258 7.88 24.52 -42.65
CA PRO C 258 8.89 23.84 -41.82
C PRO C 258 9.76 22.85 -42.59
N HIS C 259 9.63 22.84 -43.91
CA HIS C 259 10.48 22.00 -44.74
C HIS C 259 11.67 22.79 -45.22
N ASP C 260 12.69 22.05 -45.66
CA ASP C 260 13.91 22.61 -46.21
C ASP C 260 14.65 23.49 -45.20
N ILE C 261 14.63 23.13 -43.91
CA ILE C 261 15.47 23.84 -42.94
C ILE C 261 16.85 23.18 -42.99
N ASN C 262 17.81 23.85 -43.65
CA ASN C 262 19.08 23.25 -44.07
C ASN C 262 20.33 23.95 -43.54
N GLY C 263 20.22 24.86 -42.61
CA GLY C 263 21.38 25.57 -42.10
C GLY C 263 21.31 25.67 -40.60
N LEU C 264 22.49 25.74 -39.98
CA LEU C 264 22.59 25.87 -38.54
C LEU C 264 23.66 26.90 -38.21
N GLN C 265 23.31 27.80 -37.28
CA GLN C 265 24.20 28.80 -36.73
C GLN C 265 24.10 28.73 -35.22
N ILE C 266 25.25 28.87 -34.54
CA ILE C 266 25.30 29.06 -33.10
C ILE C 266 26.35 30.13 -32.85
N GLY C 267 25.98 31.16 -32.09
CA GLY C 267 26.88 32.25 -31.80
C GLY C 267 26.71 32.70 -30.36
N GLY C 268 27.62 33.58 -29.95
CA GLY C 268 27.53 34.17 -28.63
C GLY C 268 28.26 33.33 -27.60
N ASP C 269 27.99 33.64 -26.34
CA ASP C 269 28.79 33.13 -25.22
C ASP C 269 28.39 31.70 -24.87
N VAL C 270 28.80 30.77 -25.72
CA VAL C 270 28.41 29.40 -25.46
C VAL C 270 29.49 28.45 -25.96
N GLU C 271 29.59 27.31 -25.28
CA GLU C 271 30.41 26.18 -25.68
C GLU C 271 29.52 25.03 -26.19
N VAL C 272 29.78 24.54 -27.40
CA VAL C 272 28.96 23.49 -28.03
C VAL C 272 29.77 22.17 -28.05
N THR C 273 29.27 21.13 -27.36
CA THR C 273 29.98 19.85 -27.24
C THR C 273 29.35 18.70 -28.03
N GLY C 274 28.08 18.82 -28.41
CA GLY C 274 27.41 17.78 -29.19
C GLY C 274 26.33 18.33 -30.09
N ILE C 275 26.17 17.70 -31.23
CA ILE C 275 25.08 18.01 -32.17
C ILE C 275 24.65 16.69 -32.80
N GLN C 276 23.36 16.38 -32.72
CA GLN C 276 22.87 15.21 -33.45
C GLN C 276 21.56 15.56 -34.11
N MET C 277 21.36 14.96 -35.25
CA MET C 277 20.18 15.16 -36.07
C MET C 277 19.44 13.85 -36.05
N VAL C 278 18.27 13.84 -35.44
CA VAL C 278 17.57 12.61 -35.19
C VAL C 278 16.30 12.61 -36.03
N ASN D 6 -5.05 -11.08 -26.17
CA ASN D 6 -4.11 -11.93 -26.89
C ASN D 6 -2.66 -11.50 -26.64
N TYR D 7 -1.73 -12.23 -27.30
CA TYR D 7 -0.29 -11.99 -27.34
C TYR D 7 0.26 -11.39 -26.05
N PRO D 8 0.21 -12.12 -24.94
CA PRO D 8 0.68 -11.54 -23.67
C PRO D 8 2.18 -11.21 -23.72
N VAL D 9 2.55 -10.09 -23.10
CA VAL D 9 3.96 -9.74 -23.00
C VAL D 9 4.50 -10.25 -21.66
N PRO D 10 5.76 -10.73 -21.60
CA PRO D 10 6.71 -10.83 -22.72
C PRO D 10 6.25 -11.79 -23.83
N TYR D 11 6.33 -11.37 -25.10
CA TYR D 11 5.92 -12.20 -26.21
C TYR D 11 7.15 -12.69 -26.97
N ARG D 12 7.11 -13.95 -27.39
CA ARG D 12 8.29 -14.54 -28.00
C ARG D 12 7.83 -15.64 -28.96
N SER D 13 8.41 -15.67 -30.16
CA SER D 13 8.06 -16.62 -31.20
C SER D 13 9.30 -17.15 -31.91
N LYS D 14 9.31 -18.43 -32.21
CA LYS D 14 10.36 -19.00 -33.05
C LYS D 14 9.92 -19.00 -34.50
N LEU D 15 10.83 -18.64 -35.39
CA LEU D 15 10.53 -18.58 -36.81
C LEU D 15 10.63 -19.98 -37.42
N THR D 16 9.63 -20.35 -38.23
CA THR D 16 9.66 -21.64 -38.90
C THR D 16 10.60 -21.65 -40.12
N GLU D 17 10.83 -20.48 -40.71
CA GLU D 17 11.79 -20.24 -41.77
C GLU D 17 12.75 -19.12 -41.34
N PRO D 18 13.91 -19.00 -41.97
CA PRO D 18 14.73 -17.81 -41.72
C PRO D 18 14.07 -16.57 -42.31
N PHE D 19 14.28 -15.43 -41.64
CA PHE D 19 13.80 -14.13 -42.09
C PHE D 19 14.48 -13.74 -43.40
N GLU D 20 13.78 -13.76 -44.53
CA GLU D 20 14.45 -13.54 -45.80
C GLU D 20 14.21 -12.13 -46.34
N PRO D 21 15.07 -11.64 -47.25
CA PRO D 21 14.81 -10.32 -47.84
C PRO D 21 13.45 -10.34 -48.54
N GLY D 22 12.72 -9.21 -48.44
CA GLY D 22 11.38 -9.11 -48.95
C GLY D 22 10.27 -9.42 -47.96
N GLN D 23 10.57 -10.03 -46.82
CA GLN D 23 9.54 -10.29 -45.85
C GLN D 23 9.41 -9.09 -44.91
N THR D 24 8.21 -8.92 -44.38
CA THR D 24 7.91 -7.84 -43.46
C THR D 24 7.41 -8.42 -42.14
N LEU D 25 7.87 -7.84 -41.03
CA LEU D 25 7.33 -8.12 -39.71
C LEU D 25 6.45 -6.94 -39.28
N ILE D 26 5.17 -7.20 -39.05
CA ILE D 26 4.19 -6.18 -38.67
C ILE D 26 3.83 -6.37 -37.20
N ILE D 27 3.81 -5.27 -36.46
CA ILE D 27 3.51 -5.28 -35.04
C ILE D 27 2.63 -4.08 -34.74
N LYS D 28 1.37 -4.33 -34.35
CA LYS D 28 0.45 -3.27 -33.93
C LYS D 28 0.13 -3.46 -32.46
N GLY D 29 -0.19 -2.36 -31.78
CA GLY D 29 -0.38 -2.44 -30.36
C GLY D 29 -0.94 -1.16 -29.78
N LYS D 30 -1.30 -1.25 -28.50
CA LYS D 30 -1.81 -0.13 -27.72
C LYS D 30 -0.89 0.11 -26.53
N THR D 31 -0.89 1.35 -26.07
CA THR D 31 -0.10 1.75 -24.93
C THR D 31 -1.01 2.52 -23.99
N ALA D 32 -0.53 2.68 -22.76
CA ALA D 32 -1.28 3.37 -21.71
C ALA D 32 -0.73 4.78 -21.55
N GLU D 33 -1.45 5.59 -20.76
CA GLU D 33 -0.97 6.94 -20.51
C GLU D 33 0.27 6.96 -19.63
N ASP D 34 0.56 5.85 -18.93
CA ASP D 34 1.76 5.71 -18.12
C ASP D 34 2.82 4.80 -18.75
N SER D 35 2.54 4.21 -19.92
CA SER D 35 3.55 3.46 -20.68
C SER D 35 4.84 4.27 -20.76
N VAL D 36 5.98 3.61 -20.59
CA VAL D 36 7.27 4.29 -20.62
C VAL D 36 8.13 3.79 -21.78
N ARG D 37 8.22 2.48 -21.99
CA ARG D 37 9.10 1.91 -23.00
C ARG D 37 8.56 0.56 -23.43
N PHE D 38 8.76 0.24 -24.71
CA PHE D 38 8.63 -1.15 -25.12
C PHE D 38 9.73 -1.47 -26.12
N THR D 39 9.93 -2.75 -26.35
CA THR D 39 11.05 -3.23 -27.15
C THR D 39 10.56 -4.20 -28.23
N ILE D 40 11.31 -4.29 -29.31
CA ILE D 40 11.12 -5.30 -30.34
C ILE D 40 12.50 -5.83 -30.68
N ASN D 41 12.71 -7.15 -30.56
CA ASN D 41 14.02 -7.71 -30.82
C ASN D 41 13.91 -8.78 -31.90
N LEU D 42 14.86 -8.76 -32.82
CA LEU D 42 15.09 -9.87 -33.75
C LEU D 42 16.40 -10.51 -33.33
N HIS D 43 16.34 -11.76 -32.91
CA HIS D 43 17.45 -12.35 -32.17
C HIS D 43 17.49 -13.85 -32.40
N ASN D 44 18.53 -14.47 -31.89
CA ASN D 44 18.63 -15.93 -31.86
C ASN D 44 18.81 -16.39 -30.43
N THR D 45 18.99 -17.70 -30.26
CA THR D 45 19.24 -18.30 -28.95
C THR D 45 20.24 -19.42 -29.07
N ASN D 52 21.54 -14.65 -26.71
CA ASN D 52 22.82 -14.25 -27.30
C ASN D 52 22.54 -13.20 -28.40
N ASP D 53 22.85 -13.48 -29.68
CA ASP D 53 22.90 -12.44 -30.70
C ASP D 53 21.53 -11.81 -30.99
N VAL D 54 21.49 -10.48 -30.97
CA VAL D 54 20.30 -9.69 -31.35
C VAL D 54 20.66 -8.85 -32.58
N PRO D 55 20.41 -9.37 -33.79
CA PRO D 55 20.70 -8.58 -35.00
C PRO D 55 20.03 -7.22 -35.05
N LEU D 56 18.78 -7.11 -34.59
CA LEU D 56 18.12 -5.79 -34.56
C LEU D 56 17.35 -5.66 -33.27
N HIS D 57 17.69 -4.65 -32.49
CA HIS D 57 17.01 -4.33 -31.24
C HIS D 57 16.33 -2.98 -31.42
N ILE D 58 15.03 -2.93 -31.15
CA ILE D 58 14.26 -1.70 -31.29
C ILE D 58 13.70 -1.30 -29.92
N SER D 59 14.08 -0.11 -29.47
CA SER D 59 13.56 0.44 -28.23
C SER D 59 12.74 1.69 -28.53
N VAL D 60 11.45 1.65 -28.21
CA VAL D 60 10.55 2.79 -28.36
C VAL D 60 10.44 3.43 -26.98
N ARG D 61 11.04 4.59 -26.81
CA ARG D 61 11.20 5.17 -25.49
C ARG D 61 10.28 6.37 -25.41
N PHE D 62 9.33 6.31 -24.48
CA PHE D 62 8.41 7.42 -24.31
C PHE D 62 8.95 8.49 -23.39
N ASP D 63 9.97 8.15 -22.59
CA ASP D 63 10.66 9.15 -21.78
C ASP D 63 11.49 10.09 -22.65
N GLU D 64 12.49 9.57 -23.36
CA GLU D 64 13.31 10.49 -24.16
C GLU D 64 12.67 10.82 -25.51
N GLY D 65 11.52 10.26 -25.82
CA GLY D 65 10.82 10.65 -27.05
C GLY D 65 11.57 10.25 -28.30
N LYS D 66 12.11 9.02 -28.32
CA LYS D 66 12.89 8.51 -29.43
C LYS D 66 12.60 7.04 -29.65
N ILE D 67 12.87 6.59 -30.86
CA ILE D 67 12.92 5.17 -31.20
C ILE D 67 14.39 4.83 -31.44
N VAL D 68 14.90 3.83 -30.73
CA VAL D 68 16.33 3.55 -30.70
C VAL D 68 16.62 2.15 -31.24
N PHE D 69 17.58 2.07 -32.16
CA PHE D 69 17.96 0.84 -32.83
C PHE D 69 19.38 0.48 -32.43
N ASN D 70 19.63 -0.81 -32.16
CA ASN D 70 20.98 -1.25 -31.89
C ASN D 70 21.12 -2.72 -32.25
N THR D 71 22.33 -3.22 -32.12
CA THR D 71 22.64 -4.61 -32.40
C THR D 71 23.45 -5.15 -31.23
N PHE D 72 23.21 -6.40 -30.85
CA PHE D 72 23.92 -7.07 -29.77
C PHE D 72 24.55 -8.36 -30.31
N SER D 73 25.86 -8.47 -30.16
CA SER D 73 26.62 -9.58 -30.71
C SER D 73 27.93 -9.70 -29.94
N LYS D 74 28.47 -10.91 -29.93
CA LYS D 74 29.70 -11.21 -29.19
C LYS D 74 29.63 -10.64 -27.78
N GLY D 75 28.45 -10.72 -27.16
CA GLY D 75 28.31 -10.24 -25.80
C GLY D 75 28.38 -8.74 -25.59
N GLU D 76 28.10 -7.92 -26.59
CA GLU D 76 28.16 -6.48 -26.39
C GLU D 76 27.25 -5.73 -27.38
N PHE D 77 26.88 -4.52 -26.99
CA PHE D 77 26.08 -3.64 -27.82
C PHE D 77 26.96 -2.80 -28.75
N GLY D 78 26.40 -2.39 -29.88
CA GLY D 78 27.03 -1.44 -30.77
C GLY D 78 26.57 -0.03 -30.43
N LYS D 79 26.77 0.89 -31.37
CA LYS D 79 26.40 2.29 -31.18
C LYS D 79 24.94 2.51 -31.58
N GLU D 80 24.15 3.03 -30.65
CA GLU D 80 22.73 3.23 -30.92
C GLU D 80 22.57 4.22 -32.08
N GLU D 81 21.51 4.02 -32.87
CA GLU D 81 21.06 4.98 -33.86
C GLU D 81 19.64 5.36 -33.50
N ARG D 82 19.34 6.66 -33.55
CA ARG D 82 18.07 7.17 -33.03
C ARG D 82 17.26 7.86 -34.11
N LYS D 83 15.95 7.68 -34.03
CA LYS D 83 14.97 8.44 -34.77
C LYS D 83 14.00 9.07 -33.75
N SER D 84 13.27 10.10 -34.17
CA SER D 84 12.28 10.66 -33.26
C SER D 84 11.09 9.71 -33.09
N ASN D 85 10.47 9.78 -31.90
CA ASN D 85 9.28 8.98 -31.64
C ASN D 85 8.05 9.83 -31.91
N PRO D 86 7.20 9.47 -32.86
CA PRO D 86 6.01 10.31 -33.10
C PRO D 86 4.89 10.03 -32.11
N TYR D 87 4.95 8.91 -31.42
CA TYR D 87 3.89 8.57 -30.51
C TYR D 87 4.09 9.28 -29.18
N LYS D 88 2.98 9.57 -28.52
CA LYS D 88 3.00 9.98 -27.13
C LYS D 88 2.38 8.86 -26.31
N LYS D 89 2.65 8.90 -25.01
CA LYS D 89 2.09 7.91 -24.08
C LYS D 89 0.60 7.73 -24.32
N GLY D 90 0.16 6.48 -24.41
CA GLY D 90 -1.16 6.21 -24.94
C GLY D 90 -1.08 6.14 -26.45
N ASP D 91 -2.23 6.09 -27.09
CA ASP D 91 -2.34 5.95 -28.54
C ASP D 91 -1.63 4.70 -29.12
N ASP D 92 -2.24 4.15 -30.15
CA ASP D 92 -1.82 2.90 -30.75
C ASP D 92 -0.51 3.06 -31.50
N ILE D 93 0.25 1.96 -31.58
CA ILE D 93 1.48 1.95 -32.35
C ILE D 93 1.31 1.01 -33.54
N ASP D 94 2.16 1.25 -34.55
CA ASP D 94 2.20 0.42 -35.75
C ASP D 94 3.62 0.50 -36.31
N ILE D 95 4.41 -0.52 -36.02
CA ILE D 95 5.81 -0.57 -36.39
C ILE D 95 5.99 -1.77 -37.31
N ARG D 96 6.55 -1.55 -38.51
CA ARG D 96 6.77 -2.63 -39.46
C ARG D 96 8.23 -2.73 -39.87
N ILE D 97 8.74 -3.96 -39.94
CA ILE D 97 10.16 -4.22 -40.15
C ILE D 97 10.29 -5.10 -41.38
N ARG D 98 10.80 -4.53 -42.47
CA ARG D 98 10.97 -5.29 -43.71
C ARG D 98 12.45 -5.56 -43.92
N ALA D 99 12.79 -6.83 -44.17
CA ALA D 99 14.17 -7.21 -44.45
C ALA D 99 14.50 -7.01 -45.94
N HIS D 100 15.67 -6.45 -46.20
CA HIS D 100 16.30 -6.42 -47.52
C HIS D 100 17.68 -7.04 -47.43
N ASP D 101 18.40 -7.11 -48.54
CA ASP D 101 19.69 -7.79 -48.45
C ASP D 101 20.79 -6.94 -47.79
N SER D 102 20.64 -5.62 -47.75
CA SER D 102 21.66 -4.78 -47.13
C SER D 102 21.23 -4.15 -45.82
N LYS D 103 19.94 -4.18 -45.50
CA LYS D 103 19.45 -3.47 -44.32
C LYS D 103 18.08 -4.01 -43.94
N PHE D 104 17.58 -3.50 -42.80
CA PHE D 104 16.16 -3.50 -42.42
C PHE D 104 15.57 -2.13 -42.75
N SER D 105 14.35 -2.11 -43.26
CA SER D 105 13.62 -0.87 -43.46
C SER D 105 12.47 -0.83 -42.44
N ILE D 106 12.47 0.16 -41.57
CA ILE D 106 11.49 0.21 -40.48
C ILE D 106 10.48 1.33 -40.73
N SER D 107 9.21 0.97 -40.81
CA SER D 107 8.16 1.95 -41.02
C SER D 107 7.35 2.10 -39.75
N VAL D 108 6.97 3.34 -39.46
CA VAL D 108 6.23 3.69 -38.27
C VAL D 108 4.98 4.42 -38.76
N ASP D 109 3.82 3.93 -38.34
CA ASP D 109 2.55 4.47 -38.86
C ASP D 109 2.56 4.43 -40.38
N GLN D 110 3.12 3.33 -40.91
CA GLN D 110 3.24 3.04 -42.33
C GLN D 110 4.13 4.03 -43.07
N LYS D 111 4.89 4.83 -42.33
CA LYS D 111 5.83 5.78 -42.90
C LYS D 111 7.23 5.24 -42.66
N GLU D 112 7.97 4.99 -43.73
CA GLU D 112 9.34 4.54 -43.59
C GLU D 112 10.16 5.64 -42.95
N VAL D 113 10.78 5.34 -41.80
CA VAL D 113 11.60 6.33 -41.11
C VAL D 113 13.02 5.88 -40.84
N LYS D 114 13.34 4.59 -40.93
CA LYS D 114 14.68 4.16 -40.59
C LYS D 114 15.13 3.05 -41.51
N GLU D 115 16.35 3.19 -42.00
CA GLU D 115 17.03 2.14 -42.71
C GLU D 115 18.23 1.76 -41.88
N TYR D 116 18.29 0.51 -41.47
CA TYR D 116 19.29 0.08 -40.52
C TYR D 116 20.12 -0.98 -41.20
N GLU D 117 21.35 -0.62 -41.52
CA GLU D 117 22.22 -1.54 -42.24
C GLU D 117 22.52 -2.74 -41.37
N HIS D 118 22.54 -3.91 -42.00
CA HIS D 118 22.89 -5.12 -41.26
C HIS D 118 24.27 -4.93 -40.64
N ARG D 119 24.39 -5.27 -39.36
CA ARG D 119 25.69 -5.36 -38.72
C ARG D 119 26.18 -6.81 -38.62
N VAL D 120 25.28 -7.75 -38.35
CA VAL D 120 25.59 -9.17 -38.29
C VAL D 120 24.64 -9.86 -39.24
N PRO D 121 24.83 -11.16 -39.53
CA PRO D 121 24.00 -11.83 -40.53
C PRO D 121 22.50 -11.75 -40.26
N LEU D 122 21.74 -11.42 -41.32
CA LEU D 122 20.29 -11.52 -41.25
C LEU D 122 19.83 -12.93 -40.93
N SER D 123 20.49 -13.96 -41.48
CA SER D 123 20.08 -15.34 -41.26
C SER D 123 20.30 -15.79 -39.83
N SER D 124 20.96 -14.97 -38.99
CA SER D 124 21.05 -15.20 -37.55
C SER D 124 19.73 -15.07 -36.84
N VAL D 125 18.76 -14.38 -37.45
CA VAL D 125 17.50 -14.09 -36.79
C VAL D 125 16.66 -15.36 -36.81
N THR D 126 16.47 -15.96 -35.65
CA THR D 126 15.62 -17.13 -35.52
C THR D 126 14.37 -16.89 -34.69
N HIS D 127 14.29 -15.79 -33.93
CA HIS D 127 13.12 -15.48 -33.12
C HIS D 127 12.79 -13.99 -33.26
N PHE D 128 11.62 -13.60 -32.75
CA PHE D 128 11.41 -12.21 -32.37
C PHE D 128 10.66 -12.14 -31.05
N SER D 129 10.99 -11.12 -30.26
CA SER D 129 10.34 -10.87 -28.98
C SER D 129 9.81 -9.44 -28.94
N VAL D 130 8.76 -9.25 -28.15
CA VAL D 130 8.13 -7.96 -27.92
C VAL D 130 7.82 -7.88 -26.43
N ASP D 131 8.43 -6.93 -25.73
CA ASP D 131 8.18 -6.76 -24.29
C ASP D 131 7.90 -5.30 -23.96
N GLY D 132 7.51 -5.06 -22.70
CA GLY D 132 7.38 -3.71 -22.19
C GLY D 132 5.97 -3.19 -22.04
N ASP D 133 5.81 -1.88 -22.11
CA ASP D 133 4.51 -1.26 -21.83
C ASP D 133 3.69 -1.17 -23.11
N ILE D 134 3.27 -2.34 -23.58
CA ILE D 134 2.50 -2.46 -24.81
C ILE D 134 1.50 -3.60 -24.67
N LEU D 135 0.28 -3.37 -25.14
CA LEU D 135 -0.70 -4.44 -25.32
C LEU D 135 -0.74 -4.78 -26.80
N ILE D 136 -0.16 -5.92 -27.17
CA ILE D 136 -0.05 -6.31 -28.58
C ILE D 136 -1.42 -6.69 -29.12
N THR D 137 -1.83 -6.08 -30.23
CA THR D 137 -3.10 -6.40 -30.84
C THR D 137 -3.00 -7.08 -32.20
N TYR D 138 -1.81 -7.11 -32.80
CA TYR D 138 -1.65 -7.74 -34.10
C TYR D 138 -0.18 -8.01 -34.43
N ILE D 139 0.10 -9.23 -34.86
CA ILE D 139 1.43 -9.65 -35.29
C ILE D 139 1.29 -10.47 -36.56
N HIS D 140 2.20 -10.24 -37.51
CA HIS D 140 2.23 -11.02 -38.73
C HIS D 140 3.60 -10.85 -39.38
N TRP D 141 4.15 -11.95 -39.89
CA TRP D 141 5.39 -11.87 -40.65
C TRP D 141 5.22 -12.71 -41.90
N GLY D 142 5.44 -12.10 -43.04
CA GLY D 142 5.33 -12.81 -44.29
C GLY D 142 5.56 -11.87 -45.44
N GLY D 143 5.03 -12.25 -46.59
CA GLY D 143 5.21 -11.47 -47.78
C GLY D 143 6.50 -11.82 -48.47
N LYS D 144 6.76 -11.08 -49.54
CA LYS D 144 7.91 -11.34 -50.38
C LYS D 144 8.04 -10.13 -51.31
N TYR D 145 9.03 -10.18 -52.19
CA TYR D 145 9.12 -9.15 -53.23
C TYR D 145 8.10 -9.56 -54.28
N TYR D 146 6.97 -8.88 -54.29
CA TYR D 146 5.93 -9.14 -55.26
C TYR D 146 6.19 -8.28 -56.51
N PRO D 147 6.46 -8.87 -57.67
CA PRO D 147 6.71 -8.05 -58.87
C PRO D 147 5.43 -7.37 -59.32
N VAL D 148 5.55 -6.11 -59.73
CA VAL D 148 4.34 -5.51 -60.32
C VAL D 148 4.65 -4.91 -61.70
N PRO D 149 3.76 -5.07 -62.69
CA PRO D 149 2.45 -5.73 -62.66
C PRO D 149 2.44 -7.17 -62.16
N TYR D 150 1.49 -7.45 -61.28
CA TYR D 150 1.36 -8.75 -60.65
C TYR D 150 0.14 -9.46 -61.22
N GLU D 151 0.23 -10.79 -61.27
CA GLU D 151 -0.80 -11.70 -61.75
C GLU D 151 -0.76 -12.97 -60.93
N SER D 152 -1.91 -13.47 -60.51
CA SER D 152 -1.92 -14.70 -59.74
C SER D 152 -3.31 -15.28 -59.75
N GLY D 153 -3.39 -16.58 -59.51
CA GLY D 153 -4.64 -17.19 -59.14
C GLY D 153 -4.86 -17.08 -57.65
N LEU D 154 -6.10 -17.27 -57.24
CA LEU D 154 -6.46 -17.32 -55.83
C LEU D 154 -6.85 -18.75 -55.51
N ALA D 155 -6.30 -19.28 -54.41
CA ALA D 155 -6.43 -20.63 -53.88
C ALA D 155 -7.07 -21.62 -54.84
N GLY D 156 -8.08 -22.35 -54.37
CA GLY D 156 -8.83 -23.22 -55.25
C GLY D 156 -10.22 -22.64 -55.40
N ASP D 157 -10.85 -22.44 -54.26
CA ASP D 157 -12.01 -21.57 -54.05
C ASP D 157 -11.79 -20.17 -54.64
N GLY D 158 -10.87 -19.41 -54.07
CA GLY D 158 -10.78 -17.99 -54.35
C GLY D 158 -11.44 -17.11 -53.32
N LEU D 159 -12.03 -16.00 -53.75
CA LEU D 159 -12.59 -15.00 -52.86
C LEU D 159 -14.11 -15.05 -52.98
N ALA D 160 -14.78 -15.62 -51.98
CA ALA D 160 -16.23 -15.80 -52.01
C ALA D 160 -16.84 -14.99 -50.88
N PRO D 161 -18.18 -14.90 -50.79
CA PRO D 161 -18.78 -14.24 -49.62
C PRO D 161 -18.33 -14.90 -48.32
N GLY D 162 -17.90 -14.09 -47.36
CA GLY D 162 -17.36 -14.59 -46.12
C GLY D 162 -15.85 -14.60 -46.05
N LYS D 163 -15.17 -14.19 -47.13
CA LYS D 163 -13.71 -14.15 -47.20
C LYS D 163 -13.24 -12.75 -47.57
N SER D 164 -12.00 -12.43 -47.18
CA SER D 164 -11.38 -11.13 -47.44
C SER D 164 -10.04 -11.32 -48.11
N LEU D 165 -9.78 -10.57 -49.19
CA LEU D 165 -8.44 -10.49 -49.76
C LEU D 165 -7.71 -9.32 -49.11
N LEU D 166 -6.66 -9.61 -48.35
CA LEU D 166 -5.83 -8.58 -47.72
C LEU D 166 -4.65 -8.27 -48.61
N ILE D 167 -4.38 -6.98 -48.81
CA ILE D 167 -3.26 -6.56 -49.64
C ILE D 167 -2.52 -5.45 -48.92
N PHE D 168 -1.22 -5.62 -48.74
CA PHE D 168 -0.37 -4.60 -48.13
C PHE D 168 0.46 -3.96 -49.23
N ALA D 169 0.34 -2.65 -49.37
CA ALA D 169 0.91 -1.98 -50.52
C ALA D 169 1.32 -0.58 -50.11
N THR D 170 2.21 0.01 -50.90
CA THR D 170 2.66 1.38 -50.70
C THR D 170 2.57 2.09 -52.04
N PRO D 171 1.63 3.02 -52.20
CA PRO D 171 1.57 3.77 -53.44
C PRO D 171 2.86 4.54 -53.61
N GLU D 172 3.42 4.48 -54.81
CA GLU D 172 4.73 5.07 -55.05
C GLU D 172 4.70 6.57 -54.81
N LYS D 173 5.81 7.08 -54.28
CA LYS D 173 5.93 8.48 -53.85
C LYS D 173 5.59 9.48 -54.95
N LYS D 174 6.05 9.23 -56.17
CA LYS D 174 5.69 10.09 -57.29
C LYS D 174 4.79 9.36 -58.29
N GLY D 175 3.90 8.53 -57.76
CA GLY D 175 2.95 7.85 -58.60
C GLY D 175 1.71 8.68 -58.87
N LYS D 176 1.00 8.28 -59.93
CA LYS D 176 -0.27 8.86 -60.33
C LYS D 176 -1.45 7.98 -59.93
N ARG D 177 -1.39 6.70 -60.25
CA ARG D 177 -2.47 5.80 -59.96
C ARG D 177 -1.98 4.36 -60.03
N PHE D 178 -2.81 3.46 -59.52
CA PHE D 178 -2.59 2.03 -59.63
C PHE D 178 -3.96 1.38 -59.57
N HIS D 179 -3.99 0.09 -59.93
CA HIS D 179 -5.25 -0.63 -59.89
C HIS D 179 -5.06 -2.02 -59.30
N ILE D 180 -6.15 -2.53 -58.75
CA ILE D 180 -6.29 -3.92 -58.39
C ILE D 180 -7.53 -4.48 -59.09
N ASN D 181 -7.40 -5.67 -59.66
CA ASN D 181 -8.50 -6.33 -60.35
C ASN D 181 -8.76 -7.65 -59.65
N LEU D 182 -10.02 -7.88 -59.28
CA LEU D 182 -10.51 -9.19 -58.83
C LEU D 182 -11.32 -9.78 -59.97
N LEU D 183 -10.93 -10.96 -60.42
CA LEU D 183 -11.36 -11.48 -61.71
C LEU D 183 -12.05 -12.83 -61.55
N LYS D 184 -13.04 -13.04 -62.40
CA LYS D 184 -13.68 -14.33 -62.63
C LYS D 184 -12.92 -15.08 -63.72
N LYS D 185 -13.33 -16.35 -63.91
CA LYS D 185 -12.59 -17.24 -64.81
C LYS D 185 -12.54 -16.71 -66.24
N ASN D 186 -13.66 -16.18 -66.76
CA ASN D 186 -13.64 -15.75 -68.17
C ASN D 186 -12.88 -14.48 -68.41
N GLY D 187 -12.18 -13.92 -67.42
CA GLY D 187 -11.52 -12.64 -67.61
C GLY D 187 -12.34 -11.45 -67.20
N ASP D 188 -13.62 -11.62 -66.91
CA ASP D 188 -14.40 -10.54 -66.32
C ASP D 188 -13.72 -10.04 -65.05
N ILE D 189 -13.92 -8.77 -64.74
CA ILE D 189 -13.39 -8.15 -63.53
C ILE D 189 -14.58 -7.81 -62.62
N ALA D 190 -14.83 -8.69 -61.65
CA ALA D 190 -15.84 -8.42 -60.62
C ALA D 190 -15.62 -7.05 -59.99
N LEU D 191 -14.37 -6.71 -59.66
CA LEU D 191 -14.07 -5.44 -59.01
C LEU D 191 -12.74 -4.90 -59.51
N HIS D 192 -12.79 -3.69 -60.08
CA HIS D 192 -11.65 -2.93 -60.53
C HIS D 192 -11.50 -1.79 -59.54
N PHE D 193 -10.42 -1.81 -58.78
CA PHE D 193 -10.18 -0.86 -57.70
C PHE D 193 -9.00 0.01 -58.10
N ASN D 194 -9.22 1.32 -58.25
CA ASN D 194 -8.34 2.18 -59.05
C ASN D 194 -8.13 3.56 -58.40
N PRO D 195 -7.25 3.66 -57.40
CA PRO D 195 -6.93 4.97 -56.81
C PRO D 195 -6.26 5.89 -57.81
N ARG D 196 -6.77 7.11 -57.95
CA ARG D 196 -6.19 8.07 -58.89
C ARG D 196 -5.84 9.35 -58.15
N PHE D 197 -4.55 9.58 -57.88
CA PHE D 197 -4.17 10.70 -57.03
C PHE D 197 -4.39 12.03 -57.74
N ASP D 198 -4.27 12.04 -59.06
CA ASP D 198 -4.56 13.23 -59.84
C ASP D 198 -6.04 13.56 -59.89
N GLU D 199 -6.94 12.61 -59.63
CA GLU D 199 -8.37 12.90 -59.54
C GLU D 199 -8.87 12.94 -58.10
N LYS D 200 -7.99 12.67 -57.13
CA LYS D 200 -8.38 12.70 -55.73
C LYS D 200 -9.55 11.74 -55.50
N ALA D 201 -9.46 10.54 -56.10
CA ALA D 201 -10.58 9.62 -56.05
C ALA D 201 -10.11 8.19 -56.31
N ILE D 202 -10.89 7.25 -55.78
CA ILE D 202 -10.71 5.82 -56.03
C ILE D 202 -11.87 5.37 -56.90
N VAL D 203 -11.55 5.04 -58.15
CA VAL D 203 -12.57 4.65 -59.11
C VAL D 203 -12.89 3.17 -58.92
N ARG D 204 -14.17 2.85 -58.80
CA ARG D 204 -14.62 1.46 -58.74
C ARG D 204 -15.52 1.15 -59.92
N ASN D 205 -15.37 -0.06 -60.46
CA ASN D 205 -15.98 -0.42 -61.74
C ASN D 205 -15.77 -1.91 -61.99
N SER D 206 -16.59 -2.47 -62.88
CA SER D 206 -16.51 -3.88 -63.21
C SER D 206 -16.39 -4.03 -64.73
N LEU D 207 -15.60 -5.01 -65.16
CA LEU D 207 -15.43 -5.30 -66.59
C LEU D 207 -16.25 -6.54 -66.90
N ILE D 208 -17.21 -6.40 -67.81
CA ILE D 208 -18.18 -7.44 -68.12
C ILE D 208 -18.21 -7.62 -69.64
N SER D 209 -17.80 -8.80 -70.11
CA SER D 209 -17.72 -9.09 -71.54
C SER D 209 -16.96 -7.99 -72.27
N GLY D 210 -15.84 -7.55 -71.70
CA GLY D 210 -14.94 -6.64 -72.37
C GLY D 210 -15.32 -5.17 -72.37
N GLU D 211 -16.23 -4.72 -71.50
CA GLU D 211 -16.55 -3.31 -71.41
C GLU D 211 -16.81 -2.92 -69.96
N PHE D 212 -16.36 -1.72 -69.60
CA PHE D 212 -16.54 -1.19 -68.26
C PHE D 212 -17.94 -0.64 -68.08
N GLY D 213 -18.43 -0.74 -66.84
CA GLY D 213 -19.66 -0.09 -66.42
C GLY D 213 -19.48 1.36 -66.05
N ASN D 214 -20.38 1.86 -65.18
CA ASN D 214 -20.61 3.30 -65.08
C ASN D 214 -19.52 4.05 -64.32
N GLU D 215 -18.84 3.39 -63.35
CA GLU D 215 -17.72 3.95 -62.59
C GLU D 215 -18.20 4.65 -61.33
N GLU D 216 -17.90 4.10 -60.16
CA GLU D 216 -18.34 4.69 -58.90
C GLU D 216 -17.13 5.29 -58.21
N ARG D 217 -17.20 6.60 -57.86
CA ARG D 217 -16.01 7.28 -57.37
C ARG D 217 -16.18 8.09 -56.08
N GLU D 218 -17.35 8.11 -55.46
CA GLU D 218 -17.45 8.98 -54.28
C GLU D 218 -16.65 8.39 -53.13
N GLY D 219 -16.37 9.23 -52.15
CA GLY D 219 -15.53 8.90 -51.00
C GLY D 219 -14.24 9.70 -51.09
N LYS D 220 -13.75 10.17 -49.94
CA LYS D 220 -12.49 10.90 -49.89
C LYS D 220 -11.32 9.92 -49.98
N ASN D 221 -10.35 10.22 -50.86
CA ASN D 221 -9.17 9.37 -51.04
C ASN D 221 -8.38 9.22 -49.74
N PRO D 222 -8.37 8.04 -49.13
CA PRO D 222 -7.60 7.88 -47.89
C PRO D 222 -6.14 7.59 -48.14
N LEU D 223 -5.75 7.18 -49.34
CA LEU D 223 -4.36 6.84 -49.62
C LEU D 223 -3.49 8.09 -49.70
N GLU D 224 -2.18 7.90 -49.50
CA GLU D 224 -1.19 8.96 -49.63
C GLU D 224 0.06 8.42 -50.29
N LYS D 225 0.63 9.20 -51.21
CA LYS D 225 1.83 8.78 -51.92
C LYS D 225 2.95 8.48 -50.92
N GLY D 226 3.62 7.35 -51.11
CA GLY D 226 4.74 7.04 -50.24
C GLY D 226 4.37 6.55 -48.86
N ILE D 227 3.09 6.29 -48.60
CA ILE D 227 2.61 5.88 -47.29
C ILE D 227 1.99 4.51 -47.43
N GLY D 228 2.38 3.58 -46.55
CA GLY D 228 1.79 2.24 -46.61
C GLY D 228 0.29 2.26 -46.33
N CYS D 229 -0.40 1.24 -46.85
CA CYS D 229 -1.83 1.08 -46.61
C CYS D 229 -2.16 -0.39 -46.49
N ASP D 230 -3.14 -0.72 -45.64
CA ASP D 230 -3.70 -2.06 -45.54
C ASP D 230 -5.04 -2.09 -46.28
N LEU D 231 -5.11 -2.81 -47.40
CA LEU D 231 -6.32 -2.87 -48.21
C LEU D 231 -7.04 -4.18 -47.93
N GLU D 232 -8.30 -4.11 -47.50
CA GLU D 232 -9.10 -5.30 -47.30
C GLU D 232 -10.31 -5.25 -48.22
N PHE D 233 -10.43 -6.26 -49.07
CA PHE D 233 -11.59 -6.46 -49.93
C PHE D 233 -12.45 -7.53 -49.29
N ARG D 234 -13.49 -7.11 -48.55
CA ARG D 234 -14.31 -8.00 -47.72
C ARG D 234 -15.54 -8.42 -48.51
N ASN D 235 -15.54 -9.64 -49.00
CA ASN D 235 -16.62 -10.13 -49.85
C ASN D 235 -17.80 -10.61 -49.00
N GLU D 236 -18.93 -9.95 -49.17
CA GLU D 236 -20.14 -10.26 -48.44
C GLU D 236 -21.23 -10.62 -49.45
N GLU D 237 -22.44 -10.90 -48.94
CA GLU D 237 -23.47 -11.50 -49.80
C GLU D 237 -23.98 -10.52 -50.84
N TYR D 238 -24.09 -9.23 -50.51
CA TYR D 238 -24.59 -8.25 -51.45
C TYR D 238 -23.54 -7.30 -52.01
N ALA D 239 -22.39 -7.17 -51.36
CA ALA D 239 -21.43 -6.18 -51.82
C ALA D 239 -20.02 -6.56 -51.39
N PHE D 240 -19.04 -5.97 -52.06
CA PHE D 240 -17.70 -5.90 -51.49
C PHE D 240 -17.68 -4.74 -50.51
N GLN D 241 -17.22 -5.00 -49.29
CA GLN D 241 -16.85 -3.92 -48.36
C GLN D 241 -15.36 -3.66 -48.48
N ILE D 242 -14.99 -2.43 -48.81
CA ILE D 242 -13.60 -2.11 -49.05
C ILE D 242 -13.06 -1.38 -47.83
N TYR D 243 -12.20 -2.04 -47.08
CA TYR D 243 -11.59 -1.46 -45.90
C TYR D 243 -10.21 -0.96 -46.25
N VAL D 244 -9.90 0.27 -45.82
CA VAL D 244 -8.59 0.89 -46.01
C VAL D 244 -8.05 1.32 -44.66
N ASP D 245 -6.92 0.78 -44.27
CA ASP D 245 -6.30 1.15 -42.99
C ASP D 245 -7.26 0.94 -41.82
N GLY D 246 -8.05 -0.13 -41.91
CA GLY D 246 -8.95 -0.49 -40.82
C GLY D 246 -10.22 0.33 -40.73
N GLU D 247 -10.68 0.93 -41.81
CA GLU D 247 -11.95 1.65 -41.79
C GLU D 247 -12.60 1.52 -43.16
N ARG D 248 -13.94 1.50 -43.16
CA ARG D 248 -14.71 1.26 -44.38
C ARG D 248 -14.66 2.47 -45.30
N PHE D 249 -14.11 2.27 -46.48
CA PHE D 249 -14.00 3.37 -47.43
C PHE D 249 -15.16 3.39 -48.41
N ALA D 250 -15.68 2.23 -48.79
CA ALA D 250 -16.72 2.15 -49.80
C ALA D 250 -17.38 0.77 -49.69
N THR D 251 -18.65 0.68 -50.09
CA THR D 251 -19.27 -0.60 -50.40
C THR D 251 -19.53 -0.65 -51.89
N TYR D 252 -19.34 -1.81 -52.50
CA TYR D 252 -19.48 -1.97 -53.94
C TYR D 252 -20.47 -3.11 -54.21
N ALA D 253 -21.68 -2.77 -54.68
CA ALA D 253 -22.70 -3.79 -54.89
C ALA D 253 -22.26 -4.77 -55.98
N HIS D 254 -22.55 -6.05 -55.79
CA HIS D 254 -22.09 -7.06 -56.75
C HIS D 254 -22.80 -6.86 -58.09
N ARG D 255 -22.01 -6.64 -59.14
CA ARG D 255 -22.54 -6.68 -60.51
C ARG D 255 -22.37 -8.06 -61.15
N LEU D 256 -21.41 -8.86 -60.70
CA LEU D 256 -21.32 -10.26 -61.09
C LEU D 256 -21.45 -11.13 -59.85
N ASP D 257 -21.81 -12.40 -60.09
CA ASP D 257 -21.91 -13.42 -59.05
C ASP D 257 -20.66 -13.38 -58.17
N PRO D 258 -20.80 -13.11 -56.85
CA PRO D 258 -19.60 -12.98 -55.99
C PRO D 258 -18.84 -14.28 -55.72
N HIS D 259 -19.26 -15.41 -56.28
CA HIS D 259 -18.60 -16.71 -56.17
C HIS D 259 -17.58 -16.87 -57.30
N ASP D 260 -16.68 -17.84 -57.14
CA ASP D 260 -15.69 -18.19 -58.16
C ASP D 260 -14.79 -17.00 -58.51
N ILE D 261 -14.57 -16.06 -57.59
CA ILE D 261 -13.65 -14.96 -57.88
C ILE D 261 -12.24 -15.51 -57.61
N ASN D 262 -11.54 -15.87 -58.69
CA ASN D 262 -10.33 -16.67 -58.54
C ASN D 262 -9.13 -16.08 -59.28
N GLY D 263 -9.22 -14.82 -59.72
CA GLY D 263 -8.10 -14.17 -60.39
C GLY D 263 -7.73 -12.86 -59.71
N LEU D 264 -6.44 -12.54 -59.78
CA LEU D 264 -5.91 -11.32 -59.17
C LEU D 264 -4.94 -10.65 -60.12
N GLN D 265 -5.13 -9.36 -60.37
CA GLN D 265 -4.16 -8.54 -61.05
C GLN D 265 -3.86 -7.29 -60.24
N ILE D 266 -2.60 -6.86 -60.29
CA ILE D 266 -2.18 -5.61 -59.66
C ILE D 266 -1.23 -4.92 -60.62
N GLY D 267 -1.46 -3.62 -60.86
CA GLY D 267 -0.64 -2.87 -61.79
C GLY D 267 -0.57 -1.41 -61.40
N GLY D 268 0.13 -0.63 -62.23
CA GLY D 268 0.30 0.79 -61.97
C GLY D 268 1.45 1.08 -61.01
N ASP D 269 1.40 2.29 -60.43
CA ASP D 269 2.52 2.86 -59.68
C ASP D 269 2.42 2.49 -58.20
N VAL D 270 2.66 1.23 -57.89
CA VAL D 270 2.41 0.73 -56.53
C VAL D 270 3.44 -0.34 -56.20
N GLU D 271 3.82 -0.38 -54.92
CA GLU D 271 4.67 -1.41 -54.34
C GLU D 271 3.83 -2.31 -53.45
N VAL D 272 3.89 -3.62 -53.68
CA VAL D 272 3.10 -4.62 -52.98
C VAL D 272 4.04 -5.46 -52.13
N THR D 273 3.74 -5.55 -50.82
CA THR D 273 4.59 -6.23 -49.86
C THR D 273 3.92 -7.38 -49.10
N GLY D 274 2.60 -7.50 -49.14
CA GLY D 274 1.91 -8.68 -48.63
C GLY D 274 0.55 -8.91 -49.27
N ILE D 275 0.22 -10.18 -49.53
CA ILE D 275 -1.07 -10.62 -50.06
C ILE D 275 -1.47 -11.88 -49.30
N GLN D 276 -2.65 -11.86 -48.69
CA GLN D 276 -3.17 -13.05 -48.03
C GLN D 276 -4.68 -13.13 -48.19
N MET D 277 -5.18 -14.36 -48.21
CA MET D 277 -6.61 -14.62 -48.11
C MET D 277 -6.96 -14.97 -46.66
N VAL D 278 -8.00 -14.34 -46.13
CA VAL D 278 -8.49 -14.71 -44.81
C VAL D 278 -10.03 -14.78 -44.86
N THR E 5 1.57 -12.05 37.80
CA THR E 5 1.32 -12.36 36.40
C THR E 5 0.80 -11.20 35.58
N ASN E 6 1.16 -9.98 35.97
CA ASN E 6 0.31 -8.85 35.62
C ASN E 6 -1.09 -9.34 35.97
N TYR E 7 -1.95 -9.45 34.93
CA TYR E 7 -3.26 -10.10 34.95
C TYR E 7 -3.83 -10.33 36.35
N PRO E 8 -3.99 -9.28 37.18
CA PRO E 8 -4.49 -9.51 38.53
C PRO E 8 -5.93 -9.94 38.48
N VAL E 9 -6.31 -10.82 39.40
CA VAL E 9 -7.70 -11.24 39.56
C VAL E 9 -8.32 -10.39 40.66
N PRO E 10 -9.51 -9.81 40.44
CA PRO E 10 -10.32 -9.96 39.21
C PRO E 10 -9.82 -9.12 38.02
N TYR E 11 -9.70 -9.76 36.85
CA TYR E 11 -9.22 -9.15 35.63
C TYR E 11 -10.42 -8.72 34.78
N ARG E 12 -10.60 -7.42 34.63
CA ARG E 12 -11.63 -6.88 33.75
C ARG E 12 -10.98 -6.12 32.60
N SER E 13 -11.44 -6.40 31.39
CA SER E 13 -10.95 -5.76 30.18
C SER E 13 -12.13 -5.13 29.44
N LYS E 14 -11.90 -3.96 28.88
CA LYS E 14 -12.94 -3.26 28.14
C LYS E 14 -12.71 -3.54 26.65
N LEU E 15 -13.74 -4.02 25.98
CA LEU E 15 -13.61 -4.33 24.57
C LEU E 15 -13.48 -3.06 23.75
N THR E 16 -12.65 -3.13 22.71
CA THR E 16 -12.50 -2.02 21.78
C THR E 16 -13.79 -1.79 21.02
N GLU E 17 -14.22 -2.83 20.33
CA GLU E 17 -15.44 -2.88 19.54
C GLU E 17 -16.18 -4.12 20.00
N PRO E 18 -17.49 -4.21 19.74
CA PRO E 18 -18.25 -5.33 20.31
C PRO E 18 -17.69 -6.66 19.80
N PHE E 19 -17.82 -7.68 20.64
CA PHE E 19 -17.42 -9.03 20.28
C PHE E 19 -18.24 -9.51 19.07
N GLU E 20 -17.54 -9.97 18.02
CA GLU E 20 -18.21 -10.22 16.75
C GLU E 20 -18.00 -11.65 16.28
N PRO E 21 -18.92 -12.17 15.44
CA PRO E 21 -18.76 -13.53 14.93
C PRO E 21 -17.43 -13.73 14.23
N GLY E 22 -16.77 -14.85 14.56
CA GLY E 22 -15.47 -15.20 14.03
C GLY E 22 -14.31 -14.81 14.93
N GLN E 23 -14.56 -13.98 15.93
CA GLN E 23 -13.51 -13.61 16.85
C GLN E 23 -13.43 -14.59 18.00
N THR E 24 -12.22 -14.71 18.58
CA THR E 24 -11.97 -15.66 19.66
C THR E 24 -11.32 -14.99 20.86
N LEU E 25 -11.84 -15.27 22.04
CA LEU E 25 -11.24 -14.84 23.29
C LEU E 25 -10.48 -16.03 23.90
N ILE E 26 -9.19 -15.83 24.20
CA ILE E 26 -8.30 -16.87 24.69
C ILE E 26 -7.93 -16.56 26.14
N ILE E 27 -8.16 -17.51 27.03
CA ILE E 27 -7.83 -17.38 28.45
C ILE E 27 -7.01 -18.60 28.84
N LYS E 28 -5.74 -18.38 29.17
CA LYS E 28 -4.87 -19.41 29.71
C LYS E 28 -4.46 -18.98 31.11
N GLY E 29 -4.30 -19.94 32.01
CA GLY E 29 -3.92 -19.57 33.36
C GLY E 29 -3.55 -20.77 34.19
N LYS E 30 -3.14 -20.50 35.44
CA LYS E 30 -2.67 -21.52 36.36
C LYS E 30 -3.66 -21.66 37.49
N THR E 31 -3.96 -22.91 37.86
CA THR E 31 -4.77 -23.19 39.05
C THR E 31 -3.88 -23.77 40.15
N ALA E 32 -4.47 -23.97 41.33
CA ALA E 32 -3.73 -24.38 42.53
C ALA E 32 -4.35 -25.63 43.15
N GLU E 33 -3.56 -26.27 44.02
CA GLU E 33 -4.00 -27.49 44.67
C GLU E 33 -5.29 -27.28 45.45
N ASP E 34 -5.53 -26.06 45.94
CA ASP E 34 -6.74 -25.77 46.70
C ASP E 34 -7.68 -24.81 45.97
N SER E 35 -7.47 -24.61 44.66
CA SER E 35 -8.45 -23.90 43.84
C SER E 35 -9.78 -24.64 43.84
N VAL E 36 -10.88 -23.92 44.03
CA VAL E 36 -12.20 -24.54 43.98
C VAL E 36 -12.99 -24.11 42.75
N ARG E 37 -12.90 -22.84 42.33
CA ARG E 37 -13.51 -22.46 41.07
C ARG E 37 -12.99 -21.12 40.60
N PHE E 38 -13.05 -20.92 39.29
CA PHE E 38 -12.86 -19.61 38.68
C PHE E 38 -13.93 -19.43 37.61
N THR E 39 -14.16 -18.16 37.27
CA THR E 39 -15.23 -17.77 36.37
C THR E 39 -14.67 -16.97 35.21
N ILE E 40 -15.37 -17.03 34.08
CA ILE E 40 -15.08 -16.26 32.88
C ILE E 40 -16.40 -15.67 32.40
N ASN E 41 -16.52 -14.34 32.39
CA ASN E 41 -17.79 -13.69 32.13
C ASN E 41 -17.66 -12.79 30.90
N LEU E 42 -18.60 -12.90 29.98
CA LEU E 42 -18.71 -11.97 28.86
C LEU E 42 -19.93 -11.10 29.15
N HIS E 43 -19.74 -9.80 29.28
CA HIS E 43 -20.82 -9.01 29.87
C HIS E 43 -20.70 -7.58 29.41
N ASN E 44 -21.74 -6.81 29.71
CA ASN E 44 -21.73 -5.38 29.57
C ASN E 44 -21.65 -4.73 30.95
N THR E 45 -21.75 -3.41 30.96
CA THR E 45 -21.71 -2.59 32.16
C THR E 45 -22.72 -1.46 32.03
N SER E 46 -22.30 -0.36 31.40
CA SER E 46 -23.09 0.86 31.25
C SER E 46 -22.32 1.89 30.43
N ASN E 52 -24.66 -6.00 35.50
CA ASN E 52 -25.92 -6.38 34.86
C ASN E 52 -25.70 -7.52 33.85
N ASP E 53 -26.05 -7.31 32.57
CA ASP E 53 -26.23 -8.43 31.65
C ASP E 53 -24.93 -9.19 31.37
N VAL E 54 -25.03 -10.51 31.37
CA VAL E 54 -23.90 -11.42 31.14
C VAL E 54 -24.34 -12.44 30.09
N PRO E 55 -24.09 -12.18 28.80
CA PRO E 55 -24.49 -13.15 27.77
C PRO E 55 -23.87 -14.52 27.93
N LEU E 56 -22.61 -14.61 28.36
CA LEU E 56 -21.99 -15.90 28.65
C LEU E 56 -21.30 -15.82 30.01
N HIS E 57 -21.72 -16.68 30.93
CA HIS E 57 -21.04 -16.93 32.19
C HIS E 57 -20.52 -18.37 32.18
N ILE E 58 -19.22 -18.53 32.46
CA ILE E 58 -18.58 -19.85 32.49
C ILE E 58 -17.95 -20.02 33.87
N SER E 59 -18.40 -21.04 34.61
CA SER E 59 -17.84 -21.39 35.91
C SER E 59 -17.26 -22.79 35.80
N VAL E 60 -15.94 -22.87 35.93
CA VAL E 60 -15.22 -24.14 35.99
C VAL E 60 -15.16 -24.50 37.47
N ARG E 61 -15.92 -25.52 37.87
CA ARG E 61 -16.05 -25.89 39.28
C ARG E 61 -15.19 -27.12 39.57
N PHE E 62 -14.15 -26.95 40.39
CA PHE E 62 -13.39 -28.10 40.89
C PHE E 62 -14.08 -28.79 42.06
N ASP E 63 -15.08 -28.18 42.69
CA ASP E 63 -15.82 -28.92 43.72
C ASP E 63 -16.87 -29.84 43.11
N GLU E 64 -17.60 -29.37 42.12
CA GLU E 64 -18.59 -30.19 41.43
C GLU E 64 -18.01 -30.97 40.25
N GLY E 65 -16.76 -30.70 39.87
CA GLY E 65 -16.17 -31.34 38.69
C GLY E 65 -16.93 -31.16 37.39
N LYS E 66 -17.52 -29.98 37.18
CA LYS E 66 -18.19 -29.68 35.92
C LYS E 66 -17.82 -28.27 35.47
N ILE E 67 -17.96 -28.02 34.17
CA ILE E 67 -17.95 -26.65 33.65
C ILE E 67 -19.39 -26.23 33.44
N VAL E 68 -19.79 -25.11 34.04
CA VAL E 68 -21.16 -24.64 34.03
C VAL E 68 -21.25 -23.38 33.19
N PHE E 69 -22.23 -23.36 32.27
CA PHE E 69 -22.48 -22.26 31.36
C PHE E 69 -23.86 -21.69 31.63
N ASN E 70 -23.98 -20.37 31.60
CA ASN E 70 -25.24 -19.73 31.89
C ASN E 70 -25.25 -18.34 31.25
N THR E 71 -26.40 -17.69 31.35
CA THR E 71 -26.64 -16.33 30.92
C THR E 71 -27.39 -15.62 32.05
N PHE E 72 -26.98 -14.41 32.36
CA PHE E 72 -27.65 -13.59 33.37
C PHE E 72 -28.28 -12.43 32.62
N SER E 73 -29.60 -12.30 32.73
CA SER E 73 -30.33 -11.29 31.98
C SER E 73 -31.62 -11.00 32.73
N LYS E 74 -31.94 -9.71 32.89
CA LYS E 74 -33.13 -9.29 33.62
C LYS E 74 -33.09 -9.79 35.07
N GLY E 75 -31.93 -9.65 35.71
CA GLY E 75 -31.83 -9.85 37.13
C GLY E 75 -31.72 -11.27 37.61
N GLU E 76 -31.67 -12.25 36.71
CA GLU E 76 -31.63 -13.64 37.13
C GLU E 76 -30.80 -14.45 36.15
N PHE E 77 -30.22 -15.55 36.64
CA PHE E 77 -29.65 -16.56 35.76
C PHE E 77 -30.75 -17.42 35.17
N GLY E 78 -30.46 -17.99 34.01
CA GLY E 78 -31.36 -18.93 33.35
C GLY E 78 -31.02 -20.36 33.72
N LYS E 79 -31.46 -21.28 32.87
CA LYS E 79 -31.19 -22.68 33.13
C LYS E 79 -29.72 -22.98 32.87
N GLU E 80 -29.07 -23.65 33.81
CA GLU E 80 -27.67 -23.99 33.59
C GLU E 80 -27.55 -25.05 32.50
N GLU E 81 -26.42 -25.03 31.81
CA GLU E 81 -25.99 -26.11 30.94
C GLU E 81 -24.61 -26.54 31.40
N ARG E 82 -24.36 -27.85 31.41
CA ARG E 82 -23.14 -28.33 32.02
C ARG E 82 -22.43 -29.32 31.13
N LYS E 83 -21.11 -29.38 31.32
CA LYS E 83 -20.25 -30.35 30.68
C LYS E 83 -19.22 -30.79 31.71
N SER E 84 -18.53 -31.89 31.42
CA SER E 84 -17.53 -32.37 32.36
C SER E 84 -16.32 -31.44 32.40
N ASN E 85 -15.80 -31.20 33.61
CA ASN E 85 -14.55 -30.49 33.78
C ASN E 85 -13.39 -31.47 33.62
N PRO E 86 -12.53 -31.33 32.61
CA PRO E 86 -11.38 -32.24 32.48
C PRO E 86 -10.21 -31.91 33.41
N TYR E 87 -10.21 -30.75 34.04
CA TYR E 87 -9.06 -30.33 34.82
C TYR E 87 -9.19 -30.85 36.26
N LYS E 88 -8.08 -31.33 36.81
CA LYS E 88 -8.02 -31.55 38.25
C LYS E 88 -7.35 -30.33 38.88
N LYS E 89 -7.46 -30.21 40.20
CA LYS E 89 -6.87 -29.07 40.89
C LYS E 89 -5.37 -29.00 40.62
N GLY E 90 -4.85 -27.77 40.56
CA GLY E 90 -3.55 -27.56 39.96
C GLY E 90 -3.67 -27.77 38.45
N ASP E 91 -2.51 -27.85 37.80
CA ASP E 91 -2.39 -28.09 36.35
C ASP E 91 -3.03 -26.95 35.55
N ASP E 92 -2.40 -26.60 34.43
CA ASP E 92 -2.81 -25.39 33.75
C ASP E 92 -4.11 -25.62 32.99
N ILE E 93 -4.74 -24.53 32.59
CA ILE E 93 -5.97 -24.57 31.83
C ILE E 93 -5.87 -23.66 30.61
N ASP E 94 -6.69 -23.96 29.60
CA ASP E 94 -6.65 -23.24 28.31
C ASP E 94 -8.07 -23.24 27.76
N ILE E 95 -8.79 -22.14 27.98
CA ILE E 95 -10.19 -22.02 27.56
C ILE E 95 -10.27 -21.00 26.43
N ARG E 96 -10.95 -21.39 25.36
CA ARG E 96 -11.04 -20.54 24.18
C ARG E 96 -12.48 -20.50 23.68
N ILE E 97 -12.97 -19.28 23.50
CA ILE E 97 -14.37 -18.99 23.27
C ILE E 97 -14.46 -18.31 21.91
N ARG E 98 -14.98 -19.02 20.91
CA ARG E 98 -15.19 -18.42 19.59
C ARG E 98 -16.65 -18.05 19.47
N ALA E 99 -16.92 -16.81 19.10
CA ALA E 99 -18.29 -16.35 18.86
C ALA E 99 -18.68 -16.62 17.42
N HIS E 100 -19.91 -17.08 17.24
CA HIS E 100 -20.54 -17.24 15.94
C HIS E 100 -21.87 -16.51 15.93
N ASP E 101 -22.59 -16.59 14.80
CA ASP E 101 -23.86 -15.89 14.71
C ASP E 101 -24.95 -16.58 15.52
N SER E 102 -24.82 -17.89 15.74
CA SER E 102 -25.85 -18.65 16.42
C SER E 102 -25.43 -19.12 17.81
N LYS E 103 -24.16 -19.05 18.16
CA LYS E 103 -23.68 -19.71 19.37
C LYS E 103 -22.29 -19.20 19.71
N PHE E 104 -21.84 -19.57 20.90
CA PHE E 104 -20.43 -19.55 21.25
C PHE E 104 -19.89 -20.97 21.12
N SER E 105 -18.67 -21.10 20.64
CA SER E 105 -17.97 -22.37 20.62
C SER E 105 -16.83 -22.28 21.61
N ILE E 106 -16.88 -23.10 22.65
CA ILE E 106 -15.88 -23.09 23.70
C ILE E 106 -15.01 -24.33 23.53
N SER E 107 -13.70 -24.12 23.55
CA SER E 107 -12.74 -25.21 23.42
C SER E 107 -11.96 -25.28 24.71
N VAL E 108 -11.66 -26.50 25.13
CA VAL E 108 -10.89 -26.78 26.33
C VAL E 108 -9.64 -27.52 25.87
N ASP E 109 -8.47 -27.00 26.24
CA ASP E 109 -7.19 -27.54 25.79
C ASP E 109 -7.16 -27.73 24.28
N GLN E 110 -7.74 -26.76 23.58
CA GLN E 110 -7.72 -26.67 22.12
C GLN E 110 -8.62 -27.72 21.47
N LYS E 111 -9.60 -28.20 22.21
CA LYS E 111 -10.52 -29.20 21.74
C LYS E 111 -11.94 -28.71 22.03
N GLU E 112 -12.79 -28.69 21.01
CA GLU E 112 -14.14 -28.16 21.13
C GLU E 112 -14.98 -29.07 22.04
N VAL E 113 -15.59 -28.47 23.07
CA VAL E 113 -16.37 -29.22 24.05
C VAL E 113 -17.82 -28.74 24.15
N LYS E 114 -18.12 -27.50 23.83
CA LYS E 114 -19.46 -26.99 24.06
C LYS E 114 -19.81 -25.95 23.00
N GLU E 115 -21.02 -26.10 22.43
CA GLU E 115 -21.71 -25.06 21.69
C GLU E 115 -22.82 -24.56 22.59
N TYR E 116 -22.86 -23.26 22.82
CA TYR E 116 -23.82 -22.61 23.70
C TYR E 116 -24.60 -21.60 22.87
N GLU E 117 -25.88 -21.86 22.64
CA GLU E 117 -26.72 -20.99 21.83
C GLU E 117 -26.94 -19.64 22.51
N HIS E 118 -26.86 -18.56 21.71
CA HIS E 118 -27.12 -17.22 22.22
C HIS E 118 -28.51 -17.15 22.82
N ARG E 119 -28.61 -16.57 24.01
CA ARG E 119 -29.91 -16.27 24.60
C ARG E 119 -30.25 -14.80 24.59
N VAL E 120 -29.25 -13.91 24.66
CA VAL E 120 -29.43 -12.46 24.56
C VAL E 120 -28.41 -11.96 23.53
N PRO E 121 -28.46 -10.71 23.08
CA PRO E 121 -27.63 -10.32 21.94
C PRO E 121 -26.13 -10.45 22.21
N LEU E 122 -25.43 -11.07 21.26
CA LEU E 122 -23.97 -11.11 21.32
C LEU E 122 -23.35 -9.71 21.32
N SER E 123 -24.01 -8.74 20.67
CA SER E 123 -23.52 -7.36 20.64
C SER E 123 -23.52 -6.71 22.01
N SER E 124 -24.23 -7.31 22.97
CA SER E 124 -24.20 -6.89 24.37
C SER E 124 -22.85 -7.15 25.03
N VAL E 125 -22.04 -8.04 24.47
CA VAL E 125 -20.74 -8.34 25.06
C VAL E 125 -19.85 -7.12 24.84
N THR E 126 -19.67 -6.30 25.88
CA THR E 126 -18.78 -5.14 25.83
C THR E 126 -17.50 -5.31 26.65
N HIS E 127 -17.48 -6.26 27.58
CA HIS E 127 -16.34 -6.54 28.45
C HIS E 127 -16.19 -8.04 28.62
N PHE E 128 -15.05 -8.45 29.18
CA PHE E 128 -14.98 -9.77 29.77
C PHE E 128 -14.19 -9.69 31.07
N SER E 129 -14.58 -10.52 32.04
CA SER E 129 -13.92 -10.56 33.34
C SER E 129 -13.59 -12.01 33.72
N VAL E 130 -12.43 -12.19 34.35
CA VAL E 130 -11.97 -13.48 34.84
C VAL E 130 -11.74 -13.35 36.34
N ASP E 131 -12.28 -14.28 37.13
CA ASP E 131 -12.22 -14.12 38.57
C ASP E 131 -12.18 -15.50 39.21
N GLY E 132 -11.70 -15.54 40.45
CA GLY E 132 -11.71 -16.77 41.22
C GLY E 132 -10.34 -17.38 41.40
N ASP E 133 -10.34 -18.69 41.63
CA ASP E 133 -9.14 -19.40 42.05
C ASP E 133 -8.27 -19.77 40.84
N ILE E 134 -7.86 -18.74 40.12
CA ILE E 134 -7.01 -18.92 38.95
C ILE E 134 -5.89 -17.89 38.98
N LEU E 135 -4.76 -18.27 38.43
CA LEU E 135 -3.63 -17.37 38.18
C LEU E 135 -3.54 -17.18 36.67
N ILE E 136 -3.92 -16.01 36.18
CA ILE E 136 -4.03 -15.78 34.74
C ILE E 136 -2.66 -15.51 34.15
N THR E 137 -2.27 -16.32 33.16
CA THR E 137 -1.01 -16.09 32.47
C THR E 137 -1.15 -15.60 31.04
N TYR E 138 -2.32 -15.76 30.41
CA TYR E 138 -2.46 -15.31 29.02
C TYR E 138 -3.92 -15.00 28.70
N ILE E 139 -4.14 -13.79 28.17
CA ILE E 139 -5.41 -13.41 27.59
C ILE E 139 -5.13 -12.75 26.24
N HIS E 140 -6.04 -12.97 25.30
CA HIS E 140 -6.03 -12.30 24.01
C HIS E 140 -7.41 -12.46 23.40
N TRP E 141 -7.81 -11.51 22.56
CA TRP E 141 -9.01 -11.68 21.77
C TRP E 141 -8.82 -11.02 20.42
N GLY E 142 -9.53 -11.53 19.43
CA GLY E 142 -9.42 -11.06 18.08
C GLY E 142 -9.61 -12.20 17.11
N GLY E 143 -9.01 -12.07 15.94
CA GLY E 143 -9.25 -13.00 14.86
C GLY E 143 -10.47 -12.62 14.05
N LYS E 144 -10.80 -13.49 13.09
CA LYS E 144 -12.02 -13.37 12.31
C LYS E 144 -12.24 -14.67 11.56
N TYR E 145 -13.26 -14.71 10.72
CA TYR E 145 -13.36 -15.80 9.78
C TYR E 145 -12.31 -15.58 8.70
N TYR E 146 -11.40 -16.55 8.55
CA TYR E 146 -10.32 -16.43 7.58
C TYR E 146 -10.55 -17.40 6.44
N PRO E 147 -10.79 -16.94 5.22
CA PRO E 147 -11.05 -17.87 4.11
C PRO E 147 -9.81 -18.69 3.77
N VAL E 148 -10.01 -19.99 3.59
CA VAL E 148 -8.96 -20.94 3.26
C VAL E 148 -9.33 -21.63 1.96
N PRO E 149 -8.49 -21.60 0.91
CA PRO E 149 -7.12 -21.09 0.90
C PRO E 149 -7.01 -19.60 1.19
N TYR E 150 -5.95 -19.24 1.93
CA TYR E 150 -5.73 -17.89 2.39
C TYR E 150 -4.52 -17.30 1.69
N GLU E 151 -4.63 -15.99 1.43
CA GLU E 151 -3.60 -15.28 0.67
C GLU E 151 -3.73 -13.80 1.02
N SER E 152 -2.63 -13.18 1.48
CA SER E 152 -2.68 -11.76 1.86
C SER E 152 -1.28 -11.19 1.93
N GLY E 153 -1.22 -9.86 1.84
CA GLY E 153 0.00 -9.18 2.14
C GLY E 153 0.21 -9.02 3.64
N LEU E 154 1.46 -8.76 4.02
CA LEU E 154 1.82 -8.54 5.41
C LEU E 154 2.08 -7.05 5.61
N ALA E 155 1.36 -6.45 6.57
CA ALA E 155 1.37 -5.02 6.92
C ALA E 155 2.19 -4.13 5.98
N GLY E 156 3.41 -3.77 6.37
CA GLY E 156 4.26 -2.93 5.53
C GLY E 156 5.71 -3.33 5.64
N ASP E 157 6.16 -3.51 6.88
CA ASP E 157 7.47 -4.11 7.12
C ASP E 157 7.49 -5.60 6.79
N GLY E 158 6.32 -6.26 6.87
CA GLY E 158 6.25 -7.70 6.72
C GLY E 158 6.85 -8.41 7.92
N LEU E 159 7.29 -9.64 7.66
CA LEU E 159 7.82 -10.53 8.70
C LEU E 159 9.34 -10.44 8.64
N ALA E 160 9.91 -9.53 9.42
CA ALA E 160 11.33 -9.23 9.38
C ALA E 160 12.03 -9.76 10.62
N PRO E 161 13.35 -9.95 10.57
CA PRO E 161 14.08 -10.36 11.77
C PRO E 161 13.71 -9.50 12.96
N GLY E 162 13.36 -10.15 14.07
CA GLY E 162 12.90 -9.46 15.26
C GLY E 162 11.39 -9.40 15.41
N LYS E 163 10.64 -9.81 14.39
CA LYS E 163 9.20 -9.94 14.41
C LYS E 163 8.80 -11.42 14.31
N SER E 164 7.59 -11.70 14.74
CA SER E 164 7.05 -13.05 14.69
C SER E 164 5.66 -13.01 14.09
N LEU E 165 5.34 -14.04 13.31
CA LEU E 165 3.98 -14.29 12.85
C LEU E 165 3.34 -15.36 13.72
N LEU E 166 2.17 -15.04 14.30
CA LEU E 166 1.41 -15.97 15.13
C LEU E 166 0.17 -16.44 14.36
N ILE E 167 0.07 -17.75 14.13
CA ILE E 167 -1.06 -18.33 13.41
C ILE E 167 -1.80 -19.30 14.32
N PHE E 168 -3.09 -19.04 14.55
CA PHE E 168 -3.96 -19.93 15.30
C PHE E 168 -4.80 -20.69 14.28
N ALA E 169 -4.59 -21.99 14.20
CA ALA E 169 -5.22 -22.86 13.22
C ALA E 169 -5.77 -24.12 13.88
N THR E 170 -6.71 -24.76 13.19
CA THR E 170 -7.22 -26.07 13.57
C THR E 170 -7.20 -27.00 12.36
N PRO E 171 -6.25 -27.91 12.30
CA PRO E 171 -6.23 -28.88 11.20
C PRO E 171 -7.50 -29.70 11.23
N GLU E 172 -8.08 -29.91 10.05
CA GLU E 172 -9.39 -30.54 9.96
C GLU E 172 -9.35 -31.97 10.47
N LYS E 173 -10.47 -32.38 11.08
CA LYS E 173 -10.56 -33.65 11.79
C LYS E 173 -10.26 -34.83 10.89
N LYS E 174 -10.52 -34.70 9.60
CA LYS E 174 -10.24 -35.71 8.58
C LYS E 174 -9.48 -35.09 7.42
N GLY E 175 -8.36 -34.43 7.74
CA GLY E 175 -7.50 -33.85 6.72
C GLY E 175 -6.18 -34.60 6.61
N LYS E 176 -5.49 -34.42 5.50
CA LYS E 176 -4.19 -35.05 5.35
C LYS E 176 -3.02 -34.09 5.51
N ARG E 177 -3.16 -32.85 5.04
CA ARG E 177 -2.03 -31.93 5.12
C ARG E 177 -2.51 -30.52 4.86
N PHE E 178 -1.68 -29.58 5.29
CA PHE E 178 -1.85 -28.16 5.00
C PHE E 178 -0.47 -27.53 4.97
N HIS E 179 -0.41 -26.28 4.54
CA HIS E 179 0.88 -25.61 4.46
C HIS E 179 0.70 -24.13 4.68
N ILE E 180 1.80 -23.50 5.09
CA ILE E 180 1.88 -22.06 5.26
C ILE E 180 3.11 -21.58 4.48
N ASN E 181 2.93 -20.56 3.63
CA ASN E 181 4.04 -19.99 2.88
C ASN E 181 4.30 -18.56 3.34
N LEU E 182 5.53 -18.28 3.75
CA LEU E 182 5.99 -16.92 4.02
C LEU E 182 6.79 -16.47 2.80
N LEU E 183 6.28 -15.48 2.06
CA LEU E 183 6.76 -15.17 0.72
C LEU E 183 7.41 -13.81 0.61
N LYS E 184 8.23 -13.67 -0.43
CA LYS E 184 8.82 -12.41 -0.85
C LYS E 184 8.15 -11.93 -2.14
N LYS E 185 8.49 -10.70 -2.53
CA LYS E 185 7.77 -10.02 -3.62
C LYS E 185 7.89 -10.76 -4.95
N ASN E 186 9.08 -11.27 -5.28
CA ASN E 186 9.24 -11.94 -6.56
C ASN E 186 8.48 -13.27 -6.64
N GLY E 187 7.92 -13.75 -5.53
CA GLY E 187 7.20 -15.02 -5.52
C GLY E 187 7.96 -16.15 -4.87
N ASP E 188 9.26 -15.99 -4.65
CA ASP E 188 10.02 -16.94 -3.85
C ASP E 188 9.27 -17.21 -2.53
N ILE E 189 9.47 -18.40 -1.98
CA ILE E 189 8.91 -18.77 -0.69
C ILE E 189 10.09 -18.90 0.26
N ALA E 190 10.28 -17.90 1.12
CA ALA E 190 11.35 -17.95 2.12
C ALA E 190 11.20 -19.14 3.04
N LEU E 191 9.96 -19.48 3.42
CA LEU E 191 9.71 -20.67 4.21
C LEU E 191 8.38 -21.30 3.81
N HIS E 192 8.46 -22.57 3.42
CA HIS E 192 7.34 -23.46 3.17
C HIS E 192 7.23 -24.38 4.39
N PHE E 193 6.07 -24.40 5.04
CA PHE E 193 5.85 -25.16 6.27
C PHE E 193 4.64 -26.03 6.03
N ASN E 194 4.83 -27.36 6.04
CA ASN E 194 3.89 -28.30 5.42
C ASN E 194 3.67 -29.53 6.27
N PRO E 195 2.85 -29.43 7.33
CA PRO E 195 2.50 -30.63 8.10
C PRO E 195 1.76 -31.64 7.25
N ARG E 196 2.13 -32.91 7.40
CA ARG E 196 1.57 -34.00 6.60
C ARG E 196 1.26 -35.13 7.57
N PHE E 197 -0.02 -35.31 7.88
CA PHE E 197 -0.38 -36.28 8.89
C PHE E 197 -0.13 -37.71 8.43
N ASP E 198 -0.15 -37.93 7.12
CA ASP E 198 0.05 -39.27 6.57
C ASP E 198 1.52 -39.63 6.42
N GLU E 199 2.43 -38.66 6.53
CA GLU E 199 3.85 -38.99 6.67
C GLU E 199 4.38 -38.62 8.04
N LYS E 200 3.50 -38.27 8.97
CA LYS E 200 3.86 -38.10 10.38
C LYS E 200 5.08 -37.21 10.52
N ALA E 201 5.11 -36.14 9.70
CA ALA E 201 6.22 -35.20 9.69
C ALA E 201 5.73 -33.85 9.19
N ILE E 202 6.38 -32.80 9.64
CA ILE E 202 6.19 -31.45 9.11
C ILE E 202 7.38 -31.12 8.22
N VAL E 203 7.12 -30.86 6.95
CA VAL E 203 8.18 -30.60 5.97
C VAL E 203 8.44 -29.10 5.90
N ARG E 204 9.72 -28.73 5.97
CA ARG E 204 10.16 -27.34 5.80
C ARG E 204 11.04 -27.25 4.57
N ASN E 205 10.88 -26.16 3.81
CA ASN E 205 11.58 -25.98 2.55
C ASN E 205 11.39 -24.54 2.08
N SER E 206 12.10 -24.19 1.02
CA SER E 206 12.02 -22.86 0.41
C SER E 206 11.91 -23.01 -1.10
N LEU E 207 11.26 -22.04 -1.73
CA LEU E 207 11.05 -22.02 -3.17
C LEU E 207 11.87 -20.88 -3.76
N ILE E 208 12.87 -21.22 -4.58
CA ILE E 208 13.81 -20.26 -5.12
C ILE E 208 13.79 -20.42 -6.63
N SER E 209 13.48 -19.34 -7.34
CA SER E 209 13.26 -19.36 -8.78
C SER E 209 12.49 -20.61 -9.23
N GLY E 210 11.36 -20.84 -8.56
CA GLY E 210 10.47 -21.90 -8.99
C GLY E 210 10.92 -23.32 -8.70
N GLU E 211 11.99 -23.50 -7.92
CA GLU E 211 12.46 -24.83 -7.56
C GLU E 211 12.57 -24.95 -6.03
N PHE E 212 12.04 -26.04 -5.49
CA PHE E 212 12.12 -26.32 -4.07
C PHE E 212 13.49 -26.89 -3.72
N GLY E 213 14.01 -26.47 -2.57
CA GLY E 213 15.31 -26.93 -2.13
C GLY E 213 15.25 -28.34 -1.61
N ASN E 214 16.23 -28.73 -0.78
CA ASN E 214 16.35 -30.11 -0.30
C ASN E 214 15.04 -30.60 0.31
N GLU E 215 14.82 -30.32 1.61
CA GLU E 215 13.64 -30.66 2.41
C GLU E 215 14.08 -31.00 3.84
N GLU E 216 13.70 -30.18 4.83
CA GLU E 216 13.98 -30.46 6.23
C GLU E 216 12.71 -30.99 6.88
N ARG E 217 12.72 -32.29 7.25
CA ARG E 217 11.52 -32.97 7.73
C ARG E 217 11.70 -33.58 9.12
N GLU E 218 12.82 -33.34 9.81
CA GLU E 218 13.13 -34.03 11.05
C GLU E 218 12.38 -33.42 12.23
N GLY E 219 11.76 -34.29 13.03
CA GLY E 219 10.92 -33.86 14.14
C GLY E 219 9.59 -34.57 14.19
N LYS E 220 9.12 -34.89 15.39
CA LYS E 220 7.84 -35.57 15.53
C LYS E 220 6.70 -34.56 15.47
N ASN E 221 5.75 -34.80 14.57
CA ASN E 221 4.55 -33.98 14.42
C ASN E 221 3.82 -33.84 15.75
N PRO E 222 3.86 -32.66 16.39
CA PRO E 222 3.06 -32.45 17.60
C PRO E 222 1.60 -32.09 17.33
N LEU E 223 1.25 -31.73 16.08
CA LEU E 223 -0.14 -31.41 15.77
C LEU E 223 -1.02 -32.66 15.92
N GLU E 224 -2.33 -32.45 15.83
CA GLU E 224 -3.28 -33.55 15.86
C GLU E 224 -4.55 -33.11 15.14
N LYS E 225 -5.09 -33.98 14.30
CA LYS E 225 -6.34 -33.67 13.61
C LYS E 225 -7.42 -33.30 14.62
N GLY E 226 -8.21 -32.28 14.26
CA GLY E 226 -9.33 -31.82 15.04
C GLY E 226 -9.00 -30.97 16.24
N ILE E 227 -7.72 -30.69 16.49
CA ILE E 227 -7.29 -29.97 17.69
C ILE E 227 -6.57 -28.71 17.27
N GLY E 228 -6.94 -27.57 17.87
CA GLY E 228 -6.29 -26.33 17.49
C GLY E 228 -4.81 -26.33 17.83
N CYS E 229 -4.03 -25.52 17.11
CA CYS E 229 -2.63 -25.35 17.46
C CYS E 229 -2.31 -23.87 17.60
N ASP E 230 -1.16 -23.61 18.22
CA ASP E 230 -0.55 -22.28 18.27
C ASP E 230 0.74 -22.34 17.48
N LEU E 231 0.75 -21.73 16.30
CA LEU E 231 1.92 -21.73 15.46
C LEU E 231 2.58 -20.35 15.51
N GLU E 232 3.89 -20.35 15.71
CA GLU E 232 4.63 -19.10 15.80
C GLU E 232 5.90 -19.21 14.97
N PHE E 233 6.04 -18.34 14.00
CA PHE E 233 7.23 -18.26 13.16
C PHE E 233 8.06 -17.07 13.62
N ARG E 234 9.04 -17.33 14.46
CA ARG E 234 9.87 -16.29 15.04
C ARG E 234 11.03 -16.03 14.10
N ASN E 235 11.01 -14.87 13.45
CA ASN E 235 12.07 -14.48 12.52
C ASN E 235 13.23 -13.87 13.30
N GLU E 236 14.36 -14.56 13.32
CA GLU E 236 15.55 -14.05 13.99
C GLU E 236 16.65 -13.85 12.96
N GLU E 237 17.83 -13.44 13.44
CA GLU E 237 18.88 -12.93 12.55
C GLU E 237 19.38 -14.02 11.61
N TYR E 238 19.57 -15.26 12.10
CA TYR E 238 20.09 -16.32 11.26
C TYR E 238 19.07 -17.38 10.87
N ALA E 239 18.01 -17.58 11.65
CA ALA E 239 17.09 -18.68 11.39
C ALA E 239 15.68 -18.34 11.88
N PHE E 240 14.68 -18.87 11.18
CA PHE E 240 13.34 -18.92 11.74
C PHE E 240 13.34 -19.87 12.93
N GLN E 241 12.80 -19.44 14.06
CA GLN E 241 12.48 -20.32 15.17
C GLN E 241 10.98 -20.61 15.12
N ILE E 242 10.62 -21.87 14.88
CA ILE E 242 9.23 -22.26 14.69
C ILE E 242 8.73 -22.89 15.98
N TYR E 243 7.73 -22.24 16.60
CA TYR E 243 7.09 -22.73 17.80
C TYR E 243 5.77 -23.40 17.48
N VAL E 244 5.47 -24.49 18.19
CA VAL E 244 4.17 -25.17 18.11
C VAL E 244 3.70 -25.46 19.53
N ASP E 245 2.53 -24.94 19.88
CA ASP E 245 1.92 -25.13 21.21
C ASP E 245 2.91 -24.80 22.33
N GLY E 246 3.48 -23.59 22.23
CA GLY E 246 4.31 -23.03 23.26
C GLY E 246 5.77 -23.44 23.25
N GLU E 247 6.16 -24.45 22.46
CA GLU E 247 7.54 -24.89 22.46
C GLU E 247 8.12 -24.99 21.05
N ARG E 248 9.44 -24.92 20.99
CA ARG E 248 10.17 -24.75 19.73
C ARG E 248 10.26 -26.08 19.02
N PHE E 249 9.54 -26.21 17.89
CA PHE E 249 9.52 -27.46 17.14
C PHE E 249 10.80 -27.65 16.34
N ALA E 250 11.28 -26.58 15.71
CA ALA E 250 12.47 -26.65 14.88
C ALA E 250 12.97 -25.23 14.65
N THR E 251 14.17 -25.15 14.07
CA THR E 251 14.71 -23.92 13.49
C THR E 251 15.02 -24.20 12.02
N TYR E 252 15.01 -23.14 11.22
CA TYR E 252 15.16 -23.26 9.77
C TYR E 252 16.08 -22.14 9.31
N ALA E 253 17.33 -22.48 8.99
CA ALA E 253 18.32 -21.48 8.62
C ALA E 253 17.88 -20.71 7.39
N HIS E 254 18.16 -19.41 7.37
CA HIS E 254 17.71 -18.57 6.26
C HIS E 254 18.37 -18.98 4.95
N ARG E 255 17.54 -19.17 3.93
CA ARG E 255 17.99 -19.41 2.55
C ARG E 255 17.77 -18.21 1.65
N LEU E 256 16.88 -17.30 2.04
CA LEU E 256 16.74 -16.02 1.39
C LEU E 256 16.97 -14.95 2.45
N ASP E 257 17.42 -13.76 2.00
CA ASP E 257 17.53 -12.63 2.91
C ASP E 257 16.24 -12.55 3.71
N PRO E 258 16.30 -12.51 5.07
CA PRO E 258 15.07 -12.56 5.87
C PRO E 258 14.33 -11.23 5.94
N HIS E 259 14.66 -10.30 5.06
CA HIS E 259 13.95 -9.03 4.98
C HIS E 259 12.94 -9.05 3.85
N ASP E 260 12.00 -8.13 3.92
CA ASP E 260 10.98 -7.96 2.88
C ASP E 260 10.18 -9.24 2.65
N ILE E 261 9.92 -10.00 3.73
CA ILE E 261 8.98 -11.11 3.64
C ILE E 261 7.59 -10.51 3.75
N ASN E 262 6.92 -10.34 2.61
CA ASN E 262 5.74 -9.49 2.51
C ASN E 262 4.47 -10.22 2.09
N GLY E 263 4.45 -11.54 2.09
CA GLY E 263 3.29 -12.29 1.65
C GLY E 263 3.03 -13.51 2.51
N LEU E 264 1.76 -13.85 2.64
CA LEU E 264 1.34 -15.03 3.40
C LEU E 264 0.35 -15.86 2.58
N GLN E 265 0.54 -17.17 2.59
CA GLN E 265 -0.40 -18.12 2.02
C GLN E 265 -0.61 -19.22 3.06
N ILE E 266 -1.84 -19.73 3.14
CA ILE E 266 -2.17 -20.92 3.91
C ILE E 266 -3.20 -21.70 3.11
N GLY E 267 -2.88 -22.94 2.76
CA GLY E 267 -3.77 -23.79 2.00
C GLY E 267 -3.83 -25.17 2.62
N GLY E 268 -4.75 -25.99 2.11
CA GLY E 268 -4.87 -27.35 2.57
C GLY E 268 -5.97 -27.52 3.61
N ASP E 269 -5.92 -28.67 4.29
CA ASP E 269 -7.01 -29.09 5.16
C ASP E 269 -6.86 -28.46 6.54
N VAL E 270 -7.16 -27.17 6.60
CA VAL E 270 -6.94 -26.45 7.84
C VAL E 270 -7.97 -25.35 7.96
N GLU E 271 -8.42 -25.11 9.20
CA GLU E 271 -9.22 -23.96 9.56
C GLU E 271 -8.32 -22.94 10.26
N VAL E 272 -8.41 -21.68 9.88
CA VAL E 272 -7.51 -20.62 10.36
C VAL E 272 -8.34 -19.61 11.16
N THR E 273 -8.04 -19.47 12.46
CA THR E 273 -8.88 -18.64 13.33
C THR E 273 -8.22 -17.38 13.86
N GLY E 274 -6.89 -17.28 13.83
CA GLY E 274 -6.24 -16.04 14.22
C GLY E 274 -4.91 -15.87 13.53
N ILE E 275 -4.57 -14.62 13.27
CA ILE E 275 -3.29 -14.25 12.67
C ILE E 275 -2.84 -12.96 13.35
N GLN E 276 -1.64 -12.97 13.93
CA GLN E 276 -1.10 -11.76 14.54
C GLN E 276 0.33 -11.57 14.07
N MET E 277 0.67 -10.32 13.77
CA MET E 277 2.03 -9.93 13.45
C MET E 277 2.61 -9.25 14.68
N VAL E 278 3.63 -9.87 15.25
CA VAL E 278 4.19 -9.42 16.51
C VAL E 278 5.68 -9.24 16.32
N ASN F 6 -2.02 48.59 12.28
CA ASN F 6 -0.97 48.18 13.21
C ASN F 6 0.27 47.68 12.50
N TYR F 7 1.01 46.81 13.22
CA TYR F 7 2.22 46.12 12.80
C TYR F 7 2.95 46.87 11.67
N PRO F 8 3.65 47.97 11.98
CA PRO F 8 4.26 48.78 10.92
C PRO F 8 5.55 48.14 10.40
N VAL F 9 5.56 47.78 9.12
CA VAL F 9 6.76 47.15 8.55
C VAL F 9 7.84 48.21 8.33
N PRO F 10 9.13 47.90 8.51
CA PRO F 10 9.66 46.60 8.96
C PRO F 10 9.38 46.33 10.44
N TYR F 11 8.72 45.20 10.71
CA TYR F 11 8.35 44.82 12.07
C TYR F 11 9.44 43.93 12.62
N ARG F 12 10.08 44.36 13.70
CA ARG F 12 11.11 43.56 14.37
C ARG F 12 10.72 43.29 15.80
N SER F 13 10.89 42.05 16.23
CA SER F 13 10.38 41.64 17.52
C SER F 13 11.43 40.82 18.26
N LYS F 14 11.60 41.11 19.54
CA LYS F 14 12.59 40.46 20.38
C LYS F 14 11.91 39.39 21.21
N LEU F 15 12.51 38.21 21.25
CA LEU F 15 11.90 37.08 21.96
C LEU F 15 12.24 37.15 23.44
N THR F 16 11.31 36.68 24.26
CA THR F 16 11.51 36.78 25.71
C THR F 16 12.49 35.72 26.20
N GLU F 17 12.44 34.52 25.62
CA GLU F 17 13.27 33.38 25.96
C GLU F 17 13.62 32.67 24.66
N PRO F 18 14.45 31.61 24.65
CA PRO F 18 14.87 31.06 23.36
C PRO F 18 13.68 30.52 22.59
N PHE F 19 13.81 30.54 21.28
CA PHE F 19 12.86 29.82 20.46
C PHE F 19 13.16 28.34 20.63
N GLU F 20 12.17 27.56 21.07
CA GLU F 20 12.39 26.19 21.47
C GLU F 20 11.54 25.21 20.67
N PRO F 21 11.96 23.94 20.60
CA PRO F 21 11.14 22.90 19.99
C PRO F 21 9.72 22.91 20.55
N GLY F 22 8.75 22.74 19.66
CA GLY F 22 7.34 22.70 19.99
C GLY F 22 6.65 24.05 19.98
N GLN F 23 7.38 25.13 19.75
CA GLN F 23 6.82 26.47 19.72
C GLN F 23 6.57 26.87 18.28
N THR F 24 5.57 27.71 18.08
CA THR F 24 5.15 28.11 16.76
C THR F 24 5.16 29.63 16.66
N LEU F 25 5.66 30.14 15.54
CA LEU F 25 5.51 31.54 15.20
C LEU F 25 4.44 31.64 14.11
N ILE F 26 3.47 32.54 14.31
CA ILE F 26 2.38 32.73 13.35
C ILE F 26 2.48 34.15 12.79
N ILE F 27 2.49 34.25 11.47
CA ILE F 27 2.43 35.54 10.78
C ILE F 27 1.26 35.49 9.82
N LYS F 28 0.31 36.38 10.01
CA LYS F 28 -0.78 36.56 9.07
C LYS F 28 -0.65 37.96 8.50
N GLY F 29 -1.17 38.16 7.29
CA GLY F 29 -1.00 39.45 6.65
C GLY F 29 -1.73 39.54 5.33
N LYS F 30 -1.80 40.77 4.81
CA LYS F 30 -2.41 41.09 3.54
C LYS F 30 -1.34 41.57 2.57
N THR F 31 -1.47 41.17 1.31
CA THR F 31 -0.64 41.66 0.22
C THR F 31 -1.48 42.48 -0.75
N ALA F 32 -0.78 43.21 -1.62
CA ALA F 32 -1.40 44.08 -2.60
C ALA F 32 -1.29 43.46 -4.00
N GLU F 33 -1.96 44.09 -4.96
CA GLU F 33 -1.92 43.55 -6.31
C GLU F 33 -0.63 43.88 -7.05
N ASP F 34 0.23 44.72 -6.48
CA ASP F 34 1.55 45.01 -7.05
C ASP F 34 2.68 44.54 -6.12
N SER F 35 2.40 43.59 -5.23
CA SER F 35 3.42 43.09 -4.32
C SER F 35 4.42 42.23 -5.07
N VAL F 36 5.70 42.47 -4.83
CA VAL F 36 6.78 41.72 -5.45
C VAL F 36 7.28 40.58 -4.55
N ARG F 37 7.58 40.90 -3.28
CA ARG F 37 8.36 40.03 -2.42
C ARG F 37 8.27 40.46 -0.96
N PHE F 38 8.02 39.52 -0.03
CA PHE F 38 8.13 39.82 1.40
C PHE F 38 8.87 38.71 2.11
N THR F 39 9.61 39.08 3.17
CA THR F 39 10.48 38.16 3.90
C THR F 39 10.05 38.01 5.35
N ILE F 40 10.36 36.85 5.93
CA ILE F 40 10.27 36.57 7.36
C ILE F 40 11.62 35.99 7.79
N ASN F 41 12.27 36.64 8.75
CA ASN F 41 13.58 36.19 9.23
C ASN F 41 13.53 35.80 10.69
N LEU F 42 14.08 34.63 11.02
CA LEU F 42 14.43 34.31 12.40
C LEU F 42 15.93 34.47 12.52
N HIS F 43 16.39 35.32 13.43
CA HIS F 43 17.79 35.71 13.47
C HIS F 43 18.18 36.14 14.88
N ASN F 44 19.48 36.32 15.10
CA ASN F 44 20.00 36.91 16.33
C ASN F 44 20.52 38.33 16.07
N THR F 45 21.15 38.92 17.09
CA THR F 45 21.71 40.27 17.01
C THR F 45 22.98 40.35 17.85
N ASN F 52 23.12 40.00 12.22
CA ASN F 52 24.07 38.89 12.31
C ASN F 52 23.45 37.64 11.70
N ASP F 53 23.43 36.51 12.43
CA ASP F 53 23.03 35.23 11.85
C ASP F 53 21.51 35.11 11.66
N VAL F 54 21.11 34.49 10.56
CA VAL F 54 19.71 34.21 10.27
C VAL F 54 19.52 32.71 10.14
N PRO F 55 19.12 32.04 11.24
CA PRO F 55 18.93 30.59 11.17
C PRO F 55 17.89 30.15 10.18
N LEU F 56 16.81 30.90 9.98
CA LEU F 56 15.85 30.61 8.93
C LEU F 56 15.42 31.92 8.28
N HIS F 57 15.54 31.98 6.96
CA HIS F 57 15.14 33.12 6.15
C HIS F 57 14.06 32.65 5.19
N ILE F 58 12.90 33.31 5.19
CA ILE F 58 11.80 32.94 4.31
C ILE F 58 11.48 34.13 3.41
N SER F 59 11.62 33.94 2.09
CA SER F 59 11.29 34.97 1.11
C SER F 59 10.12 34.48 0.25
N VAL F 60 8.94 35.05 0.49
CA VAL F 60 7.78 34.77 -0.33
C VAL F 60 7.87 35.64 -1.59
N ARG F 61 7.98 35.01 -2.75
CA ARG F 61 8.31 35.70 -4.00
C ARG F 61 7.15 35.58 -4.98
N PHE F 62 6.53 36.72 -5.29
CA PHE F 62 5.46 36.77 -6.27
C PHE F 62 5.99 36.94 -7.69
N ASP F 63 7.20 37.49 -7.85
CA ASP F 63 7.80 37.59 -9.18
C ASP F 63 8.22 36.22 -9.69
N GLU F 64 8.81 35.39 -8.82
CA GLU F 64 9.24 34.06 -9.21
C GLU F 64 8.21 32.99 -8.90
N GLY F 65 7.12 33.34 -8.19
CA GLY F 65 6.08 32.39 -7.90
C GLY F 65 6.51 31.27 -6.99
N LYS F 66 7.55 31.49 -6.18
CA LYS F 66 8.08 30.48 -5.27
C LYS F 66 8.27 31.07 -3.87
N ILE F 67 8.46 30.19 -2.89
CA ILE F 67 8.91 30.56 -1.56
C ILE F 67 10.31 30.00 -1.37
N VAL F 68 11.21 30.83 -0.85
CA VAL F 68 12.63 30.51 -0.77
C VAL F 68 13.04 30.46 0.70
N PHE F 69 13.57 29.31 1.13
CA PHE F 69 14.07 29.11 2.49
C PHE F 69 15.58 29.03 2.45
N ASN F 70 16.24 29.63 3.43
CA ASN F 70 17.71 29.66 3.44
C ASN F 70 18.20 30.01 4.84
N THR F 71 19.53 29.91 5.02
CA THR F 71 20.20 30.27 6.25
C THR F 71 21.36 31.21 5.95
N PHE F 72 21.36 32.37 6.60
CA PHE F 72 22.48 33.31 6.54
C PHE F 72 23.42 33.03 7.70
N SER F 73 24.65 32.62 7.40
CA SER F 73 25.58 32.30 8.46
C SER F 73 26.99 32.57 7.99
N LYS F 74 27.86 32.90 8.96
CA LYS F 74 29.24 33.30 8.69
C LYS F 74 29.29 34.30 7.54
N GLY F 75 28.40 35.30 7.57
CA GLY F 75 28.40 36.38 6.61
C GLY F 75 27.83 36.06 5.23
N GLU F 76 27.22 34.89 5.04
CA GLU F 76 26.80 34.47 3.70
C GLU F 76 25.59 33.55 3.78
N PHE F 77 24.71 33.67 2.77
CA PHE F 77 23.68 32.67 2.53
C PHE F 77 24.28 31.36 2.07
N GLY F 78 23.55 30.28 2.29
CA GLY F 78 23.92 29.00 1.78
C GLY F 78 23.05 28.61 0.60
N LYS F 79 22.86 27.31 0.44
CA LYS F 79 22.09 26.78 -0.68
C LYS F 79 20.60 27.06 -0.47
N GLU F 80 19.94 27.54 -1.52
CA GLU F 80 18.52 27.84 -1.43
C GLU F 80 17.71 26.56 -1.51
N GLU F 81 16.59 26.53 -0.78
CA GLU F 81 15.58 25.50 -0.91
C GLU F 81 14.29 26.19 -1.32
N ARG F 82 13.49 25.52 -2.14
CA ARG F 82 12.35 26.17 -2.76
C ARG F 82 11.10 25.30 -2.65
N LYS F 83 9.97 25.98 -2.52
CA LYS F 83 8.64 25.41 -2.66
C LYS F 83 7.82 26.33 -3.56
N SER F 84 6.69 25.84 -4.04
CA SER F 84 5.83 26.64 -4.89
C SER F 84 5.02 27.64 -4.07
N ASN F 85 4.97 28.89 -4.55
CA ASN F 85 4.18 29.88 -3.84
C ASN F 85 2.73 29.76 -4.28
N PRO F 86 1.82 29.38 -3.39
CA PRO F 86 0.39 29.34 -3.76
C PRO F 86 -0.26 30.71 -3.75
N TYR F 87 0.43 31.74 -3.30
CA TYR F 87 -0.20 33.04 -3.14
C TYR F 87 -0.12 33.81 -4.44
N LYS F 88 -1.25 34.35 -4.88
CA LYS F 88 -1.28 35.33 -5.96
C LYS F 88 -1.24 36.74 -5.36
N LYS F 89 -0.64 37.68 -6.11
CA LYS F 89 -0.57 39.06 -5.68
C LYS F 89 -1.96 39.56 -5.28
N GLY F 90 -2.04 40.20 -4.12
CA GLY F 90 -3.31 40.36 -3.45
C GLY F 90 -3.58 39.20 -2.52
N ASP F 91 -4.72 39.25 -1.83
CA ASP F 91 -5.23 38.22 -0.93
C ASP F 91 -4.30 37.81 0.22
N ASP F 92 -4.91 37.27 1.27
CA ASP F 92 -4.27 37.12 2.58
C ASP F 92 -3.26 35.97 2.59
N ILE F 93 -2.27 36.10 3.47
CA ILE F 93 -1.25 35.08 3.67
C ILE F 93 -1.28 34.62 5.12
N ASP F 94 -1.05 33.34 5.33
CA ASP F 94 -1.02 32.74 6.66
C ASP F 94 0.20 31.82 6.71
N ILE F 95 1.27 32.29 7.32
CA ILE F 95 2.54 31.57 7.37
C ILE F 95 2.80 31.22 8.83
N ARG F 96 3.00 29.93 9.09
CA ARG F 96 3.17 29.45 10.45
C ARG F 96 4.40 28.57 10.52
N ILE F 97 5.29 28.89 11.46
CA ILE F 97 6.60 28.28 11.57
C ILE F 97 6.73 27.62 12.93
N ARG F 98 6.85 26.30 12.95
CA ARG F 98 6.98 25.55 14.20
C ARG F 98 8.39 25.00 14.29
N ALA F 99 9.10 25.38 15.35
CA ALA F 99 10.41 24.81 15.60
C ALA F 99 10.30 23.39 16.17
N HIS F 100 11.18 22.50 15.71
CA HIS F 100 11.33 21.15 16.23
C HIS F 100 12.80 20.93 16.54
N ASP F 101 13.14 19.74 17.07
CA ASP F 101 14.54 19.58 17.43
C ASP F 101 15.42 19.35 16.20
N SER F 102 14.86 18.92 15.08
CA SER F 102 15.65 18.65 13.89
C SER F 102 15.38 19.60 12.74
N LYS F 103 14.36 20.45 12.83
CA LYS F 103 13.90 21.17 11.65
C LYS F 103 12.92 22.25 12.10
N PHE F 104 12.59 23.13 11.17
CA PHE F 104 11.38 23.92 11.25
C PHE F 104 10.33 23.26 10.37
N SER F 105 9.08 23.34 10.81
CA SER F 105 7.93 22.89 10.03
C SER F 105 7.14 24.13 9.63
N ILE F 106 7.00 24.36 8.34
CA ILE F 106 6.32 25.55 7.84
C ILE F 106 5.03 25.12 7.15
N SER F 107 3.95 25.82 7.49
CA SER F 107 2.64 25.55 6.91
C SER F 107 2.11 26.84 6.30
N VAL F 108 1.52 26.71 5.12
CA VAL F 108 0.93 27.84 4.42
C VAL F 108 -0.58 27.63 4.41
N ASP F 109 -1.33 28.62 4.91
CA ASP F 109 -2.77 28.47 5.09
C ASP F 109 -3.07 27.19 5.86
N GLN F 110 -2.29 26.95 6.91
CA GLN F 110 -2.48 25.85 7.85
C GLN F 110 -2.28 24.49 7.19
N LYS F 111 -1.66 24.47 6.02
CA LYS F 111 -1.24 23.23 5.37
C LYS F 111 0.29 23.19 5.37
N GLU F 112 0.85 22.17 6.00
CA GLU F 112 2.30 22.00 6.00
C GLU F 112 2.80 21.85 4.57
N VAL F 113 3.74 22.72 4.18
CA VAL F 113 4.33 22.69 2.84
C VAL F 113 5.83 22.50 2.85
N LYS F 114 6.50 22.54 4.00
CA LYS F 114 7.95 22.46 3.99
C LYS F 114 8.51 22.09 5.36
N GLU F 115 9.43 21.16 5.36
CA GLU F 115 10.33 20.91 6.48
C GLU F 115 11.70 21.44 6.09
N TYR F 116 12.34 22.15 7.00
CA TYR F 116 13.64 22.76 6.73
C TYR F 116 14.57 22.39 7.87
N GLU F 117 15.56 21.56 7.58
CA GLU F 117 16.46 21.04 8.59
C GLU F 117 17.36 22.16 9.11
N HIS F 118 17.63 22.13 10.42
CA HIS F 118 18.46 23.16 11.01
C HIS F 118 19.84 23.12 10.40
N ARG F 119 20.36 24.29 10.08
CA ARG F 119 21.74 24.43 9.64
C ARG F 119 22.66 25.05 10.66
N VAL F 120 22.14 25.89 11.56
CA VAL F 120 22.85 26.46 12.71
C VAL F 120 21.96 26.28 13.96
N PRO F 121 22.44 26.51 15.18
CA PRO F 121 21.61 26.25 16.36
C PRO F 121 20.31 27.04 16.38
N LEU F 122 19.21 26.32 16.61
CA LEU F 122 17.92 26.97 16.87
C LEU F 122 18.02 27.97 18.01
N SER F 123 18.83 27.65 19.03
CA SER F 123 19.03 28.52 20.17
C SER F 123 19.59 29.88 19.78
N SER F 124 20.05 30.05 18.54
CA SER F 124 20.50 31.34 18.03
C SER F 124 19.35 32.30 17.74
N VAL F 125 18.11 31.81 17.64
CA VAL F 125 17.00 32.68 17.27
C VAL F 125 16.59 33.49 18.49
N THR F 126 17.08 34.72 18.59
CA THR F 126 16.66 35.66 19.62
C THR F 126 15.62 36.65 19.12
N HIS F 127 15.43 36.78 17.80
CA HIS F 127 14.60 37.83 17.23
C HIS F 127 13.82 37.26 16.06
N PHE F 128 12.85 38.03 15.57
CA PHE F 128 12.39 37.83 14.21
C PHE F 128 11.91 39.16 13.65
N SER F 129 11.93 39.21 12.33
CA SER F 129 11.67 40.42 11.57
C SER F 129 10.78 40.07 10.37
N VAL F 130 9.78 40.90 10.13
CA VAL F 130 8.95 40.82 8.93
C VAL F 130 9.14 42.10 8.11
N ASP F 131 9.22 41.96 6.78
CA ASP F 131 9.62 43.05 5.92
C ASP F 131 9.11 42.80 4.51
N GLY F 132 8.92 43.89 3.76
CA GLY F 132 8.54 43.78 2.35
C GLY F 132 7.12 44.20 2.01
N ASP F 133 6.58 43.65 0.92
CA ASP F 133 5.28 44.06 0.40
C ASP F 133 4.17 43.25 1.06
N ILE F 134 4.01 43.51 2.35
CA ILE F 134 2.97 42.85 3.14
C ILE F 134 2.39 43.87 4.10
N LEU F 135 1.08 43.81 4.31
CA LEU F 135 0.43 44.49 5.40
C LEU F 135 0.15 43.44 6.47
N ILE F 136 0.90 43.48 7.56
CA ILE F 136 0.76 42.49 8.63
C ILE F 136 -0.51 42.78 9.42
N THR F 137 -1.30 41.73 9.68
CA THR F 137 -2.48 41.84 10.52
C THR F 137 -2.42 41.04 11.82
N TYR F 138 -1.54 40.05 11.95
CA TYR F 138 -1.51 39.22 13.15
C TYR F 138 -0.16 38.56 13.31
N ILE F 139 0.40 38.65 14.51
CA ILE F 139 1.61 37.93 14.88
C ILE F 139 1.45 37.36 16.29
N HIS F 140 2.00 36.16 16.50
CA HIS F 140 2.05 35.54 17.82
C HIS F 140 3.08 34.42 17.78
N TRP F 141 3.81 34.28 18.88
CA TRP F 141 4.67 33.12 19.06
C TRP F 141 4.44 32.56 20.46
N GLY F 142 4.49 31.23 20.56
CA GLY F 142 4.25 30.46 21.76
C GLY F 142 3.89 29.03 21.37
N GLY F 143 3.07 28.40 22.21
CA GLY F 143 2.78 27.00 22.09
C GLY F 143 3.88 26.15 22.70
N LYS F 144 3.60 24.85 22.73
CA LYS F 144 4.54 23.86 23.22
C LYS F 144 4.09 22.50 22.71
N TYR F 145 4.81 21.47 23.10
CA TYR F 145 4.34 20.11 22.82
C TYR F 145 3.26 19.78 23.83
N TYR F 146 2.00 19.90 23.41
CA TYR F 146 0.89 19.60 24.33
C TYR F 146 0.50 18.14 24.19
N PRO F 147 0.62 17.33 25.23
CA PRO F 147 0.23 15.92 25.13
C PRO F 147 -1.27 15.78 24.97
N VAL F 148 -1.68 14.81 24.16
CA VAL F 148 -3.09 14.51 23.95
C VAL F 148 -3.26 13.01 24.17
N PRO F 149 -4.22 12.54 24.98
CA PRO F 149 -5.21 13.30 25.77
C PRO F 149 -4.58 14.33 26.73
N TYR F 150 -5.19 15.50 26.73
CA TYR F 150 -4.72 16.65 27.48
C TYR F 150 -5.68 16.91 28.62
N GLU F 151 -5.13 17.41 29.71
CA GLU F 151 -5.93 17.76 30.87
C GLU F 151 -5.17 18.80 31.68
N SER F 152 -5.86 19.89 32.05
CA SER F 152 -5.18 20.97 32.74
C SER F 152 -6.18 21.79 33.54
N GLY F 153 -5.69 22.38 34.63
CA GLY F 153 -6.43 23.44 35.27
C GLY F 153 -6.33 24.74 34.49
N LEU F 154 -7.28 25.65 34.73
CA LEU F 154 -7.25 26.95 34.08
C LEU F 154 -6.78 27.99 35.10
N ALA F 155 -5.80 28.80 34.68
CA ALA F 155 -5.18 29.88 35.42
C ALA F 155 -5.63 29.94 36.87
N GLY F 156 -6.51 30.88 37.18
CA GLY F 156 -7.03 31.03 38.53
C GLY F 156 -8.50 31.31 38.51
N ASP F 157 -8.87 32.50 38.04
CA ASP F 157 -10.26 32.77 37.74
C ASP F 157 -10.81 31.76 36.74
N GLY F 158 -9.98 31.37 35.77
CA GLY F 158 -10.41 30.41 34.75
C GLY F 158 -11.00 31.05 33.52
N LEU F 159 -11.98 30.41 32.90
CA LEU F 159 -12.57 30.91 31.65
C LEU F 159 -13.89 31.61 31.95
N ALA F 160 -13.77 32.78 32.56
CA ALA F 160 -14.96 33.51 33.00
C ALA F 160 -15.52 34.42 31.89
N PRO F 161 -16.82 34.75 31.94
CA PRO F 161 -17.39 35.64 30.93
C PRO F 161 -16.53 36.88 30.74
N GLY F 162 -16.35 37.29 29.49
CA GLY F 162 -15.36 38.29 29.18
C GLY F 162 -14.00 37.73 28.88
N LYS F 163 -13.80 36.41 28.99
CA LYS F 163 -12.57 35.75 28.63
C LYS F 163 -12.84 34.72 27.54
N SER F 164 -11.79 34.38 26.80
CA SER F 164 -11.88 33.39 25.75
C SER F 164 -10.70 32.44 25.84
N LEU F 165 -10.92 31.21 25.42
CA LEU F 165 -9.86 30.23 25.28
C LEU F 165 -9.54 30.06 23.80
N LEU F 166 -8.28 30.24 23.45
CA LEU F 166 -7.82 30.08 22.08
C LEU F 166 -7.05 28.79 21.98
N ILE F 167 -7.53 27.87 21.15
CA ILE F 167 -6.90 26.56 20.99
C ILE F 167 -6.47 26.45 19.54
N PHE F 168 -5.16 26.30 19.31
CA PHE F 168 -4.63 25.99 18.00
C PHE F 168 -4.46 24.47 17.92
N ALA F 169 -5.09 23.86 16.92
CA ALA F 169 -5.09 22.41 16.84
C ALA F 169 -5.02 21.97 15.39
N THR F 170 -4.67 20.70 15.20
CA THR F 170 -4.65 20.14 13.85
C THR F 170 -5.29 18.76 13.88
N PRO F 171 -6.50 18.62 13.33
CA PRO F 171 -7.15 17.30 13.30
C PRO F 171 -6.37 16.33 12.45
N GLU F 172 -6.16 15.12 12.97
CA GLU F 172 -5.29 14.15 12.31
C GLU F 172 -5.81 13.77 10.93
N LYS F 173 -4.89 13.54 9.99
CA LYS F 173 -5.25 13.24 8.61
C LYS F 173 -6.15 12.01 8.50
N LYS F 174 -6.13 11.11 9.47
CA LYS F 174 -6.91 9.88 9.36
C LYS F 174 -7.81 9.66 10.58
N GLY F 175 -8.10 10.71 11.37
CA GLY F 175 -8.91 10.53 12.55
C GLY F 175 -10.40 10.53 12.25
N LYS F 176 -11.18 10.14 13.25
CA LYS F 176 -12.63 10.22 13.10
C LYS F 176 -13.26 11.32 13.93
N ARG F 177 -12.74 11.59 15.12
CA ARG F 177 -13.29 12.66 15.95
C ARG F 177 -12.24 13.11 16.97
N PHE F 178 -12.55 14.23 17.64
CA PHE F 178 -11.77 14.74 18.76
C PHE F 178 -12.71 15.63 19.56
N HIS F 179 -12.35 15.87 20.83
CA HIS F 179 -13.28 16.61 21.69
C HIS F 179 -12.52 17.55 22.60
N ILE F 180 -13.15 18.69 22.87
CA ILE F 180 -12.69 19.67 23.84
C ILE F 180 -13.73 19.77 24.94
N ASN F 181 -13.31 19.64 26.19
CA ASN F 181 -14.20 19.77 27.33
C ASN F 181 -13.83 21.00 28.14
N LEU F 182 -14.81 21.83 28.46
CA LEU F 182 -14.63 22.95 29.38
C LEU F 182 -15.32 22.61 30.69
N LEU F 183 -14.55 22.53 31.79
CA LEU F 183 -15.00 21.83 32.99
C LEU F 183 -15.11 22.73 34.22
N LYS F 184 -15.98 22.33 35.14
CA LYS F 184 -16.15 22.93 36.45
C LYS F 184 -15.68 21.96 37.54
N LYS F 185 -15.41 22.50 38.74
CA LYS F 185 -14.94 21.75 39.91
C LYS F 185 -15.50 20.33 40.01
N ASN F 186 -16.82 20.21 40.04
CA ASN F 186 -17.48 18.93 40.31
C ASN F 186 -17.29 17.92 39.20
N GLY F 187 -16.71 18.29 38.06
CA GLY F 187 -16.57 17.38 36.93
C GLY F 187 -17.64 17.57 35.87
N ASP F 188 -18.66 18.38 36.15
CA ASP F 188 -19.58 18.80 35.10
C ASP F 188 -18.77 19.38 33.94
N ILE F 189 -19.36 19.32 32.75
CA ILE F 189 -18.72 19.83 31.54
C ILE F 189 -19.59 20.96 31.02
N ALA F 190 -19.16 22.19 31.24
CA ALA F 190 -19.96 23.36 30.81
C ALA F 190 -20.21 23.33 29.32
N LEU F 191 -19.20 22.97 28.52
CA LEU F 191 -19.34 22.86 27.08
C LEU F 191 -18.50 21.69 26.58
N HIS F 192 -19.15 20.76 25.91
CA HIS F 192 -18.51 19.61 25.26
C HIS F 192 -18.52 19.89 23.77
N PHE F 193 -17.34 20.03 23.18
CA PHE F 193 -17.19 20.44 21.79
C PHE F 193 -16.51 19.29 21.04
N ASN F 194 -17.24 18.66 20.12
CA ASN F 194 -16.91 17.31 19.65
C ASN F 194 -17.10 17.19 18.15
N PRO F 195 -16.18 17.76 17.36
CA PRO F 195 -16.22 17.58 15.89
C PRO F 195 -16.10 16.11 15.47
N ARG F 196 -17.08 15.64 14.68
CA ARG F 196 -17.18 14.25 14.23
C ARG F 196 -17.18 14.19 12.70
N PHE F 197 -16.03 13.91 12.11
CA PHE F 197 -15.90 13.94 10.66
C PHE F 197 -16.77 12.89 9.97
N ASP F 198 -17.12 11.82 10.67
CA ASP F 198 -17.94 10.77 10.08
C ASP F 198 -19.43 10.99 10.26
N GLU F 199 -19.84 12.08 10.91
CA GLU F 199 -21.22 12.53 10.90
C GLU F 199 -21.31 13.95 10.35
N LYS F 200 -20.19 14.45 9.81
CA LYS F 200 -20.10 15.72 9.07
C LYS F 200 -20.71 16.88 9.86
N ALA F 201 -20.44 16.89 11.17
CA ALA F 201 -20.96 17.93 12.06
C ALA F 201 -20.13 17.95 13.33
N ILE F 202 -20.27 19.06 14.08
CA ILE F 202 -19.64 19.21 15.39
C ILE F 202 -20.74 19.19 16.43
N VAL F 203 -20.68 18.22 17.35
CA VAL F 203 -21.61 18.10 18.46
C VAL F 203 -21.19 19.05 19.59
N ARG F 204 -22.14 19.83 20.10
CA ARG F 204 -21.98 20.57 21.35
C ARG F 204 -22.98 20.04 22.37
N ASN F 205 -22.58 20.02 23.65
CA ASN F 205 -23.44 19.48 24.71
C ASN F 205 -22.85 19.83 26.07
N SER F 206 -23.60 19.48 27.11
CA SER F 206 -23.16 19.64 28.49
C SER F 206 -23.32 18.33 29.24
N LEU F 207 -22.43 18.10 30.18
CA LEU F 207 -22.54 16.98 31.09
C LEU F 207 -22.81 17.55 32.48
N ILE F 208 -24.04 17.36 32.96
CA ILE F 208 -24.49 17.82 34.27
C ILE F 208 -24.86 16.60 35.09
N SER F 209 -24.40 16.56 36.34
CA SER F 209 -24.62 15.42 37.22
C SER F 209 -24.50 14.10 36.46
N GLY F 210 -23.41 14.00 35.69
CA GLY F 210 -23.10 12.81 34.94
C GLY F 210 -24.03 12.46 33.80
N GLU F 211 -24.84 13.41 33.30
CA GLU F 211 -25.79 13.11 32.23
C GLU F 211 -25.70 14.13 31.10
N PHE F 212 -25.64 13.65 29.87
CA PHE F 212 -25.57 14.50 28.69
C PHE F 212 -26.95 15.01 28.30
N GLY F 213 -26.99 16.27 27.88
CA GLY F 213 -28.23 16.94 27.53
C GLY F 213 -28.64 16.69 26.10
N ASN F 214 -29.30 17.70 25.51
CA ASN F 214 -29.94 17.51 24.20
C ASN F 214 -28.95 17.01 23.14
N GLU F 215 -28.40 17.94 22.34
CA GLU F 215 -27.31 17.79 21.41
C GLU F 215 -27.47 18.77 20.25
N GLU F 216 -26.75 19.89 20.31
CA GLU F 216 -26.75 20.89 19.25
C GLU F 216 -25.63 20.56 18.26
N ARG F 217 -26.03 20.22 17.03
CA ARG F 217 -25.09 19.83 15.98
C ARG F 217 -25.30 20.60 14.68
N GLU F 218 -26.23 21.55 14.64
CA GLU F 218 -26.48 22.28 13.40
C GLU F 218 -25.25 23.04 12.97
N GLY F 219 -25.02 23.07 11.67
CA GLY F 219 -23.90 23.79 11.11
C GLY F 219 -23.00 22.93 10.25
N LYS F 220 -22.35 23.56 9.28
CA LYS F 220 -21.40 22.89 8.40
C LYS F 220 -20.07 22.71 9.14
N ASN F 221 -19.58 21.47 9.24
CA ASN F 221 -18.27 21.26 9.83
C ASN F 221 -17.24 22.01 8.99
N PRO F 222 -16.65 23.09 9.50
CA PRO F 222 -15.66 23.84 8.70
C PRO F 222 -14.26 23.25 8.77
N LEU F 223 -14.01 22.28 9.65
CA LEU F 223 -12.68 21.71 9.84
C LEU F 223 -12.34 20.79 8.68
N GLU F 224 -11.04 20.46 8.57
CA GLU F 224 -10.59 19.58 7.52
C GLU F 224 -9.45 18.71 8.05
N LYS F 225 -9.54 17.41 7.81
CA LYS F 225 -8.47 16.51 8.25
C LYS F 225 -7.14 16.98 7.69
N GLY F 226 -6.11 16.97 8.54
CA GLY F 226 -4.78 17.34 8.13
C GLY F 226 -4.52 18.83 8.02
N ILE F 227 -5.51 19.68 8.27
CA ILE F 227 -5.34 21.12 8.21
C ILE F 227 -5.51 21.68 9.61
N GLY F 228 -4.55 22.51 10.02
CA GLY F 228 -4.69 23.19 11.29
C GLY F 228 -5.83 24.18 11.29
N CYS F 229 -6.38 24.39 12.48
CA CYS F 229 -7.53 25.26 12.66
C CYS F 229 -7.27 26.18 13.84
N ASP F 230 -7.98 27.31 13.85
CA ASP F 230 -7.98 28.24 14.97
C ASP F 230 -9.34 28.16 15.63
N LEU F 231 -9.37 27.59 16.84
CA LEU F 231 -10.59 27.42 17.63
C LEU F 231 -10.62 28.46 18.75
N GLU F 232 -11.77 29.12 18.91
CA GLU F 232 -11.93 30.15 19.92
C GLU F 232 -13.27 29.98 20.61
N PHE F 233 -13.22 29.80 21.94
CA PHE F 233 -14.40 29.69 22.81
C PHE F 233 -14.53 30.99 23.60
N ARG F 234 -15.41 31.86 23.13
CA ARG F 234 -15.50 33.23 23.63
C ARG F 234 -16.63 33.26 24.66
N ASN F 235 -16.26 33.15 25.93
CA ASN F 235 -17.24 33.12 27.02
C ASN F 235 -17.89 34.49 27.17
N GLU F 236 -19.22 34.53 27.04
CA GLU F 236 -19.94 35.78 27.18
C GLU F 236 -21.06 35.59 28.16
N GLU F 237 -21.84 36.65 28.37
CA GLU F 237 -22.81 36.65 29.47
C GLU F 237 -23.84 35.53 29.32
N TYR F 238 -24.42 35.39 28.12
CA TYR F 238 -25.50 34.44 27.95
C TYR F 238 -25.14 33.18 27.16
N ALA F 239 -24.04 33.20 26.39
CA ALA F 239 -23.69 32.06 25.56
C ALA F 239 -22.20 32.08 25.30
N PHE F 240 -21.68 30.93 24.92
CA PHE F 240 -20.36 30.86 24.32
C PHE F 240 -20.48 31.29 22.86
N GLN F 241 -19.57 32.12 22.40
CA GLN F 241 -19.46 32.37 20.96
C GLN F 241 -18.28 31.53 20.50
N ILE F 242 -18.56 30.49 19.71
CA ILE F 242 -17.54 29.54 19.28
C ILE F 242 -17.06 29.96 17.89
N TYR F 243 -15.79 30.37 17.79
CA TYR F 243 -15.22 30.77 16.52
C TYR F 243 -14.32 29.67 15.96
N VAL F 244 -14.41 29.47 14.65
CA VAL F 244 -13.59 28.51 13.92
C VAL F 244 -12.94 29.27 12.77
N ASP F 245 -11.60 29.34 12.77
CA ASP F 245 -10.82 29.95 11.68
C ASP F 245 -11.27 31.37 11.37
N GLY F 246 -11.63 32.12 12.41
CA GLY F 246 -11.90 33.53 12.29
C GLY F 246 -13.36 33.89 12.10
N GLU F 247 -14.25 32.92 11.91
CA GLU F 247 -15.67 33.22 11.74
C GLU F 247 -16.50 32.48 12.78
N ARG F 248 -17.60 33.11 13.20
CA ARG F 248 -18.48 32.51 14.21
C ARG F 248 -19.13 31.26 13.64
N PHE F 249 -18.88 30.11 14.28
CA PHE F 249 -19.45 28.87 13.82
C PHE F 249 -20.76 28.53 14.51
N ALA F 250 -20.95 28.99 15.75
CA ALA F 250 -22.15 28.68 16.50
C ALA F 250 -22.15 29.48 17.80
N THR F 251 -23.30 29.46 18.47
CA THR F 251 -23.39 29.92 19.85
C THR F 251 -24.01 28.81 20.67
N TYR F 252 -23.65 28.75 21.97
CA TYR F 252 -24.12 27.72 22.89
C TYR F 252 -24.54 28.40 24.20
N ALA F 253 -25.86 28.53 24.37
CA ALA F 253 -26.42 29.13 25.58
C ALA F 253 -25.89 28.42 26.81
N HIS F 254 -25.67 29.19 27.87
CA HIS F 254 -25.16 28.62 29.11
C HIS F 254 -26.21 27.71 29.74
N ARG F 255 -25.84 26.44 29.95
CA ARG F 255 -26.65 25.53 30.75
C ARG F 255 -26.17 25.44 32.19
N LEU F 256 -25.01 26.03 32.51
CA LEU F 256 -24.52 26.09 33.87
C LEU F 256 -24.01 27.49 34.10
N ASP F 257 -23.96 27.89 35.37
CA ASP F 257 -23.31 29.14 35.73
C ASP F 257 -21.99 29.22 34.98
N PRO F 258 -21.80 30.21 34.10
CA PRO F 258 -20.58 30.29 33.28
C PRO F 258 -19.37 30.76 34.06
N HIS F 259 -19.51 30.94 35.37
CA HIS F 259 -18.37 31.23 36.22
C HIS F 259 -17.81 29.93 36.75
N ASP F 260 -16.52 29.97 37.14
CA ASP F 260 -15.82 28.85 37.76
C ASP F 260 -15.54 27.70 36.80
N ILE F 261 -15.51 27.96 35.49
CA ILE F 261 -15.09 26.92 34.53
C ILE F 261 -13.57 26.90 34.58
N ASN F 262 -13.01 25.91 35.28
CA ASN F 262 -11.57 25.91 35.60
C ASN F 262 -10.86 24.64 35.14
N GLY F 263 -11.48 23.81 34.32
CA GLY F 263 -10.84 22.61 33.83
C GLY F 263 -10.88 22.58 32.31
N LEU F 264 -9.90 21.90 31.73
CA LEU F 264 -9.86 21.74 30.28
C LEU F 264 -9.38 20.34 29.95
N GLN F 265 -10.13 19.67 29.10
CA GLN F 265 -9.74 18.38 28.57
C GLN F 265 -9.71 18.46 27.06
N ILE F 266 -8.84 17.66 26.46
CA ILE F 266 -8.82 17.49 25.01
C ILE F 266 -8.46 16.04 24.73
N GLY F 267 -9.23 15.39 23.85
CA GLY F 267 -8.98 14.00 23.55
C GLY F 267 -9.34 13.71 22.11
N GLY F 268 -9.01 12.50 21.67
CA GLY F 268 -9.39 12.06 20.34
C GLY F 268 -8.28 12.33 19.33
N ASP F 269 -8.66 12.32 18.06
CA ASP F 269 -7.68 12.32 16.97
C ASP F 269 -7.29 13.76 16.61
N VAL F 270 -6.51 14.37 17.51
CA VAL F 270 -6.11 15.76 17.35
C VAL F 270 -4.69 15.95 17.84
N GLU F 271 -3.94 16.79 17.15
CA GLU F 271 -2.67 17.32 17.61
C GLU F 271 -2.85 18.77 18.02
N VAL F 272 -2.43 19.12 19.23
CA VAL F 272 -2.65 20.45 19.80
C VAL F 272 -1.31 21.18 19.89
N THR F 273 -1.22 22.34 19.23
CA THR F 273 0.00 23.12 19.21
C THR F 273 -0.12 24.46 19.92
N GLY F 274 -1.31 24.90 20.30
CA GLY F 274 -1.39 26.16 21.03
C GLY F 274 -2.59 26.28 21.93
N ILE F 275 -2.38 26.78 23.14
CA ILE F 275 -3.48 27.11 24.05
C ILE F 275 -3.14 28.47 24.65
N GLN F 276 -4.03 29.44 24.49
CA GLN F 276 -3.84 30.73 25.14
C GLN F 276 -5.17 31.22 25.72
N MET F 277 -5.09 31.70 26.94
CA MET F 277 -6.22 32.27 27.64
C MET F 277 -6.16 33.78 27.49
N VAL F 278 -7.33 34.38 27.26
CA VAL F 278 -7.40 35.76 26.83
C VAL F 278 -8.46 36.53 27.60
N THR G 5 -35.44 -5.34 -18.80
CA THR G 5 -35.43 -5.31 -17.35
C THR G 5 -34.01 -5.18 -16.80
N ASN G 6 -33.22 -4.30 -17.41
CA ASN G 6 -31.88 -3.97 -16.92
C ASN G 6 -30.99 -5.20 -16.80
N TYR G 7 -29.83 -5.02 -16.15
CA TYR G 7 -28.76 -6.01 -16.01
C TYR G 7 -28.61 -6.77 -17.34
N PRO G 8 -28.36 -6.06 -18.44
CA PRO G 8 -28.34 -6.73 -19.74
C PRO G 8 -27.16 -7.67 -19.84
N VAL G 9 -27.40 -8.80 -20.50
CA VAL G 9 -26.40 -9.86 -20.59
C VAL G 9 -25.62 -9.66 -21.88
N PRO G 10 -24.29 -9.85 -21.87
CA PRO G 10 -23.50 -10.31 -20.74
C PRO G 10 -23.31 -9.28 -19.63
N TYR G 11 -23.78 -9.62 -18.43
CA TYR G 11 -23.57 -8.74 -17.30
C TYR G 11 -22.19 -9.00 -16.71
N ARG G 12 -21.61 -7.95 -16.14
CA ARG G 12 -20.30 -8.04 -15.49
C ARG G 12 -20.14 -6.84 -14.56
N SER G 13 -19.78 -7.10 -13.30
CA SER G 13 -19.57 -6.02 -12.34
C SER G 13 -18.28 -6.23 -11.56
N LYS G 14 -17.64 -5.10 -11.25
CA LYS G 14 -16.41 -5.05 -10.47
C LYS G 14 -16.78 -4.82 -9.00
N LEU G 15 -16.26 -5.68 -8.13
CA LEU G 15 -16.65 -5.62 -6.72
C LEU G 15 -16.02 -4.40 -6.05
N THR G 16 -16.81 -3.73 -5.21
CA THR G 16 -16.28 -2.62 -4.42
C THR G 16 -15.23 -3.12 -3.44
N GLU G 17 -15.46 -4.27 -2.83
CA GLU G 17 -14.59 -4.81 -1.81
C GLU G 17 -14.56 -6.32 -1.97
N PRO G 18 -13.60 -7.02 -1.35
CA PRO G 18 -13.48 -8.46 -1.55
C PRO G 18 -14.68 -9.23 -1.01
N PHE G 19 -15.10 -10.25 -1.75
CA PHE G 19 -16.14 -11.15 -1.29
C PHE G 19 -15.65 -11.83 -0.01
N GLU G 20 -16.37 -11.62 1.08
CA GLU G 20 -15.99 -11.99 2.44
C GLU G 20 -16.95 -13.04 2.99
N PRO G 21 -16.48 -13.90 3.89
CA PRO G 21 -17.39 -14.80 4.61
C PRO G 21 -18.55 -14.06 5.23
N GLY G 22 -19.74 -14.65 5.09
CA GLY G 22 -20.98 -14.05 5.57
C GLY G 22 -21.76 -13.29 4.53
N GLN G 23 -21.21 -13.07 3.34
CA GLN G 23 -21.87 -12.27 2.32
C GLN G 23 -22.57 -13.17 1.30
N THR G 24 -23.66 -12.64 0.72
CA THR G 24 -24.47 -13.41 -0.21
C THR G 24 -24.63 -12.68 -1.53
N LEU G 25 -24.42 -13.41 -2.61
CA LEU G 25 -24.76 -12.94 -3.94
C LEU G 25 -26.11 -13.54 -4.33
N ILE G 26 -27.08 -12.68 -4.62
CA ILE G 26 -28.42 -13.09 -5.04
C ILE G 26 -28.54 -12.84 -6.54
N ILE G 27 -29.04 -13.82 -7.28
CA ILE G 27 -29.29 -13.62 -8.71
C ILE G 27 -30.65 -14.21 -9.05
N LYS G 28 -31.55 -13.37 -9.55
CA LYS G 28 -32.87 -13.80 -9.98
C LYS G 28 -33.02 -13.44 -11.46
N GLY G 29 -33.93 -14.15 -12.13
CA GLY G 29 -34.09 -13.90 -13.55
C GLY G 29 -35.21 -14.73 -14.13
N LYS G 30 -35.50 -14.44 -15.41
CA LYS G 30 -36.39 -15.21 -16.25
C LYS G 30 -35.59 -15.99 -17.29
N THR G 31 -36.16 -17.10 -17.72
CA THR G 31 -35.66 -17.89 -18.82
C THR G 31 -36.77 -18.04 -19.85
N ALA G 32 -36.38 -18.36 -21.07
CA ALA G 32 -37.28 -18.49 -22.20
C ALA G 32 -37.52 -19.97 -22.51
N GLU G 33 -38.59 -20.23 -23.26
CA GLU G 33 -38.99 -21.60 -23.56
C GLU G 33 -37.95 -22.33 -24.40
N ASP G 34 -36.99 -21.62 -25.00
CA ASP G 34 -35.89 -22.27 -25.69
C ASP G 34 -34.54 -21.98 -25.03
N SER G 35 -34.51 -21.36 -23.85
CA SER G 35 -33.27 -21.25 -23.10
C SER G 35 -32.58 -22.61 -23.05
N VAL G 36 -31.26 -22.61 -23.20
CA VAL G 36 -30.46 -23.82 -23.03
C VAL G 36 -29.53 -23.73 -21.83
N ARG G 37 -28.74 -22.66 -21.74
CA ARG G 37 -27.74 -22.54 -20.70
C ARG G 37 -27.67 -21.09 -20.22
N PHE G 38 -27.27 -20.92 -18.95
CA PHE G 38 -26.73 -19.64 -18.51
C PHE G 38 -25.67 -19.90 -17.45
N THR G 39 -24.87 -18.89 -17.14
CA THR G 39 -23.71 -19.11 -16.29
C THR G 39 -23.53 -17.95 -15.31
N ILE G 40 -23.05 -18.29 -14.11
CA ILE G 40 -22.62 -17.30 -13.13
C ILE G 40 -21.17 -17.62 -12.77
N ASN G 41 -20.30 -16.62 -12.91
CA ASN G 41 -18.88 -16.80 -12.68
C ASN G 41 -18.44 -15.84 -11.59
N LEU G 42 -17.78 -16.34 -10.57
CA LEU G 42 -17.01 -15.50 -9.67
C LEU G 42 -15.56 -15.61 -10.11
N HIS G 43 -14.92 -14.48 -10.37
CA HIS G 43 -13.64 -14.55 -11.08
C HIS G 43 -12.85 -13.29 -10.82
N ASN G 44 -11.58 -13.30 -11.23
CA ASN G 44 -10.79 -12.08 -11.19
C ASN G 44 -10.44 -11.66 -12.62
N THR G 45 -9.34 -10.92 -12.78
CA THR G 45 -8.89 -10.38 -14.05
C THR G 45 -7.37 -10.18 -14.02
N ASN G 52 -9.30 -14.57 -16.51
CA ASN G 52 -8.29 -15.41 -15.86
C ASN G 52 -8.93 -16.35 -14.84
N ASP G 53 -8.55 -16.18 -13.57
CA ASP G 53 -8.95 -17.12 -12.52
C ASP G 53 -10.44 -17.03 -12.20
N VAL G 54 -11.09 -18.19 -12.11
CA VAL G 54 -12.52 -18.31 -11.79
C VAL G 54 -12.69 -19.25 -10.60
N PRO G 55 -12.62 -18.75 -9.36
CA PRO G 55 -12.77 -19.66 -8.21
C PRO G 55 -14.08 -20.41 -8.20
N LEU G 56 -15.16 -19.81 -8.68
CA LEU G 56 -16.45 -20.51 -8.76
C LEU G 56 -17.13 -20.22 -10.08
N HIS G 57 -17.28 -21.26 -10.87
CA HIS G 57 -18.05 -21.21 -12.11
C HIS G 57 -19.30 -22.06 -11.92
N ILE G 58 -20.47 -21.49 -12.22
CA ILE G 58 -21.75 -22.20 -12.13
C ILE G 58 -22.35 -22.32 -13.51
N SER G 59 -22.69 -23.54 -13.91
CA SER G 59 -23.34 -23.80 -15.20
C SER G 59 -24.75 -24.38 -14.98
N VAL G 60 -25.77 -23.60 -15.28
CA VAL G 60 -27.15 -24.08 -15.21
C VAL G 60 -27.55 -24.56 -16.60
N ARG G 61 -27.70 -25.87 -16.76
CA ARG G 61 -27.87 -26.49 -18.06
C ARG G 61 -29.26 -27.11 -18.15
N PHE G 62 -30.08 -26.61 -19.09
CA PHE G 62 -31.42 -27.15 -19.28
C PHE G 62 -31.41 -28.42 -20.13
N ASP G 63 -30.47 -28.52 -21.09
CA ASP G 63 -30.30 -29.76 -21.83
C ASP G 63 -29.92 -30.92 -20.92
N GLU G 64 -28.78 -30.83 -20.24
CA GLU G 64 -28.35 -31.89 -19.33
C GLU G 64 -29.27 -32.07 -18.14
N GLY G 65 -30.02 -31.03 -17.77
CA GLY G 65 -30.79 -31.07 -16.54
C GLY G 65 -29.93 -31.09 -15.29
N LYS G 66 -28.81 -30.37 -15.30
CA LYS G 66 -27.87 -30.34 -14.17
C LYS G 66 -27.41 -28.92 -13.90
N ILE G 67 -27.04 -28.66 -12.65
CA ILE G 67 -26.33 -27.44 -12.27
C ILE G 67 -24.89 -27.86 -12.00
N VAL G 68 -23.94 -27.29 -12.75
CA VAL G 68 -22.54 -27.73 -12.78
C VAL G 68 -21.65 -26.66 -12.17
N PHE G 69 -20.80 -27.06 -11.23
CA PHE G 69 -19.86 -26.19 -10.56
C PHE G 69 -18.44 -26.60 -10.93
N ASN G 70 -17.54 -25.63 -10.99
CA ASN G 70 -16.13 -25.93 -11.23
C ASN G 70 -15.30 -24.69 -10.88
N THR G 71 -13.99 -24.83 -11.01
CA THR G 71 -13.03 -23.77 -10.77
C THR G 71 -12.07 -23.75 -11.95
N PHE G 72 -11.73 -22.55 -12.44
CA PHE G 72 -10.75 -22.39 -13.52
C PHE G 72 -9.56 -21.61 -12.98
N SER G 73 -8.40 -22.25 -12.94
CA SER G 73 -7.19 -21.59 -12.44
C SER G 73 -5.99 -22.05 -13.26
N LYS G 74 -5.03 -21.15 -13.44
CA LYS G 74 -3.78 -21.47 -14.13
C LYS G 74 -4.07 -22.02 -15.53
N GLY G 75 -5.05 -21.43 -16.20
CA GLY G 75 -5.37 -21.84 -17.56
C GLY G 75 -6.04 -23.19 -17.71
N GLU G 76 -6.66 -23.72 -16.65
CA GLU G 76 -7.20 -25.07 -16.76
C GLU G 76 -8.37 -25.27 -15.82
N PHE G 77 -9.28 -26.15 -16.21
CA PHE G 77 -10.47 -26.44 -15.43
C PHE G 77 -10.19 -27.57 -14.46
N GLY G 78 -10.78 -27.48 -13.29
CA GLY G 78 -10.74 -28.60 -12.38
C GLY G 78 -11.81 -29.61 -12.73
N LYS G 79 -12.20 -30.32 -11.71
CA LYS G 79 -13.25 -31.32 -11.82
C LYS G 79 -14.66 -30.82 -11.47
N GLU G 80 -15.56 -30.84 -12.46
CA GLU G 80 -16.94 -30.42 -12.27
C GLU G 80 -17.62 -31.21 -11.17
N GLU G 81 -18.51 -30.55 -10.44
CA GLU G 81 -19.39 -31.20 -9.48
C GLU G 81 -20.82 -30.84 -9.91
N ARG G 82 -21.69 -31.85 -9.94
CA ARG G 82 -23.02 -31.69 -10.51
C ARG G 82 -24.08 -31.89 -9.44
N LYS G 83 -25.08 -31.03 -9.49
CA LYS G 83 -26.31 -31.19 -8.75
C LYS G 83 -27.45 -31.18 -9.76
N SER G 84 -28.59 -31.68 -9.35
CA SER G 84 -29.72 -31.72 -10.25
C SER G 84 -30.23 -30.31 -10.53
N ASN G 85 -30.73 -30.09 -11.76
CA ASN G 85 -31.32 -28.81 -12.12
C ASN G 85 -32.83 -28.89 -11.92
N PRO G 86 -33.41 -28.12 -10.99
CA PRO G 86 -34.86 -28.25 -10.75
C PRO G 86 -35.70 -27.40 -11.68
N TYR G 87 -35.09 -26.54 -12.49
CA TYR G 87 -35.86 -25.67 -13.36
C TYR G 87 -36.07 -26.35 -14.71
N LYS G 88 -37.24 -26.12 -15.28
CA LYS G 88 -37.52 -26.45 -16.66
C LYS G 88 -37.46 -25.17 -17.47
N LYS G 89 -37.23 -25.31 -18.78
CA LYS G 89 -37.11 -24.15 -19.66
C LYS G 89 -38.31 -23.24 -19.47
N GLY G 90 -38.06 -21.94 -19.49
CA GLY G 90 -38.98 -20.98 -18.91
C GLY G 90 -38.92 -21.05 -17.38
N ASP G 91 -39.90 -20.39 -16.75
CA ASP G 91 -40.01 -20.29 -15.30
C ASP G 91 -38.80 -19.63 -14.63
N ASP G 92 -39.09 -18.95 -13.51
CA ASP G 92 -38.14 -18.08 -12.84
C ASP G 92 -37.04 -18.87 -12.14
N ILE G 93 -35.84 -18.30 -12.12
CA ILE G 93 -34.72 -18.90 -11.42
C ILE G 93 -34.28 -17.95 -10.30
N ASP G 94 -33.80 -18.52 -9.20
CA ASP G 94 -33.36 -17.76 -8.04
C ASP G 94 -32.15 -18.48 -7.46
N ILE G 95 -30.96 -17.92 -7.66
CA ILE G 95 -29.72 -18.58 -7.30
C ILE G 95 -28.93 -17.65 -6.41
N ARG G 96 -28.55 -18.15 -5.23
CA ARG G 96 -27.90 -17.37 -4.20
C ARG G 96 -26.63 -18.09 -3.78
N ILE G 97 -25.54 -17.34 -3.71
CA ILE G 97 -24.20 -17.83 -3.43
C ILE G 97 -23.66 -17.10 -2.20
N ARG G 98 -23.58 -17.80 -1.07
CA ARG G 98 -23.02 -17.23 0.15
C ARG G 98 -21.61 -17.74 0.39
N ALA G 99 -20.70 -16.84 0.68
CA ALA G 99 -19.33 -17.24 1.00
C ALA G 99 -19.20 -17.63 2.47
N HIS G 100 -18.36 -18.63 2.73
CA HIS G 100 -17.95 -18.95 4.09
C HIS G 100 -16.43 -19.07 4.13
N ASP G 101 -15.83 -19.48 5.25
CA ASP G 101 -14.38 -19.52 5.23
C ASP G 101 -13.85 -20.74 4.50
N SER G 102 -14.66 -21.79 4.38
CA SER G 102 -14.21 -23.06 3.81
C SER G 102 -14.90 -23.43 2.51
N LYS G 103 -15.99 -22.74 2.14
CA LYS G 103 -16.81 -23.18 1.02
C LYS G 103 -17.67 -22.01 0.55
N PHE G 104 -18.36 -22.24 -0.57
CA PHE G 104 -19.53 -21.47 -1.00
C PHE G 104 -20.75 -22.34 -0.73
N SER G 105 -21.80 -21.69 -0.26
CA SER G 105 -23.10 -22.33 -0.06
C SER G 105 -24.00 -21.80 -1.14
N ILE G 106 -24.48 -22.69 -1.99
CA ILE G 106 -25.32 -22.32 -3.13
C ILE G 106 -26.74 -22.82 -2.85
N SER G 107 -27.66 -21.88 -2.72
CA SER G 107 -29.07 -22.21 -2.60
C SER G 107 -29.78 -21.92 -3.91
N VAL G 108 -30.76 -22.76 -4.24
CA VAL G 108 -31.58 -22.64 -5.44
C VAL G 108 -33.04 -22.66 -5.00
N ASP G 109 -33.81 -21.67 -5.45
CA ASP G 109 -35.15 -21.43 -4.91
C ASP G 109 -35.16 -21.36 -3.40
N GLN G 110 -34.14 -20.72 -2.82
CA GLN G 110 -34.02 -20.53 -1.37
C GLN G 110 -33.80 -21.84 -0.63
N LYS G 111 -33.41 -22.89 -1.35
CA LYS G 111 -33.06 -24.18 -0.77
C LYS G 111 -31.57 -24.40 -1.02
N GLU G 112 -30.80 -24.48 0.06
CA GLU G 112 -29.40 -24.84 -0.09
C GLU G 112 -29.30 -26.21 -0.72
N VAL G 113 -28.61 -26.31 -1.87
CA VAL G 113 -28.41 -27.58 -2.54
C VAL G 113 -26.95 -27.98 -2.72
N LYS G 114 -25.98 -27.07 -2.53
CA LYS G 114 -24.60 -27.38 -2.83
C LYS G 114 -23.65 -26.70 -1.86
N GLU G 115 -22.75 -27.49 -1.30
CA GLU G 115 -21.58 -26.97 -0.61
C GLU G 115 -20.37 -27.23 -1.50
N TYR G 116 -19.68 -26.17 -1.86
CA TYR G 116 -18.54 -26.26 -2.77
C TYR G 116 -17.33 -25.73 -2.02
N GLU G 117 -16.39 -26.62 -1.72
CA GLU G 117 -15.22 -26.24 -0.97
C GLU G 117 -14.33 -25.36 -1.80
N HIS G 118 -13.79 -24.30 -1.18
CA HIS G 118 -12.83 -23.44 -1.87
C HIS G 118 -11.73 -24.29 -2.44
N ARG G 119 -11.44 -24.09 -3.73
CA ARG G 119 -10.23 -24.67 -4.31
C ARG G 119 -9.10 -23.67 -4.43
N VAL G 120 -9.40 -22.38 -4.60
CA VAL G 120 -8.40 -21.31 -4.68
C VAL G 120 -8.95 -20.16 -3.87
N PRO G 121 -8.16 -19.13 -3.54
CA PRO G 121 -8.59 -18.12 -2.56
C PRO G 121 -9.88 -17.40 -2.92
N LEU G 122 -10.77 -17.30 -1.93
CA LEU G 122 -11.97 -16.48 -2.04
C LEU G 122 -11.63 -15.03 -2.29
N SER G 123 -10.52 -14.56 -1.72
CA SER G 123 -10.10 -13.19 -1.91
C SER G 123 -9.68 -12.92 -3.35
N SER G 124 -9.52 -13.97 -4.17
CA SER G 124 -9.30 -13.84 -5.62
C SER G 124 -10.53 -13.35 -6.37
N VAL G 125 -11.68 -13.27 -5.72
CA VAL G 125 -12.92 -12.91 -6.39
C VAL G 125 -13.02 -11.38 -6.37
N THR G 126 -12.84 -10.75 -7.54
CA THR G 126 -12.99 -9.32 -7.68
C THR G 126 -14.16 -8.91 -8.55
N HIS G 127 -14.72 -9.83 -9.32
CA HIS G 127 -15.82 -9.54 -10.24
C HIS G 127 -16.84 -10.66 -10.17
N PHE G 128 -17.99 -10.45 -10.80
CA PHE G 128 -18.88 -11.57 -11.08
C PHE G 128 -19.64 -11.31 -12.37
N SER G 129 -19.75 -12.36 -13.18
CA SER G 129 -20.40 -12.30 -14.47
C SER G 129 -21.64 -13.18 -14.47
N VAL G 130 -22.63 -12.73 -15.22
CA VAL G 130 -23.81 -13.51 -15.56
C VAL G 130 -23.96 -13.43 -17.07
N ASP G 131 -24.16 -14.58 -17.70
CA ASP G 131 -24.23 -14.65 -19.16
C ASP G 131 -25.12 -15.81 -19.56
N GLY G 132 -25.77 -15.66 -20.72
CA GLY G 132 -26.43 -16.76 -21.39
C GLY G 132 -27.91 -16.48 -21.65
N ASP G 133 -28.70 -17.55 -21.59
CA ASP G 133 -30.12 -17.52 -21.95
C ASP G 133 -30.97 -17.17 -20.72
N ILE G 134 -30.78 -15.93 -20.26
CA ILE G 134 -31.42 -15.47 -19.05
C ILE G 134 -31.69 -13.98 -19.19
N LEU G 135 -32.82 -13.54 -18.63
CA LEU G 135 -33.10 -12.11 -18.49
C LEU G 135 -33.04 -11.78 -16.99
N ILE G 136 -31.96 -11.15 -16.56
CA ILE G 136 -31.74 -10.87 -15.15
C ILE G 136 -32.76 -9.85 -14.66
N THR G 137 -33.43 -10.16 -13.54
CA THR G 137 -34.38 -9.24 -12.94
C THR G 137 -33.92 -8.64 -11.62
N TYR G 138 -32.86 -9.17 -11.01
CA TYR G 138 -32.47 -8.65 -9.70
C TYR G 138 -31.07 -9.18 -9.35
N ILE G 139 -30.21 -8.28 -8.87
CA ILE G 139 -28.89 -8.63 -8.35
C ILE G 139 -28.65 -7.84 -7.08
N HIS G 140 -28.26 -8.52 -6.01
CA HIS G 140 -27.78 -7.85 -4.81
C HIS G 140 -26.61 -8.62 -4.22
N TRP G 141 -25.56 -7.91 -3.80
CA TRP G 141 -24.44 -8.55 -3.13
C TRP G 141 -24.18 -7.81 -1.83
N GLY G 142 -24.27 -8.54 -0.72
CA GLY G 142 -24.02 -7.98 0.59
C GLY G 142 -24.32 -8.97 1.69
N GLY G 143 -24.69 -8.44 2.86
CA GLY G 143 -24.99 -9.26 4.01
C GLY G 143 -23.78 -9.48 4.87
N LYS G 144 -24.00 -10.20 5.97
CA LYS G 144 -22.92 -10.52 6.89
C LYS G 144 -23.42 -11.60 7.85
N TYR G 145 -22.52 -12.09 8.69
CA TYR G 145 -22.96 -12.99 9.76
C TYR G 145 -23.68 -12.16 10.81
N TYR G 146 -25.00 -12.18 10.76
CA TYR G 146 -25.82 -11.40 11.69
C TYR G 146 -26.04 -12.23 12.94
N PRO G 147 -25.53 -11.82 14.09
CA PRO G 147 -25.75 -12.60 15.31
C PRO G 147 -27.20 -12.51 15.73
N VAL G 148 -27.75 -13.65 16.15
CA VAL G 148 -29.13 -13.75 16.61
C VAL G 148 -29.12 -14.32 18.02
N PRO G 149 -29.82 -13.69 18.99
CA PRO G 149 -30.64 -12.48 18.87
C PRO G 149 -29.86 -11.25 18.38
N TYR G 150 -30.56 -10.41 17.66
CA TYR G 150 -30.00 -9.26 16.97
C TYR G 150 -30.69 -8.00 17.45
N GLU G 151 -29.92 -6.92 17.48
CA GLU G 151 -30.38 -5.64 18.02
C GLU G 151 -29.67 -4.52 17.27
N SER G 152 -30.43 -3.52 16.80
CA SER G 152 -29.82 -2.45 16.03
C SER G 152 -30.80 -1.29 15.89
N GLY G 153 -30.25 -0.07 15.87
CA GLY G 153 -31.00 1.06 15.35
C GLY G 153 -31.13 1.02 13.84
N LEU G 154 -32.06 1.80 13.31
CA LEU G 154 -32.32 1.85 11.87
C LEU G 154 -31.90 3.21 11.33
N ALA G 155 -31.00 3.18 10.34
CA ALA G 155 -30.50 4.33 9.57
C ALA G 155 -30.55 5.64 10.35
N GLY G 156 -31.42 6.57 9.95
CA GLY G 156 -31.52 7.88 10.57
C GLY G 156 -32.95 8.29 10.88
N ASP G 157 -33.79 8.42 9.86
CA ASP G 157 -35.20 8.73 10.08
C ASP G 157 -36.05 7.48 10.35
N GLY G 158 -35.55 6.29 10.07
CA GLY G 158 -36.30 5.09 10.40
C GLY G 158 -37.12 4.54 9.25
N LEU G 159 -37.99 3.58 9.58
CA LEU G 159 -38.89 2.96 8.60
C LEU G 159 -40.22 3.70 8.61
N ALA G 160 -40.25 4.87 7.99
CA ALA G 160 -41.46 5.67 7.89
C ALA G 160 -42.35 5.17 6.75
N PRO G 161 -43.55 5.73 6.59
CA PRO G 161 -44.33 5.39 5.38
C PRO G 161 -43.57 5.78 4.13
N GLY G 162 -43.70 4.95 3.10
CA GLY G 162 -42.93 5.08 1.89
C GLY G 162 -41.65 4.28 1.88
N LYS G 163 -41.16 3.84 3.03
CA LYS G 163 -39.93 3.06 3.10
C LYS G 163 -40.26 1.59 3.42
N SER G 164 -39.33 0.70 3.10
CA SER G 164 -39.51 -0.73 3.36
C SER G 164 -38.28 -1.30 4.03
N LEU G 165 -38.49 -2.15 5.02
CA LEU G 165 -37.40 -2.88 5.66
C LEU G 165 -37.33 -4.27 5.05
N LEU G 166 -36.17 -4.62 4.49
CA LEU G 166 -35.96 -5.91 3.83
C LEU G 166 -35.12 -6.81 4.71
N ILE G 167 -35.56 -8.05 4.90
CA ILE G 167 -34.82 -8.96 5.77
C ILE G 167 -34.74 -10.31 5.08
N PHE G 168 -33.53 -10.78 4.91
CA PHE G 168 -33.31 -12.10 4.35
C PHE G 168 -33.01 -13.07 5.48
N ALA G 169 -33.87 -14.06 5.66
CA ALA G 169 -33.66 -14.99 6.75
C ALA G 169 -34.01 -16.40 6.31
N THR G 170 -33.53 -17.36 7.10
CA THR G 170 -33.79 -18.79 6.90
C THR G 170 -34.22 -19.38 8.24
N PRO G 171 -35.47 -19.76 8.42
CA PRO G 171 -35.88 -20.34 9.70
C PRO G 171 -35.24 -21.71 9.90
N GLU G 172 -34.64 -21.90 11.06
CA GLU G 172 -33.80 -23.06 11.30
C GLU G 172 -34.59 -24.35 11.08
N LYS G 173 -33.91 -25.37 10.52
CA LYS G 173 -34.57 -26.62 10.11
C LYS G 173 -35.33 -27.28 11.26
N LYS G 174 -34.87 -27.11 12.49
CA LYS G 174 -35.52 -27.68 13.66
C LYS G 174 -36.10 -26.63 14.58
N GLY G 175 -36.19 -25.37 14.14
CA GLY G 175 -36.78 -24.34 14.98
C GLY G 175 -38.29 -24.43 15.03
N LYS G 176 -38.87 -23.81 16.05
CA LYS G 176 -40.33 -23.74 16.13
C LYS G 176 -40.88 -22.34 15.89
N ARG G 177 -40.21 -21.30 16.38
CA ARG G 177 -40.71 -19.94 16.21
C ARG G 177 -39.54 -18.96 16.10
N PHE G 178 -39.83 -17.79 15.54
CA PHE G 178 -38.90 -16.66 15.64
C PHE G 178 -39.70 -15.37 15.55
N HIS G 179 -39.05 -14.25 15.85
CA HIS G 179 -39.78 -12.99 15.84
C HIS G 179 -38.90 -11.83 15.42
N ILE G 180 -39.52 -10.90 14.69
CA ILE G 180 -38.96 -9.60 14.36
C ILE G 180 -39.81 -8.52 15.03
N ASN G 181 -39.15 -7.56 15.68
CA ASN G 181 -39.85 -6.40 16.24
C ASN G 181 -39.38 -5.12 15.55
N LEU G 182 -40.34 -4.29 15.16
CA LEU G 182 -40.09 -2.95 14.62
C LEU G 182 -40.49 -1.95 15.69
N LEU G 183 -39.51 -1.24 16.25
CA LEU G 183 -39.63 -0.56 17.54
C LEU G 183 -39.53 0.95 17.40
N LYS G 184 -40.03 1.66 18.41
CA LYS G 184 -39.87 3.10 18.52
C LYS G 184 -38.92 3.44 19.67
N LYS G 185 -38.71 4.75 19.89
CA LYS G 185 -37.75 5.21 20.90
C LYS G 185 -38.09 4.69 22.29
N ASN G 186 -39.31 4.90 22.75
CA ASN G 186 -39.70 4.49 24.08
C ASN G 186 -39.72 3.00 24.26
N GLY G 187 -39.30 2.19 23.30
CA GLY G 187 -39.32 0.76 23.46
C GLY G 187 -40.63 0.11 23.10
N ASP G 188 -41.62 0.87 22.63
CA ASP G 188 -42.85 0.27 22.14
C ASP G 188 -42.60 -0.48 20.84
N ILE G 189 -43.31 -1.61 20.66
CA ILE G 189 -43.17 -2.44 19.48
C ILE G 189 -44.33 -2.16 18.54
N ALA G 190 -44.08 -1.30 17.53
CA ALA G 190 -45.12 -1.02 16.53
C ALA G 190 -45.59 -2.29 15.85
N LEU G 191 -44.66 -3.15 15.44
CA LEU G 191 -45.03 -4.40 14.77
C LEU G 191 -44.15 -5.52 15.28
N HIS G 192 -44.79 -6.46 15.96
CA HIS G 192 -44.20 -7.71 16.40
C HIS G 192 -44.65 -8.77 15.42
N PHE G 193 -43.68 -9.39 14.72
CA PHE G 193 -43.96 -10.33 13.64
C PHE G 193 -43.30 -11.65 14.03
N ASN G 194 -44.11 -12.70 14.19
CA ASN G 194 -43.74 -13.83 15.05
C ASN G 194 -44.22 -15.16 14.47
N PRO G 195 -43.53 -15.67 13.44
CA PRO G 195 -43.83 -17.01 12.90
C PRO G 195 -43.81 -18.08 13.98
N ARG G 196 -44.86 -18.92 14.02
CA ARG G 196 -44.89 -20.07 14.91
C ARG G 196 -45.29 -21.30 14.11
N PHE G 197 -44.35 -22.22 13.91
CA PHE G 197 -44.64 -23.40 13.08
C PHE G 197 -45.48 -24.43 13.81
N ASP G 198 -45.30 -24.56 15.13
CA ASP G 198 -46.18 -25.43 15.90
C ASP G 198 -47.64 -24.96 15.85
N GLU G 199 -47.90 -23.68 15.57
CA GLU G 199 -49.26 -23.17 15.45
C GLU G 199 -49.69 -23.01 14.00
N LYS G 200 -48.77 -23.16 13.05
CA LYS G 200 -49.05 -22.98 11.63
C LYS G 200 -49.64 -21.59 11.38
N ALA G 201 -49.01 -20.59 11.97
CA ALA G 201 -49.54 -19.23 11.88
C ALA G 201 -48.45 -18.24 12.23
N ILE G 202 -48.59 -17.04 11.68
CA ILE G 202 -47.71 -15.91 11.95
C ILE G 202 -48.51 -14.90 12.77
N VAL G 203 -48.12 -14.71 14.01
CA VAL G 203 -48.82 -13.76 14.86
C VAL G 203 -48.31 -12.36 14.55
N ARG G 204 -49.20 -11.40 14.62
CA ARG G 204 -48.83 -10.00 14.49
C ARG G 204 -49.52 -9.27 15.62
N ASN G 205 -48.79 -8.36 16.26
CA ASN G 205 -49.27 -7.69 17.45
C ASN G 205 -48.34 -6.53 17.74
N SER G 206 -48.73 -5.73 18.74
CA SER G 206 -48.04 -4.51 19.10
C SER G 206 -47.85 -4.48 20.61
N LEU G 207 -46.73 -3.90 21.04
CA LEU G 207 -46.44 -3.70 22.46
C LEU G 207 -46.57 -2.21 22.75
N ILE G 208 -47.64 -1.84 23.46
CA ILE G 208 -47.89 -0.45 23.85
C ILE G 208 -47.85 -0.38 25.37
N SER G 209 -47.05 0.55 25.89
CA SER G 209 -46.94 0.80 27.32
C SER G 209 -46.81 -0.52 28.09
N GLY G 210 -45.95 -1.40 27.58
CA GLY G 210 -45.66 -2.64 28.24
C GLY G 210 -46.68 -3.74 28.10
N GLU G 211 -47.71 -3.56 27.26
CA GLU G 211 -48.70 -4.61 27.09
C GLU G 211 -48.88 -4.98 25.63
N PHE G 212 -49.10 -6.26 25.39
CA PHE G 212 -49.49 -6.74 24.07
C PHE G 212 -50.99 -6.55 23.85
N GLY G 213 -51.34 -6.34 22.60
CA GLY G 213 -52.71 -6.05 22.20
C GLY G 213 -53.42 -7.26 21.62
N ASN G 214 -54.29 -7.00 20.64
CA ASN G 214 -55.35 -7.92 20.26
C ASN G 214 -54.80 -9.27 19.85
N GLU G 215 -53.97 -9.30 18.80
CA GLU G 215 -53.27 -10.47 18.24
C GLU G 215 -53.94 -10.94 16.95
N GLU G 216 -53.28 -10.69 15.82
CA GLU G 216 -53.80 -10.99 14.50
C GLU G 216 -53.03 -12.18 13.93
N ARG G 217 -53.75 -13.21 13.45
CA ARG G 217 -53.07 -14.43 13.06
C ARG G 217 -53.61 -15.12 11.81
N GLU G 218 -54.57 -14.54 11.10
CA GLU G 218 -55.01 -15.28 9.94
C GLU G 218 -54.01 -15.14 8.81
N GLY G 219 -54.16 -16.00 7.81
CA GLY G 219 -53.22 -16.11 6.71
C GLY G 219 -52.53 -17.45 6.76
N LYS G 220 -52.56 -18.20 5.68
CA LYS G 220 -51.80 -19.44 5.64
C LYS G 220 -50.31 -19.11 5.77
N ASN G 221 -49.60 -19.93 6.54
CA ASN G 221 -48.17 -19.74 6.82
C ASN G 221 -47.32 -19.98 5.57
N PRO G 222 -46.69 -18.94 5.00
CA PRO G 222 -45.87 -19.16 3.80
C PRO G 222 -44.49 -19.69 4.09
N LEU G 223 -44.00 -19.57 5.32
CA LEU G 223 -42.63 -19.97 5.64
C LEU G 223 -42.51 -21.48 5.73
N GLU G 224 -41.27 -21.96 5.69
CA GLU G 224 -40.99 -23.39 5.75
C GLU G 224 -39.64 -23.58 6.40
N LYS G 225 -39.59 -24.46 7.39
CA LYS G 225 -38.35 -24.71 8.10
C LYS G 225 -37.24 -25.01 7.11
N GLY G 226 -36.05 -24.45 7.37
CA GLY G 226 -34.88 -24.72 6.56
C GLY G 226 -34.89 -24.12 5.17
N ILE G 227 -35.82 -23.23 4.86
CA ILE G 227 -35.99 -22.64 3.53
C ILE G 227 -35.87 -21.14 3.67
N GLY G 228 -35.03 -20.51 2.84
CA GLY G 228 -34.84 -19.08 2.94
C GLY G 228 -36.07 -18.29 2.53
N CYS G 229 -36.20 -17.07 3.08
CA CYS G 229 -37.34 -16.21 2.78
C CYS G 229 -36.89 -14.76 2.63
N ASP G 230 -37.62 -14.00 1.83
CA ASP G 230 -37.45 -12.56 1.69
C ASP G 230 -38.63 -11.90 2.39
N LEU G 231 -38.35 -11.08 3.39
CA LEU G 231 -39.37 -10.47 4.22
C LEU G 231 -39.34 -8.97 4.00
N GLU G 232 -40.35 -8.43 3.33
CA GLU G 232 -40.49 -7.00 3.15
C GLU G 232 -41.58 -6.48 4.10
N PHE G 233 -41.17 -5.59 5.00
CA PHE G 233 -42.11 -4.82 5.81
C PHE G 233 -42.26 -3.46 5.14
N ARG G 234 -43.30 -3.34 4.31
CA ARG G 234 -43.53 -2.14 3.52
C ARG G 234 -44.41 -1.19 4.31
N ASN G 235 -43.81 -0.13 4.83
CA ASN G 235 -44.58 0.81 5.65
C ASN G 235 -45.41 1.72 4.77
N GLU G 236 -46.70 1.81 5.05
CA GLU G 236 -47.57 2.72 4.31
C GLU G 236 -48.39 3.60 5.27
N GLU G 237 -49.23 4.46 4.69
CA GLU G 237 -49.87 5.51 5.49
C GLU G 237 -50.79 4.92 6.55
N TYR G 238 -51.52 3.83 6.24
CA TYR G 238 -52.48 3.25 7.18
C TYR G 238 -52.11 1.85 7.68
N ALA G 239 -51.10 1.20 7.10
CA ALA G 239 -50.74 -0.14 7.54
C ALA G 239 -49.34 -0.49 7.05
N PHE G 240 -48.79 -1.56 7.60
CA PHE G 240 -47.66 -2.25 6.99
C PHE G 240 -48.22 -3.25 5.98
N GLN G 241 -47.70 -3.22 4.76
CA GLN G 241 -47.91 -4.32 3.85
C GLN G 241 -46.76 -5.30 4.09
N ILE G 242 -47.09 -6.51 4.51
CA ILE G 242 -46.10 -7.51 4.89
C ILE G 242 -45.96 -8.50 3.74
N TYR G 243 -44.87 -8.43 3.00
CA TYR G 243 -44.64 -9.31 1.86
C TYR G 243 -43.66 -10.42 2.22
N VAL G 244 -43.91 -11.62 1.69
CA VAL G 244 -43.08 -12.79 1.94
C VAL G 244 -42.84 -13.48 0.62
N ASP G 245 -41.58 -13.62 0.23
CA ASP G 245 -41.24 -14.20 -1.06
C ASP G 245 -42.02 -13.51 -2.17
N GLY G 246 -42.22 -12.20 -2.01
CA GLY G 246 -42.78 -11.36 -3.05
C GLY G 246 -44.27 -11.47 -3.27
N GLU G 247 -45.02 -12.01 -2.33
CA GLU G 247 -46.49 -12.06 -2.38
C GLU G 247 -47.02 -11.49 -1.08
N ARG G 248 -48.00 -10.58 -1.16
CA ARG G 248 -48.53 -9.94 0.04
C ARG G 248 -49.11 -10.98 0.98
N PHE G 249 -48.64 -10.97 2.22
CA PHE G 249 -49.11 -11.97 3.17
C PHE G 249 -50.11 -11.41 4.16
N ALA G 250 -49.96 -10.15 4.56
CA ALA G 250 -50.91 -9.57 5.50
C ALA G 250 -50.83 -8.06 5.35
N THR G 251 -51.86 -7.38 5.82
CA THR G 251 -51.75 -5.98 6.19
C THR G 251 -51.96 -5.87 7.70
N TYR G 252 -51.17 -5.02 8.31
CA TYR G 252 -51.26 -4.75 9.74
C TYR G 252 -51.55 -3.27 9.90
N ALA G 253 -52.76 -2.94 10.34
CA ALA G 253 -53.12 -1.55 10.54
C ALA G 253 -52.21 -0.95 11.61
N HIS G 254 -51.83 0.30 11.44
CA HIS G 254 -50.98 0.93 12.43
C HIS G 254 -51.75 1.10 13.74
N ARG G 255 -51.14 0.67 14.85
CA ARG G 255 -51.65 0.95 16.19
C ARG G 255 -50.89 2.07 16.88
N LEU G 256 -49.69 2.35 16.42
CA LEU G 256 -48.98 3.56 16.79
C LEU G 256 -48.66 4.33 15.51
N ASP G 257 -48.42 5.63 15.68
CA ASP G 257 -47.83 6.53 14.69
C ASP G 257 -46.81 5.74 13.89
N PRO G 258 -46.96 5.66 12.56
CA PRO G 258 -46.03 4.89 11.74
C PRO G 258 -44.69 5.58 11.45
N HIS G 259 -44.47 6.75 12.02
CA HIS G 259 -43.20 7.45 11.93
C HIS G 259 -42.29 7.08 13.09
N ASP G 260 -41.03 7.47 12.96
CA ASP G 260 -40.01 7.28 14.00
C ASP G 260 -39.87 5.82 14.44
N ILE G 261 -40.00 4.88 13.50
CA ILE G 261 -39.71 3.49 13.82
C ILE G 261 -38.21 3.32 13.63
N ASN G 262 -37.48 3.29 14.73
CA ASN G 262 -36.02 3.47 14.75
C ASN G 262 -35.28 2.24 15.24
N GLY G 263 -35.99 1.22 15.69
CA GLY G 263 -35.36 0.08 16.35
C GLY G 263 -35.79 -1.22 15.72
N LEU G 264 -34.91 -2.21 15.82
CA LEU G 264 -35.14 -3.53 15.26
C LEU G 264 -34.59 -4.56 16.21
N GLN G 265 -35.40 -5.56 16.52
CA GLN G 265 -34.93 -6.77 17.18
C GLN G 265 -35.30 -7.98 16.34
N ILE G 266 -34.37 -8.91 16.24
CA ILE G 266 -34.62 -10.21 15.63
C ILE G 266 -34.19 -11.28 16.63
N GLY G 267 -35.03 -12.31 16.81
CA GLY G 267 -34.73 -13.37 17.77
C GLY G 267 -35.53 -14.62 17.47
N GLY G 268 -35.24 -15.67 18.24
CA GLY G 268 -35.86 -16.96 18.00
C GLY G 268 -35.01 -17.83 17.08
N ASP G 269 -35.66 -18.87 16.54
CA ASP G 269 -34.97 -19.88 15.72
C ASP G 269 -34.90 -19.45 14.27
N VAL G 270 -33.95 -18.56 13.96
CA VAL G 270 -33.81 -18.10 12.58
C VAL G 270 -32.36 -17.69 12.36
N GLU G 271 -31.86 -18.02 11.17
CA GLU G 271 -30.62 -17.46 10.63
C GLU G 271 -30.97 -16.24 9.79
N VAL G 272 -30.26 -15.13 10.02
CA VAL G 272 -30.45 -13.90 9.25
C VAL G 272 -29.23 -13.70 8.37
N THR G 273 -29.46 -13.47 7.06
CA THR G 273 -28.34 -13.27 6.14
C THR G 273 -28.29 -11.90 5.47
N GLY G 274 -29.31 -11.06 5.65
CA GLY G 274 -29.23 -9.72 5.11
C GLY G 274 -30.33 -8.80 5.59
N ILE G 275 -30.01 -7.52 5.79
CA ILE G 275 -30.94 -6.51 6.27
C ILE G 275 -30.73 -5.26 5.44
N GLN G 276 -31.76 -4.81 4.73
CA GLN G 276 -31.61 -3.55 4.01
C GLN G 276 -32.88 -2.72 4.13
N MET G 277 -32.67 -1.42 4.13
CA MET G 277 -33.73 -0.42 4.19
C MET G 277 -33.79 0.26 2.83
N VAL G 278 -34.92 0.13 2.15
CA VAL G 278 -35.13 0.78 0.86
C VAL G 278 -36.46 1.53 0.92
N TYR H 7 18.46 -0.35 44.03
CA TYR H 7 17.03 -0.32 43.71
C TYR H 7 16.36 -1.68 43.90
N PRO H 8 16.10 -2.04 45.15
CA PRO H 8 15.43 -3.33 45.40
C PRO H 8 14.04 -3.36 44.78
N VAL H 9 13.64 -4.55 44.31
CA VAL H 9 12.29 -4.77 43.81
C VAL H 9 11.44 -5.34 44.94
N PRO H 10 10.15 -4.95 45.05
CA PRO H 10 9.46 -3.95 44.22
C PRO H 10 10.04 -2.54 44.35
N TYR H 11 10.42 -1.94 43.22
CA TYR H 11 10.94 -0.59 43.21
C TYR H 11 9.81 0.39 42.88
N ARG H 12 9.78 1.51 43.58
CA ARG H 12 8.79 2.53 43.26
C ARG H 12 9.42 3.88 43.52
N SER H 13 9.01 4.88 42.73
CA SER H 13 9.52 6.25 42.87
C SER H 13 8.45 7.22 42.39
N LYS H 14 8.27 8.31 43.15
CA LYS H 14 7.32 9.34 42.79
C LYS H 14 8.05 10.45 42.03
N LEU H 15 7.45 10.90 40.93
CA LEU H 15 8.05 11.95 40.12
C LEU H 15 7.92 13.31 40.81
N THR H 16 8.99 14.11 40.77
CA THR H 16 8.94 15.47 41.31
C THR H 16 8.29 16.45 40.33
N GLU H 17 8.35 16.18 39.04
CA GLU H 17 7.68 16.93 37.99
C GLU H 17 6.91 15.96 37.11
N PRO H 18 5.88 16.43 36.41
CA PRO H 18 5.16 15.54 35.49
C PRO H 18 6.07 15.09 34.35
N PHE H 19 5.93 13.82 33.95
CA PHE H 19 6.66 13.30 32.80
C PHE H 19 6.22 14.05 31.54
N GLU H 20 7.15 14.78 30.92
CA GLU H 20 6.78 15.64 29.80
C GLU H 20 7.29 15.08 28.48
N PRO H 21 6.71 15.49 27.35
CA PRO H 21 7.23 15.02 26.07
C PRO H 21 8.71 15.37 25.93
N GLY H 22 9.47 14.48 25.28
CA GLY H 22 10.89 14.68 25.13
C GLY H 22 11.73 14.18 26.29
N GLN H 23 11.11 13.70 27.35
CA GLN H 23 11.87 13.09 28.42
C GLN H 23 11.90 11.58 28.21
N THR H 24 12.96 10.95 28.71
CA THR H 24 13.13 9.52 28.60
C THR H 24 13.28 8.90 29.98
N LEU H 25 12.70 7.71 30.15
CA LEU H 25 12.92 6.88 31.33
C LEU H 25 13.80 5.71 30.92
N ILE H 26 14.96 5.59 31.56
CA ILE H 26 15.92 4.54 31.24
C ILE H 26 15.92 3.53 32.37
N ILE H 27 15.77 2.27 32.02
CA ILE H 27 15.81 1.15 32.96
C ILE H 27 16.78 0.12 32.41
N LYS H 28 17.87 -0.11 33.13
CA LYS H 28 18.84 -1.16 32.83
C LYS H 28 18.81 -2.15 33.99
N GLY H 29 19.15 -3.41 33.71
CA GLY H 29 19.01 -4.43 34.74
C GLY H 29 19.43 -5.80 34.26
N LYS H 30 19.41 -6.75 35.21
CA LYS H 30 19.80 -8.13 34.97
C LYS H 30 18.66 -9.09 35.31
N THR H 31 18.71 -10.27 34.70
CA THR H 31 17.72 -11.31 34.93
C THR H 31 18.44 -12.63 35.16
N ALA H 32 17.74 -13.55 35.80
CA ALA H 32 18.27 -14.87 36.12
C ALA H 32 17.85 -15.87 35.04
N GLU H 33 18.50 -17.03 35.07
CA GLU H 33 18.16 -18.10 34.14
C GLU H 33 16.76 -18.67 34.41
N ASP H 34 16.18 -18.37 35.58
CA ASP H 34 14.82 -18.77 35.93
C ASP H 34 13.84 -17.59 35.97
N SER H 35 14.30 -16.38 35.69
CA SER H 35 13.40 -15.23 35.56
C SER H 35 12.30 -15.54 34.57
N VAL H 36 11.06 -15.27 34.96
CA VAL H 36 9.90 -15.49 34.11
C VAL H 36 9.34 -14.19 33.57
N ARG H 37 9.08 -13.22 34.45
CA ARG H 37 8.42 -11.98 34.08
C ARG H 37 8.94 -10.84 34.93
N PHE H 38 8.98 -9.64 34.34
CA PHE H 38 9.10 -8.42 35.11
C PHE H 38 8.24 -7.36 34.42
N THR H 39 7.99 -6.27 35.15
CA THR H 39 7.02 -5.27 34.73
C THR H 39 7.59 -3.85 34.92
N ILE H 40 7.17 -2.94 34.06
CA ILE H 40 7.42 -1.52 34.23
C ILE H 40 6.08 -0.80 34.11
N ASN H 41 5.76 0.05 35.07
CA ASN H 41 4.47 0.72 35.07
C ASN H 41 4.69 2.21 35.25
N LEU H 42 4.04 3.00 34.40
CA LEU H 42 3.89 4.44 34.60
C LEU H 42 2.48 4.67 35.07
N HIS H 43 2.31 5.22 36.27
CA HIS H 43 1.00 5.17 36.92
C HIS H 43 0.82 6.36 37.85
N ASN H 44 -0.37 6.47 38.44
CA ASN H 44 -0.67 7.44 39.48
C ASN H 44 -1.15 6.70 40.72
N THR H 45 -1.50 7.47 41.76
CA THR H 45 -1.98 6.89 43.01
C THR H 45 -3.19 7.65 43.54
N ASN H 52 -4.33 2.91 41.35
CA ASN H 52 -5.24 3.48 40.37
C ASN H 52 -4.65 3.39 38.96
N ASP H 53 -4.75 4.49 38.21
CA ASP H 53 -4.56 4.45 36.76
C ASP H 53 -3.10 4.25 36.34
N VAL H 54 -2.92 3.47 35.28
CA VAL H 54 -1.61 3.09 34.75
C VAL H 54 -1.59 3.47 33.26
N PRO H 55 -1.16 4.70 32.90
CA PRO H 55 -1.17 5.07 31.48
C PRO H 55 -0.40 4.12 30.60
N LEU H 56 0.78 3.66 31.05
CA LEU H 56 1.55 2.64 30.33
C LEU H 56 1.99 1.54 31.28
N HIS H 57 1.62 0.30 30.94
CA HIS H 57 2.03 -0.90 31.63
C HIS H 57 2.81 -1.75 30.65
N ILE H 58 4.03 -2.13 31.03
CA ILE H 58 4.90 -2.93 30.19
C ILE H 58 5.17 -4.26 30.88
N SER H 59 4.88 -5.35 30.19
CA SER H 59 5.11 -6.68 30.71
C SER H 59 6.12 -7.38 29.80
N VAL H 60 7.26 -7.77 30.36
CA VAL H 60 8.31 -8.46 29.63
C VAL H 60 8.26 -9.91 30.08
N ARG H 61 7.80 -10.78 29.19
CA ARG H 61 7.44 -12.16 29.54
C ARG H 61 8.41 -13.09 28.84
N PHE H 62 9.21 -13.80 29.62
CA PHE H 62 10.15 -14.77 29.08
C PHE H 62 9.50 -16.10 28.79
N ASP H 63 8.29 -16.33 29.31
CA ASP H 63 7.52 -17.52 28.97
C ASP H 63 6.85 -17.36 27.61
N GLU H 64 6.02 -16.33 27.45
CA GLU H 64 5.42 -16.04 26.15
C GLU H 64 6.44 -15.60 25.12
N GLY H 65 7.60 -15.12 25.56
CA GLY H 65 8.59 -14.57 24.63
C GLY H 65 8.10 -13.30 23.96
N LYS H 66 7.42 -12.44 24.72
CA LYS H 66 6.87 -11.20 24.19
C LYS H 66 7.02 -10.07 25.20
N ILE H 67 6.88 -8.86 24.71
CA ILE H 67 6.79 -7.68 25.55
C ILE H 67 5.41 -7.11 25.32
N VAL H 68 4.62 -7.01 26.38
CA VAL H 68 3.22 -6.62 26.27
C VAL H 68 3.05 -5.21 26.83
N PHE H 69 2.37 -4.36 26.07
CA PHE H 69 2.02 -3.02 26.49
C PHE H 69 0.51 -2.93 26.66
N ASN H 70 0.06 -2.31 27.77
CA ASN H 70 -1.37 -2.05 27.98
C ASN H 70 -1.54 -0.79 28.83
N THR H 71 -2.79 -0.47 29.11
CA THR H 71 -3.18 0.71 29.85
C THR H 71 -4.32 0.31 30.77
N PHE H 72 -4.31 0.84 31.99
CA PHE H 72 -5.30 0.53 33.03
C PHE H 72 -5.94 1.82 33.53
N SER H 73 -7.26 1.92 33.41
CA SER H 73 -7.96 3.14 33.74
C SER H 73 -9.41 2.79 34.02
N LYS H 74 -10.03 3.52 34.94
CA LYS H 74 -11.42 3.26 35.31
C LYS H 74 -11.61 1.80 35.70
N GLY H 75 -10.61 1.22 36.35
CA GLY H 75 -10.77 -0.11 36.90
C GLY H 75 -10.70 -1.24 35.90
N GLU H 76 -10.14 -1.02 34.71
CA GLU H 76 -10.11 -2.09 33.73
C GLU H 76 -8.93 -1.91 32.77
N PHE H 77 -8.50 -3.03 32.20
CA PHE H 77 -7.45 -3.04 31.20
C PHE H 77 -8.03 -2.83 29.80
N GLY H 78 -7.22 -2.24 28.93
CA GLY H 78 -7.53 -2.16 27.52
C GLY H 78 -7.02 -3.39 26.79
N LYS H 79 -6.88 -3.25 25.48
CA LYS H 79 -6.39 -4.34 24.61
C LYS H 79 -4.87 -4.37 24.60
N GLU H 80 -4.29 -5.53 24.88
CA GLU H 80 -2.84 -5.63 24.90
C GLU H 80 -2.30 -5.43 23.50
N GLU H 81 -1.15 -4.76 23.40
CA GLU H 81 -0.36 -4.72 22.18
C GLU H 81 0.98 -5.39 22.47
N ARG H 82 1.45 -6.20 21.53
CA ARG H 82 2.63 -7.04 21.74
C ARG H 82 3.72 -6.77 20.72
N LYS H 83 4.96 -6.89 21.19
CA LYS H 83 6.14 -6.97 20.34
C LYS H 83 6.86 -8.27 20.70
N SER H 84 7.84 -8.65 19.89
CA SER H 84 8.65 -9.81 20.25
C SER H 84 9.66 -9.47 21.35
N ASN H 85 10.02 -10.47 22.16
CA ASN H 85 11.00 -10.29 23.22
C ASN H 85 12.35 -10.77 22.72
N PRO H 86 13.33 -9.89 22.57
CA PRO H 86 14.64 -10.35 22.05
C PRO H 86 15.50 -10.98 23.13
N TYR H 87 15.11 -10.90 24.40
CA TYR H 87 15.94 -11.40 25.48
C TYR H 87 15.60 -12.85 25.80
N LYS H 88 16.64 -13.64 26.04
CA LYS H 88 16.46 -14.96 26.63
C LYS H 88 16.52 -14.83 28.16
N LYS H 89 16.04 -15.85 28.85
CA LYS H 89 16.19 -15.88 30.31
C LYS H 89 17.66 -15.69 30.68
N GLY H 90 17.92 -14.86 31.68
CA GLY H 90 19.25 -14.39 31.95
C GLY H 90 19.54 -13.22 31.02
N ASP H 91 20.80 -12.82 30.94
CA ASP H 91 21.24 -11.77 30.02
C ASP H 91 20.60 -10.40 30.33
N ASP H 92 21.34 -9.33 30.04
CA ASP H 92 21.03 -8.00 30.53
C ASP H 92 19.89 -7.37 29.76
N ILE H 93 19.07 -6.58 30.45
CA ILE H 93 17.98 -5.88 29.77
C ILE H 93 18.28 -4.38 29.75
N ASP H 94 17.71 -3.70 28.74
CA ASP H 94 17.83 -2.26 28.61
C ASP H 94 16.59 -1.76 27.87
N ILE H 95 15.66 -1.17 28.61
CA ILE H 95 14.39 -0.70 28.09
C ILE H 95 14.32 0.79 28.37
N ARG H 96 14.04 1.58 27.33
CA ARG H 96 13.95 3.03 27.48
C ARG H 96 12.63 3.53 26.92
N ILE H 97 12.01 4.44 27.66
CA ILE H 97 10.67 4.92 27.37
C ILE H 97 10.76 6.43 27.20
N ARG H 98 10.54 6.91 25.98
CA ARG H 98 10.56 8.35 25.72
C ARG H 98 9.13 8.82 25.48
N ALA H 99 8.76 9.90 26.16
CA ALA H 99 7.45 10.50 26.00
C ALA H 99 7.45 11.51 24.86
N HIS H 100 6.39 11.48 24.06
CA HIS H 100 6.10 12.48 23.05
C HIS H 100 4.67 12.96 23.26
N ASP H 101 4.19 13.88 22.42
CA ASP H 101 2.86 14.39 22.69
C ASP H 101 1.74 13.44 22.26
N SER H 102 2.00 12.50 21.33
CA SER H 102 0.97 11.59 20.88
C SER H 102 1.16 10.16 21.35
N LYS H 103 2.33 9.80 21.86
CA LYS H 103 2.62 8.42 22.22
C LYS H 103 3.82 8.35 23.16
N PHE H 104 4.15 7.12 23.57
CA PHE H 104 5.44 6.75 24.12
C PHE H 104 6.21 6.02 23.04
N SER H 105 7.52 6.31 22.91
CA SER H 105 8.41 5.51 22.07
C SER H 105 9.30 4.66 22.98
N ILE H 106 9.17 3.35 22.85
CA ILE H 106 9.90 2.43 23.71
C ILE H 106 11.05 1.79 22.91
N SER H 107 12.25 1.89 23.45
CA SER H 107 13.40 1.28 22.81
C SER H 107 13.93 0.15 23.68
N VAL H 108 14.42 -0.88 23.02
CA VAL H 108 14.88 -2.10 23.65
C VAL H 108 16.25 -2.39 23.06
N ASP H 109 17.26 -2.48 23.93
CA ASP H 109 18.64 -2.59 23.47
C ASP H 109 19.00 -1.42 22.59
N GLN H 110 18.43 -0.26 22.92
CA GLN H 110 18.59 1.01 22.22
C GLN H 110 17.97 0.97 20.83
N LYS H 111 17.18 -0.05 20.54
CA LYS H 111 16.48 -0.16 19.26
C LYS H 111 15.01 0.16 19.50
N GLU H 112 14.53 1.24 18.88
CA GLU H 112 13.11 1.56 18.95
C GLU H 112 12.29 0.40 18.41
N VAL H 113 11.42 -0.16 19.25
CA VAL H 113 10.56 -1.25 18.81
C VAL H 113 9.08 -0.96 18.95
N LYS H 114 8.65 0.04 19.72
CA LYS H 114 7.23 0.22 19.94
C LYS H 114 6.86 1.68 20.07
N GLU H 115 5.87 2.09 19.30
CA GLU H 115 5.19 3.36 19.50
C GLU H 115 3.83 3.06 20.09
N TYR H 116 3.57 3.57 21.28
CA TYR H 116 2.35 3.25 22.01
C TYR H 116 1.57 4.54 22.17
N GLU H 117 0.48 4.66 21.41
CA GLU H 117 -0.33 5.86 21.43
C GLU H 117 -0.92 6.07 22.82
N HIS H 118 -0.96 7.32 23.25
CA HIS H 118 -1.55 7.63 24.54
C HIS H 118 -3.01 7.22 24.54
N ARG H 119 -3.39 6.47 25.59
CA ARG H 119 -4.78 6.14 25.88
C ARG H 119 -5.43 7.22 26.73
N VAL H 120 -4.81 7.52 27.86
CA VAL H 120 -5.33 8.44 28.85
C VAL H 120 -4.25 9.50 29.04
N PRO H 121 -4.49 10.58 29.78
CA PRO H 121 -3.52 11.68 29.80
C PRO H 121 -2.13 11.25 30.27
N LEU H 122 -1.11 11.71 29.51
CA LEU H 122 0.28 11.55 29.93
C LEU H 122 0.54 12.24 31.27
N SER H 123 -0.12 13.38 31.52
CA SER H 123 0.13 14.17 32.73
C SER H 123 -0.38 13.49 33.98
N SER H 124 -1.17 12.42 33.84
CA SER H 124 -1.58 11.63 35.00
C SER H 124 -0.47 10.70 35.49
N VAL H 125 0.65 10.60 34.79
CA VAL H 125 1.77 9.78 35.25
C VAL H 125 2.48 10.53 36.37
N THR H 126 2.36 10.03 37.60
CA THR H 126 3.02 10.65 38.74
C THR H 126 4.10 9.77 39.36
N HIS H 127 4.06 8.47 39.15
CA HIS H 127 5.06 7.54 39.65
C HIS H 127 5.53 6.62 38.52
N PHE H 128 6.54 5.81 38.81
CA PHE H 128 6.79 4.60 38.05
C PHE H 128 7.29 3.50 38.95
N SER H 129 6.92 2.26 38.62
CA SER H 129 7.31 1.09 39.39
C SER H 129 7.99 0.07 38.49
N VAL H 130 8.86 -0.73 39.09
CA VAL H 130 9.54 -1.85 38.42
C VAL H 130 9.46 -3.04 39.37
N ASP H 131 8.83 -4.13 38.94
CA ASP H 131 8.72 -5.31 39.80
C ASP H 131 9.07 -6.56 38.99
N GLY H 132 9.20 -7.68 39.71
CA GLY H 132 9.36 -8.97 39.06
C GLY H 132 10.75 -9.58 39.12
N ASP H 133 11.08 -10.39 38.12
CA ASP H 133 12.33 -11.15 38.11
C ASP H 133 13.43 -10.37 37.40
N ILE H 134 13.78 -9.23 38.01
CA ILE H 134 14.83 -8.37 37.50
C ILE H 134 15.62 -7.89 38.70
N LEU H 135 16.91 -7.68 38.50
CA LEU H 135 17.74 -6.96 39.45
C LEU H 135 18.13 -5.65 38.78
N ILE H 136 17.57 -4.54 39.26
CA ILE H 136 17.76 -3.24 38.62
C ILE H 136 19.18 -2.75 38.89
N THR H 137 19.91 -2.43 37.82
CA THR H 137 21.26 -1.90 37.93
C THR H 137 21.38 -0.43 37.57
N TYR H 138 20.37 0.15 36.91
CA TYR H 138 20.42 1.54 36.52
C TYR H 138 19.04 2.07 36.18
N ILE H 139 18.65 3.15 36.84
CA ILE H 139 17.43 3.86 36.51
C ILE H 139 17.75 5.36 36.47
N HIS H 140 17.43 5.99 35.34
CA HIS H 140 17.52 7.43 35.20
C HIS H 140 16.32 7.90 34.38
N TRP H 141 15.88 9.11 34.67
CA TRP H 141 14.88 9.71 33.80
C TRP H 141 15.15 11.20 33.74
N GLY H 142 15.26 11.71 32.52
CA GLY H 142 15.53 13.12 32.30
C GLY H 142 15.62 13.43 30.83
N GLY H 143 16.37 14.48 30.50
CA GLY H 143 16.54 14.88 29.12
C GLY H 143 15.40 15.75 28.66
N LYS H 144 15.44 16.08 27.37
CA LYS H 144 14.41 16.90 26.74
C LYS H 144 14.63 16.82 25.23
N TYR H 145 13.83 17.58 24.47
CA TYR H 145 14.05 17.72 23.03
C TYR H 145 15.22 18.68 22.86
N TYR H 146 16.39 18.15 22.52
CA TYR H 146 17.58 18.98 22.38
C TYR H 146 17.74 19.42 20.93
N PRO H 147 17.69 20.71 20.63
CA PRO H 147 17.86 21.14 19.22
C PRO H 147 19.25 20.80 18.70
N VAL H 148 19.32 20.30 17.48
CA VAL H 148 20.63 20.10 16.86
C VAL H 148 20.67 20.82 15.52
N PRO H 149 21.73 21.56 15.20
CA PRO H 149 22.93 21.78 16.02
C PRO H 149 22.69 22.38 17.43
N TYR H 150 23.55 22.00 18.36
CA TYR H 150 23.40 22.32 19.76
C TYR H 150 24.64 23.04 20.27
N GLU H 151 24.42 24.05 21.10
CA GLU H 151 25.45 24.88 21.71
C GLU H 151 25.09 25.09 23.18
N SER H 152 26.09 25.08 24.05
CA SER H 152 25.76 25.27 25.46
C SER H 152 27.02 25.39 26.30
N GLY H 153 26.97 26.25 27.30
CA GLY H 153 27.98 26.20 28.31
C GLY H 153 27.82 24.99 29.20
N LEU H 154 28.87 24.68 29.92
CA LEU H 154 28.85 23.64 30.94
C LEU H 154 29.01 24.34 32.29
N ALA H 155 27.91 24.33 33.08
CA ALA H 155 27.82 24.86 34.42
C ALA H 155 28.65 26.12 34.61
N GLY H 156 29.51 26.13 35.63
CA GLY H 156 30.38 27.27 35.86
C GLY H 156 31.80 26.82 36.06
N ASP H 157 31.98 25.50 36.15
CA ASP H 157 33.29 24.87 36.25
C ASP H 157 33.63 24.05 35.00
N GLY H 158 32.82 23.04 34.69
CA GLY H 158 32.97 22.32 33.44
C GLY H 158 33.40 20.87 33.59
N LEU H 159 34.10 20.38 32.57
CA LEU H 159 34.46 18.97 32.45
C LEU H 159 35.96 18.86 32.71
N ALA H 160 36.33 18.82 33.98
CA ALA H 160 37.71 18.78 34.43
C ALA H 160 38.12 17.35 34.74
N PRO H 161 39.41 17.11 35.02
CA PRO H 161 39.83 15.74 35.36
C PRO H 161 39.02 15.19 36.54
N GLY H 162 38.59 13.94 36.41
CA GLY H 162 37.71 13.35 37.38
C GLY H 162 36.24 13.58 37.15
N LYS H 163 35.87 14.22 36.03
CA LYS H 163 34.50 14.54 35.67
C LYS H 163 34.18 13.85 34.35
N SER H 164 32.92 13.42 34.17
CA SER H 164 32.49 12.75 32.94
C SER H 164 31.31 13.48 32.32
N LEU H 165 31.36 13.74 31.00
CA LEU H 165 30.20 14.24 30.29
C LEU H 165 29.48 13.07 29.63
N LEU H 166 28.23 12.82 30.02
CA LEU H 166 27.43 11.74 29.47
C LEU H 166 26.50 12.27 28.39
N ILE H 167 26.40 11.55 27.27
CA ILE H 167 25.58 12.05 26.17
C ILE H 167 24.78 10.90 25.59
N PHE H 168 23.46 11.06 25.54
CA PHE H 168 22.55 10.05 25.02
C PHE H 168 22.05 10.51 23.66
N ALA H 169 22.40 9.75 22.63
CA ALA H 169 22.15 10.18 21.27
C ALA H 169 21.82 8.97 20.43
N THR H 170 21.19 9.25 19.28
CA THR H 170 20.85 8.24 18.28
C THR H 170 21.30 8.81 16.94
N PRO H 171 22.32 8.22 16.32
CA PRO H 171 22.71 8.69 14.98
C PRO H 171 21.54 8.43 14.03
N GLU H 172 21.19 9.44 13.25
CA GLU H 172 20.03 9.32 12.38
C GLU H 172 20.20 8.14 11.42
N LYS H 173 19.08 7.49 11.10
CA LYS H 173 19.15 6.21 10.42
C LYS H 173 19.74 6.30 9.02
N LYS H 174 19.64 7.45 8.35
CA LYS H 174 20.32 7.62 7.09
C LYS H 174 21.36 8.74 7.15
N GLY H 175 21.97 8.94 8.33
CA GLY H 175 23.00 9.95 8.46
C GLY H 175 24.35 9.50 7.96
N LYS H 176 25.21 10.47 7.65
CA LYS H 176 26.59 10.18 7.29
C LYS H 176 27.55 10.34 8.47
N ARG H 177 27.44 11.45 9.20
CA ARG H 177 28.35 11.71 10.31
C ARG H 177 27.71 12.74 11.24
N PHE H 178 28.28 12.82 12.44
CA PHE H 178 27.95 13.89 13.35
C PHE H 178 29.21 14.15 14.18
N HIS H 179 29.21 15.25 14.93
CA HIS H 179 30.36 15.56 15.77
C HIS H 179 29.89 16.09 17.11
N ILE H 180 30.78 15.94 18.10
CA ILE H 180 30.68 16.55 19.41
C ILE H 180 31.97 17.29 19.67
N ASN H 181 31.88 18.57 20.01
CA ASN H 181 33.04 19.38 20.32
C ASN H 181 32.99 19.72 21.81
N LEU H 182 34.11 19.47 22.50
CA LEU H 182 34.32 19.91 23.87
C LEU H 182 35.30 21.08 23.84
N LEU H 183 34.84 22.25 24.29
CA LEU H 183 35.51 23.51 23.97
C LEU H 183 35.99 24.22 25.23
N LYS H 184 37.06 24.97 25.07
CA LYS H 184 37.55 25.91 26.07
C LYS H 184 37.10 27.31 25.70
N LYS H 185 37.32 28.26 26.62
CA LYS H 185 36.63 29.54 26.53
C LYS H 185 36.98 30.32 25.26
N ASN H 186 38.22 30.20 24.77
CA ASN H 186 38.62 30.98 23.59
C ASN H 186 38.19 30.36 22.27
N GLY H 187 37.19 29.47 22.25
CA GLY H 187 36.78 28.82 21.02
C GLY H 187 37.62 27.63 20.60
N ASP H 188 38.62 27.24 21.38
CA ASP H 188 39.37 26.02 21.11
C ASP H 188 38.52 24.80 21.46
N ILE H 189 38.76 23.70 20.75
CA ILE H 189 38.08 22.42 20.96
C ILE H 189 39.11 21.46 21.55
N ALA H 190 39.08 21.23 22.87
CA ALA H 190 39.97 20.23 23.46
C ALA H 190 39.76 18.86 22.83
N LEU H 191 38.51 18.49 22.56
CA LEU H 191 38.21 17.19 21.96
C LEU H 191 37.15 17.36 20.89
N HIS H 192 37.48 16.98 19.68
CA HIS H 192 36.55 16.89 18.56
C HIS H 192 36.29 15.41 18.31
N PHE H 193 35.04 15.00 18.49
CA PHE H 193 34.62 13.61 18.40
C PHE H 193 33.70 13.48 17.20
N ASN H 194 34.12 12.76 16.15
CA ASN H 194 33.52 12.87 14.83
C ASN H 194 33.27 11.49 14.21
N PRO H 195 32.16 10.83 14.57
CA PRO H 195 31.82 9.54 13.94
C PRO H 195 31.51 9.72 12.46
N ARG H 196 32.17 8.95 11.60
CA ARG H 196 31.94 9.02 10.15
C ARG H 196 31.62 7.63 9.60
N PHE H 197 30.32 7.36 9.38
CA PHE H 197 29.92 6.03 8.90
C PHE H 197 30.44 5.75 7.50
N ASP H 198 30.54 6.76 6.65
CA ASP H 198 31.09 6.59 5.31
C ASP H 198 32.57 6.22 5.34
N GLU H 199 33.27 6.47 6.44
CA GLU H 199 34.65 6.03 6.63
C GLU H 199 34.79 4.86 7.59
N LYS H 200 33.70 4.42 8.20
CA LYS H 200 33.75 3.33 9.17
C LYS H 200 34.73 3.66 10.31
N ALA H 201 34.74 4.92 10.75
CA ALA H 201 35.72 5.33 11.75
C ALA H 201 35.21 6.52 12.53
N ILE H 202 35.72 6.66 13.76
CA ILE H 202 35.47 7.82 14.61
C ILE H 202 36.76 8.64 14.69
N VAL H 203 36.72 9.81 14.09
CA VAL H 203 37.88 10.68 14.07
C VAL H 203 37.95 11.46 15.38
N ARG H 204 39.14 11.54 15.97
CA ARG H 204 39.41 12.41 17.11
C ARG H 204 40.52 13.41 16.74
N ASN H 205 40.41 14.63 17.24
CA ASN H 205 41.27 15.73 16.80
C ASN H 205 40.99 16.94 17.67
N SER H 206 41.87 17.94 17.57
CA SER H 206 41.77 19.12 18.41
C SER H 206 42.03 20.35 17.55
N LEU H 207 41.27 21.42 17.81
CA LEU H 207 41.37 22.68 17.08
C LEU H 207 42.13 23.67 17.97
N ILE H 208 43.31 24.11 17.55
CA ILE H 208 44.12 24.95 18.40
C ILE H 208 44.45 26.19 17.60
N SER H 209 43.87 27.33 18.00
CA SER H 209 44.05 28.59 17.28
C SER H 209 43.64 28.45 15.82
N GLY H 210 42.45 27.91 15.60
CA GLY H 210 41.90 27.81 14.26
C GLY H 210 42.48 26.72 13.38
N GLU H 211 43.23 25.76 13.93
CA GLU H 211 43.76 24.68 13.11
C GLU H 211 43.60 23.34 13.79
N PHE H 212 43.27 22.34 13.00
CA PHE H 212 43.15 20.97 13.47
C PHE H 212 44.52 20.30 13.47
N GLY H 213 44.71 19.40 14.44
CA GLY H 213 45.90 18.57 14.51
C GLY H 213 45.80 17.32 13.66
N ASN H 214 46.54 16.27 14.08
CA ASN H 214 46.85 15.18 13.17
C ASN H 214 45.65 14.27 12.90
N GLU H 215 44.71 14.19 13.84
CA GLU H 215 43.46 13.44 13.66
C GLU H 215 43.69 11.95 13.89
N GLU H 216 43.10 11.41 14.94
CA GLU H 216 43.33 10.03 15.35
C GLU H 216 42.07 9.21 15.07
N ARG H 217 42.20 8.09 14.33
CA ARG H 217 41.01 7.34 13.93
C ARG H 217 41.04 5.84 14.17
N GLU H 218 42.05 5.30 14.85
CA GLU H 218 42.00 3.85 15.07
C GLU H 218 40.82 3.50 15.96
N GLY H 219 40.39 2.24 15.89
CA GLY H 219 39.22 1.78 16.60
C GLY H 219 38.11 1.34 15.66
N LYS H 220 37.46 0.22 15.96
CA LYS H 220 36.29 -0.20 15.19
C LYS H 220 35.09 0.67 15.55
N ASN H 221 34.38 1.18 14.52
CA ASN H 221 33.22 2.03 14.76
C ASN H 221 32.15 1.25 15.53
N PRO H 222 31.90 1.57 16.81
CA PRO H 222 30.86 0.84 17.55
C PRO H 222 29.46 1.35 17.30
N LEU H 223 29.31 2.59 16.84
CA LEU H 223 27.98 3.14 16.58
C LEU H 223 27.34 2.46 15.39
N GLU H 224 26.00 2.59 15.30
CA GLU H 224 25.20 2.02 14.22
C GLU H 224 24.05 2.96 13.89
N LYS H 225 23.78 3.13 12.60
CA LYS H 225 22.72 4.05 12.22
C LYS H 225 21.41 3.64 12.86
N GLY H 226 20.71 4.63 13.39
CA GLY H 226 19.38 4.37 13.90
C GLY H 226 19.30 3.58 15.18
N ILE H 227 20.40 3.41 15.92
CA ILE H 227 20.31 2.78 17.24
C ILE H 227 21.00 3.69 18.26
N GLY H 228 20.39 3.77 19.43
CA GLY H 228 20.88 4.67 20.45
C GLY H 228 22.24 4.26 21.00
N CYS H 229 22.98 5.25 21.50
CA CYS H 229 24.25 4.97 22.15
C CYS H 229 24.34 5.80 23.40
N ASP H 230 25.17 5.33 24.34
CA ASP H 230 25.54 6.04 25.54
C ASP H 230 27.00 6.45 25.41
N LEU H 231 27.25 7.75 25.34
CA LEU H 231 28.59 8.26 25.11
C LEU H 231 29.07 8.91 26.39
N GLU H 232 30.18 8.41 26.92
CA GLU H 232 30.81 8.96 28.11
C GLU H 232 32.17 9.53 27.73
N PHE H 233 32.37 10.81 28.02
CA PHE H 233 33.65 11.50 27.86
C PHE H 233 34.29 11.65 29.23
N ARG H 234 35.16 10.70 29.57
CA ARG H 234 35.75 10.60 30.90
C ARG H 234 37.05 11.39 30.92
N ASN H 235 37.07 12.48 31.68
CA ASN H 235 38.24 13.35 31.73
C ASN H 235 39.13 12.93 32.90
N GLU H 236 40.30 12.40 32.57
CA GLU H 236 41.29 11.93 33.52
C GLU H 236 42.53 12.82 33.42
N GLU H 237 43.52 12.55 34.26
CA GLU H 237 44.65 13.47 34.36
C GLU H 237 45.46 13.54 33.06
N TYR H 238 45.60 12.43 32.34
CA TYR H 238 46.45 12.40 31.15
C TYR H 238 45.68 12.33 29.83
N ALA H 239 44.39 11.98 29.86
CA ALA H 239 43.69 11.76 28.60
C ALA H 239 42.20 11.76 28.85
N PHE H 240 41.44 11.91 27.76
CA PHE H 240 40.02 11.60 27.76
C PHE H 240 39.87 10.10 27.50
N GLN H 241 39.15 9.41 28.38
CA GLN H 241 38.72 8.06 28.12
C GLN H 241 37.32 8.13 27.54
N ILE H 242 37.16 7.72 26.29
CA ILE H 242 35.87 7.78 25.61
C ILE H 242 35.19 6.43 25.72
N TYR H 243 34.08 6.38 26.45
CA TYR H 243 33.30 5.16 26.57
C TYR H 243 32.08 5.26 25.67
N VAL H 244 31.79 4.16 24.97
CA VAL H 244 30.60 4.03 24.13
C VAL H 244 29.87 2.76 24.54
N ASP H 245 28.62 2.90 24.99
CA ASP H 245 27.80 1.77 25.42
C ASP H 245 28.50 0.96 26.51
N GLY H 246 29.16 1.66 27.43
CA GLY H 246 29.74 1.02 28.60
C GLY H 246 31.05 0.30 28.37
N GLU H 247 31.73 0.54 27.26
CA GLU H 247 33.04 -0.07 27.01
C GLU H 247 33.97 0.99 26.44
N ARG H 248 35.24 0.89 26.82
CA ARG H 248 36.23 1.90 26.41
C ARG H 248 36.50 1.81 24.91
N PHE H 249 36.20 2.88 24.18
CA PHE H 249 36.42 2.87 22.74
C PHE H 249 37.80 3.39 22.35
N ALA H 250 38.29 4.40 23.05
CA ALA H 250 39.53 5.07 22.69
C ALA H 250 40.00 5.87 23.90
N THR H 251 41.30 6.13 23.96
CA THR H 251 41.85 7.13 24.87
C THR H 251 42.44 8.26 24.04
N TYR H 252 42.29 9.48 24.52
CA TYR H 252 42.72 10.66 23.77
C TYR H 252 43.61 11.50 24.69
N ALA H 253 44.90 11.54 24.41
CA ALA H 253 45.83 12.31 25.23
C ALA H 253 45.50 13.79 25.14
N HIS H 254 45.57 14.47 26.28
CA HIS H 254 45.26 15.90 26.32
C HIS H 254 46.28 16.66 25.47
N ARG H 255 45.78 17.35 24.43
CA ARG H 255 46.59 18.31 23.70
C ARG H 255 46.47 19.73 24.27
N LEU H 256 45.40 20.00 25.03
CA LEU H 256 45.29 21.23 25.80
C LEU H 256 45.02 20.89 27.25
N ASP H 257 45.28 21.86 28.13
CA ASP H 257 44.98 21.79 29.55
C ASP H 257 43.59 21.19 29.76
N PRO H 258 43.48 20.01 30.40
CA PRO H 258 42.16 19.40 30.62
C PRO H 258 41.24 20.15 31.58
N HIS H 259 41.65 21.32 32.07
CA HIS H 259 40.82 22.16 32.91
C HIS H 259 40.10 23.20 32.05
N ASP H 260 39.14 23.89 32.70
CA ASP H 260 38.39 24.99 32.09
C ASP H 260 37.72 24.57 30.78
N ILE H 261 37.23 23.33 30.72
CA ILE H 261 36.49 22.86 29.57
C ILE H 261 35.03 23.20 29.83
N ASN H 262 34.56 24.29 29.23
CA ASN H 262 33.23 24.81 29.57
C ASN H 262 32.40 25.09 28.34
N GLY H 263 32.78 24.51 27.20
CA GLY H 263 32.05 24.69 25.94
C GLY H 263 31.56 23.37 25.40
N LEU H 264 30.34 23.38 24.84
CA LEU H 264 29.69 22.21 24.27
C LEU H 264 29.08 22.57 22.93
N GLN H 265 29.43 21.79 21.89
CA GLN H 265 28.73 21.83 20.62
C GLN H 265 28.39 20.42 20.16
N ILE H 266 27.22 20.28 19.54
CA ILE H 266 26.80 19.01 18.94
C ILE H 266 26.14 19.33 17.61
N GLY H 267 26.62 18.70 16.55
CA GLY H 267 26.11 18.95 15.21
C GLY H 267 26.12 17.68 14.39
N GLY H 268 25.67 17.81 13.16
CA GLY H 268 25.62 16.68 12.24
C GLY H 268 24.31 15.93 12.34
N ASP H 269 24.36 14.69 11.83
CA ASP H 269 23.16 13.89 11.59
C ASP H 269 22.89 13.03 12.82
N VAL H 270 22.36 13.67 13.87
CA VAL H 270 22.25 13.00 15.16
C VAL H 270 21.06 13.58 15.90
N GLU H 271 20.37 12.71 16.64
CA GLU H 271 19.36 13.10 17.59
C GLU H 271 19.94 12.92 18.98
N VAL H 272 19.83 13.96 19.81
CA VAL H 272 20.32 13.99 21.18
C VAL H 272 19.12 14.00 22.13
N THR H 273 19.08 13.03 23.07
CA THR H 273 17.97 12.89 24.00
C THR H 273 18.34 13.12 25.46
N GLY H 274 19.62 13.15 25.81
CA GLY H 274 20.02 13.40 27.18
C GLY H 274 21.45 13.89 27.29
N ILE H 275 21.67 14.87 28.15
CA ILE H 275 23.01 15.39 28.45
C ILE H 275 23.11 15.59 29.96
N GLN H 276 24.16 15.05 30.56
CA GLN H 276 24.36 15.27 31.98
C GLN H 276 25.85 15.29 32.30
N MET H 277 26.22 16.15 33.25
CA MET H 277 27.54 16.14 33.84
C MET H 277 27.58 15.22 35.05
N VAL H 278 28.57 14.35 35.11
CA VAL H 278 28.78 13.51 36.29
C VAL H 278 30.30 13.45 36.57
#